data_1T4I
# 
_entry.id   1T4I 
# 
_audit_conform.dict_name       mmcif_pdbx.dic 
_audit_conform.dict_version    5.386 
_audit_conform.dict_location   http://mmcif.pdb.org/dictionaries/ascii/mmcif_pdbx.dic 
# 
loop_
_database_2.database_id 
_database_2.database_code 
_database_2.pdbx_database_accession 
_database_2.pdbx_DOI 
PDB   1T4I         pdb_00001t4i 10.2210/pdb1t4i/pdb 
NDB   UD0055       ?            ?                   
RCSB  RCSB022301   ?            ?                   
WWPDB D_1000022301 ?            ?                   
# 
loop_
_pdbx_audit_revision_history.ordinal 
_pdbx_audit_revision_history.data_content_type 
_pdbx_audit_revision_history.major_revision 
_pdbx_audit_revision_history.minor_revision 
_pdbx_audit_revision_history.revision_date 
1 'Structure model' 1 0 2004-05-25 
2 'Structure model' 1 1 2008-04-30 
3 'Structure model' 1 2 2011-07-13 
4 'Structure model' 1 3 2024-02-14 
# 
_pdbx_audit_revision_details.ordinal             1 
_pdbx_audit_revision_details.revision_ordinal    1 
_pdbx_audit_revision_details.data_content_type   'Structure model' 
_pdbx_audit_revision_details.provider            repository 
_pdbx_audit_revision_details.type                'Initial release' 
_pdbx_audit_revision_details.description         ? 
_pdbx_audit_revision_details.details             ? 
# 
loop_
_pdbx_audit_revision_group.ordinal 
_pdbx_audit_revision_group.revision_ordinal 
_pdbx_audit_revision_group.data_content_type 
_pdbx_audit_revision_group.group 
1 2 'Structure model' 'Version format compliance' 
2 3 'Structure model' 'Version format compliance' 
3 4 'Structure model' 'Data collection'           
4 4 'Structure model' 'Database references'       
# 
loop_
_pdbx_audit_revision_category.ordinal 
_pdbx_audit_revision_category.revision_ordinal 
_pdbx_audit_revision_category.data_content_type 
_pdbx_audit_revision_category.category 
1 4 'Structure model' chem_comp_atom 
2 4 'Structure model' chem_comp_bond 
3 4 'Structure model' database_2     
# 
loop_
_pdbx_audit_revision_item.ordinal 
_pdbx_audit_revision_item.revision_ordinal 
_pdbx_audit_revision_item.data_content_type 
_pdbx_audit_revision_item.item 
1 4 'Structure model' '_database_2.pdbx_DOI'                
2 4 'Structure model' '_database_2.pdbx_database_accession' 
# 
_pdbx_database_status.status_code                     REL 
_pdbx_database_status.entry_id                        1T4I 
_pdbx_database_status.recvd_initial_deposition_date   2004-04-29 
_pdbx_database_status.deposit_site                    RCSB 
_pdbx_database_status.process_site                    RCSB 
_pdbx_database_status.SG_entry                        . 
_pdbx_database_status.pdb_format_compatible           Y 
_pdbx_database_status.status_code_mr                  ? 
_pdbx_database_status.status_code_sf                  ? 
_pdbx_database_status.status_code_cs                  ? 
_pdbx_database_status.status_code_nmr_data            ? 
_pdbx_database_status.methods_development_category    ? 
# 
loop_
_audit_author.name 
_audit_author.pdbx_ordinal 
'Park, H.'     1 
'Zhang, K.'    2 
'Ren, Y.'      3 
'Nadji, S.'    4 
'Sinha, N.'    5 
'Taylor, J.S.' 6 
'Kang, C.'     7 
# 
_citation.id                        primary 
_citation.title                     'Crystal Structure of a DNA Decamer Containing a cis-syn Thymine-dimer' 
_citation.journal_abbrev            Proc.Natl.Acad.Sci.USA 
_citation.journal_volume            99 
_citation.page_first                15965 
_citation.page_last                 15970 
_citation.year                      2002 
_citation.journal_id_ASTM           PNASA6 
_citation.country                   US 
_citation.journal_id_ISSN           0027-8424 
_citation.journal_id_CSD            0040 
_citation.book_publisher            ? 
_citation.pdbx_database_id_PubMed   12456887 
_citation.pdbx_database_id_DOI      10.1073/pnas.242422699 
# 
loop_
_citation_author.citation_id 
_citation_author.name 
_citation_author.ordinal 
_citation_author.identifier_ORCID 
primary 'Park, H.'     1 ? 
primary 'Zhang, K.'    2 ? 
primary 'Ren, Y.'      3 ? 
primary 'Nadji, S.'    4 ? 
primary 'Sinha, N.'    5 ? 
primary 'Taylor, J.S.' 6 ? 
primary 'Kang, C.'     7 ? 
# 
loop_
_entity.id 
_entity.type 
_entity.src_method 
_entity.pdbx_description 
_entity.formula_weight 
_entity.pdbx_number_of_molecules 
_entity.pdbx_ec 
_entity.pdbx_mutation 
_entity.pdbx_fragment 
_entity.details 
1 polymer syn "5'-D(*GP*CP*TP*TP*AP*AP*TP*TP*CP*G)-3'" 3035.003 2  ? ? ? ? 
2 polymer syn "5'-D(*CP*GP*AP*AP*TP*TP*AP*AP*GP*C)-3'" 3053.031 2  ? ? ? ? 
3 water   nat water                                    18.015   56 ? ? ? ? 
# 
loop_
_entity_poly.entity_id 
_entity_poly.type 
_entity_poly.nstd_linkage 
_entity_poly.nstd_monomer 
_entity_poly.pdbx_seq_one_letter_code 
_entity_poly.pdbx_seq_one_letter_code_can 
_entity_poly.pdbx_strand_id 
_entity_poly.pdbx_target_identifier 
1 polydeoxyribonucleotide no no '(DG)(DC)(DT)(DT)(DA)(DA)(DT)(DT)(DC)(DG)' GCTTAATTCG A,C ? 
2 polydeoxyribonucleotide no no '(DC)(DG)(DA)(DA)(DT)(DT)(DA)(DA)(DG)(DC)' CGAATTAAGC B,D ? 
# 
_pdbx_entity_nonpoly.entity_id   3 
_pdbx_entity_nonpoly.name        water 
_pdbx_entity_nonpoly.comp_id     HOH 
# 
loop_
_entity_poly_seq.entity_id 
_entity_poly_seq.num 
_entity_poly_seq.mon_id 
_entity_poly_seq.hetero 
1 1  DG n 
1 2  DC n 
1 3  DT n 
1 4  DT n 
1 5  DA n 
1 6  DA n 
1 7  DT n 
1 8  DT n 
1 9  DC n 
1 10 DG n 
2 1  DC n 
2 2  DG n 
2 3  DA n 
2 4  DA n 
2 5  DT n 
2 6  DT n 
2 7  DA n 
2 8  DA n 
2 9  DG n 
2 10 DC n 
# 
loop_
_chem_comp.id 
_chem_comp.type 
_chem_comp.mon_nstd_flag 
_chem_comp.name 
_chem_comp.pdbx_synonyms 
_chem_comp.formula 
_chem_comp.formula_weight 
DA  'DNA linking' y "2'-DEOXYADENOSINE-5'-MONOPHOSPHATE" ? 'C10 H14 N5 O6 P' 331.222 
DC  'DNA linking' y "2'-DEOXYCYTIDINE-5'-MONOPHOSPHATE"  ? 'C9 H14 N3 O7 P'  307.197 
DG  'DNA linking' y "2'-DEOXYGUANOSINE-5'-MONOPHOSPHATE" ? 'C10 H14 N5 O7 P' 347.221 
DT  'DNA linking' y "THYMIDINE-5'-MONOPHOSPHATE"         ? 'C10 H15 N2 O8 P' 322.208 
HOH non-polymer   . WATER                                ? 'H2 O'            18.015  
# 
loop_
_pdbx_poly_seq_scheme.asym_id 
_pdbx_poly_seq_scheme.entity_id 
_pdbx_poly_seq_scheme.seq_id 
_pdbx_poly_seq_scheme.mon_id 
_pdbx_poly_seq_scheme.ndb_seq_num 
_pdbx_poly_seq_scheme.pdb_seq_num 
_pdbx_poly_seq_scheme.auth_seq_num 
_pdbx_poly_seq_scheme.pdb_mon_id 
_pdbx_poly_seq_scheme.auth_mon_id 
_pdbx_poly_seq_scheme.pdb_strand_id 
_pdbx_poly_seq_scheme.pdb_ins_code 
_pdbx_poly_seq_scheme.hetero 
A 1 1  DG 1  1  1  DG G A . n 
A 1 2  DC 2  2  2  DC C A . n 
A 1 3  DT 3  3  3  DT T A . n 
A 1 4  DT 4  4  4  DT T A . n 
A 1 5  DA 5  5  5  DA A A . n 
A 1 6  DA 6  6  6  DA A A . n 
A 1 7  DT 7  7  7  DT T A . n 
A 1 8  DT 8  8  8  DT T A . n 
A 1 9  DC 9  9  9  DC C A . n 
A 1 10 DG 10 10 10 DG G A . n 
B 2 1  DC 1  1  1  DC C B . n 
B 2 2  DG 2  2  2  DG G B . n 
B 2 3  DA 3  3  3  DA A B . n 
B 2 4  DA 4  4  4  DA A B . n 
B 2 5  DT 5  5  5  DT T B . n 
B 2 6  DT 6  6  6  DT T B . n 
B 2 7  DA 7  7  7  DA A B . n 
B 2 8  DA 8  8  8  DA A B . n 
B 2 9  DG 9  9  9  DG G B . n 
B 2 10 DC 10 10 10 DC C B . n 
C 1 1  DG 1  1  1  DG G C . n 
C 1 2  DC 2  2  2  DC C C . n 
C 1 3  DT 3  3  3  DT T C . n 
C 1 4  DT 4  4  4  DT T C . n 
C 1 5  DA 5  5  5  DA A C . n 
C 1 6  DA 6  6  6  DA A C . n 
C 1 7  DT 7  7  7  DT T C . n 
C 1 8  DT 8  8  8  DT T C . n 
C 1 9  DC 9  9  9  DC C C . n 
C 1 10 DG 10 10 10 DG G C . n 
D 2 1  DC 1  1  1  DC C D . n 
D 2 2  DG 2  2  2  DG G D . n 
D 2 3  DA 3  3  3  DA A D . n 
D 2 4  DA 4  4  4  DA A D . n 
D 2 5  DT 5  5  5  DT T D . n 
D 2 6  DT 6  6  6  DT T D . n 
D 2 7  DA 7  7  7  DA A D . n 
D 2 8  DA 8  8  8  DA A D . n 
D 2 9  DG 9  9  9  DG G D . n 
D 2 10 DC 10 10 10 DC C D . n 
# 
loop_
_pdbx_nonpoly_scheme.asym_id 
_pdbx_nonpoly_scheme.entity_id 
_pdbx_nonpoly_scheme.mon_id 
_pdbx_nonpoly_scheme.ndb_seq_num 
_pdbx_nonpoly_scheme.pdb_seq_num 
_pdbx_nonpoly_scheme.auth_seq_num 
_pdbx_nonpoly_scheme.pdb_mon_id 
_pdbx_nonpoly_scheme.auth_mon_id 
_pdbx_nonpoly_scheme.pdb_strand_id 
_pdbx_nonpoly_scheme.pdb_ins_code 
E 3 HOH 1  124  124  HOH HOH A . 
E 3 HOH 2  129  129  HOH HOH A . 
E 3 HOH 3  222  222  HOH HOH A . 
E 3 HOH 4  311  311  HOH HOH A . 
E 3 HOH 5  416  416  HOH HOH A . 
E 3 HOH 6  537  537  HOH HOH A . 
E 3 HOH 7  540  540  HOH HOH A . 
E 3 HOH 8  730  730  HOH HOH A . 
E 3 HOH 9  732  732  HOH HOH A . 
E 3 HOH 10 929  929  HOH HOH A . 
E 3 HOH 11 956  956  HOH HOH A . 
E 3 HOH 12 960  960  HOH HOH A . 
E 3 HOH 13 1035 1035 HOH HOH A . 
E 3 HOH 14 1159 1159 HOH HOH A . 
E 3 HOH 15 1479 1479 HOH HOH A . 
E 3 HOH 16 1574 1574 HOH HOH A . 
E 3 HOH 17 1612 1612 HOH HOH A . 
E 3 HOH 18 1613 1613 HOH HOH A . 
F 3 HOH 1  227  227  HOH HOH B . 
F 3 HOH 2  415  415  HOH HOH B . 
F 3 HOH 3  925  925  HOH HOH B . 
F 3 HOH 4  936  936  HOH HOH B . 
F 3 HOH 5  1050 1050 HOH HOH B . 
F 3 HOH 6  1261 1261 HOH HOH B . 
F 3 HOH 7  1487 1487 HOH HOH B . 
F 3 HOH 8  1606 1606 HOH HOH B . 
F 3 HOH 9  1610 1612 HOH HOH B . 
F 3 HOH 10 1664 1664 HOH HOH B . 
G 3 HOH 1  123  123  HOH HOH C . 
G 3 HOH 2  203  203  HOH HOH C . 
G 3 HOH 3  210  210  HOH HOH C . 
G 3 HOH 4  539  539  HOH HOH C . 
G 3 HOH 5  657  657  HOH HOH C . 
G 3 HOH 6  754  754  HOH HOH C . 
G 3 HOH 7  758  758  HOH HOH C . 
G 3 HOH 8  931  931  HOH HOH C . 
G 3 HOH 9  945  945  HOH HOH C . 
G 3 HOH 10 957  957  HOH HOH C . 
G 3 HOH 11 1475 1475 HOH HOH C . 
G 3 HOH 12 1490 1490 HOH HOH C . 
G 3 HOH 13 1501 1501 HOH HOH C . 
H 3 HOH 1  133  133  HOH HOH D . 
H 3 HOH 2  141  141  HOH HOH D . 
H 3 HOH 3  209  209  HOH HOH D . 
H 3 HOH 4  316  316  HOH HOH D . 
H 3 HOH 5  527  527  HOH HOH D . 
H 3 HOH 6  538  538  HOH HOH D . 
H 3 HOH 7  722  722  HOH HOH D . 
H 3 HOH 8  928  928  HOH HOH D . 
H 3 HOH 9  949  949  HOH HOH D . 
H 3 HOH 10 951  951  HOH HOH D . 
H 3 HOH 11 1253 1253 HOH HOH D . 
H 3 HOH 12 1482 1482 HOH HOH D . 
H 3 HOH 13 1567 1567 HOH HOH D . 
H 3 HOH 14 1607 1607 HOH HOH D . 
H 3 HOH 15 1614 1614 HOH HOH D . 
# 
loop_
_software.name 
_software.classification 
_software.version 
_software.citation_id 
_software.pdbx_ordinal 
DENZO     'data reduction' .     ? 1 
SCALEPACK 'data scaling'   .     ? 2 
X-PLOR    'model building' .     ? 3 
X-PLOR    refinement       3.851 ? 4 
X-PLOR    phasing          .     ? 5 
# 
_cell.entry_id           1T4I 
_cell.length_a           21.11 
_cell.length_b           54.01 
_cell.length_c           74.19 
_cell.angle_alpha        90 
_cell.angle_beta         90 
_cell.angle_gamma        90 
_cell.pdbx_unique_axis   ? 
_cell.Z_PDB              8 
# 
_symmetry.entry_id                         1T4I 
_symmetry.space_group_name_H-M             'P 21 21 21' 
_symmetry.pdbx_full_space_group_name_H-M   ? 
_symmetry.Int_Tables_number                19 
_symmetry.cell_setting                     ? 
# 
_exptl.entry_id          1T4I 
_exptl.method            'X-RAY DIFFRACTION' 
_exptl.crystals_number   1 
# 
_exptl_crystal.id                    1 
_exptl_crystal.density_meas          ? 
_exptl_crystal.density_percent_sol   ? 
_exptl_crystal.description           ? 
_exptl_crystal.density_Matthews      ? 
# 
_exptl_crystal_grow.crystal_id      1 
_exptl_crystal_grow.method          'VAPOR DIFFUSION, HANGING DROP' 
_exptl_crystal_grow.temp            277 
_exptl_crystal_grow.temp_details    ? 
_exptl_crystal_grow.pH              7.5 
_exptl_crystal_grow.pdbx_details    'MgCl2, HEPES-Na, PEG 400, pH 7.5, VAPOR DIFFUSION, HANGING DROP, temperature 277K' 
_exptl_crystal_grow.pdbx_pH_range   . 
# 
loop_
_exptl_crystal_grow_comp.crystal_id 
_exptl_crystal_grow_comp.id 
_exptl_crystal_grow_comp.sol_id 
_exptl_crystal_grow_comp.name 
_exptl_crystal_grow_comp.volume 
_exptl_crystal_grow_comp.conc 
_exptl_crystal_grow_comp.details 
1 1 1 MgCl2     ? ? ? 
1 2 1 HEPES-Na  ? ? ? 
1 3 1 'PEG 400' ? ? ? 
1 4 1 H2O       ? ? ? 
1 5 2 MgCl2     ? ? ? 
1 6 2 'PEG 400' ? ? ? 
1 7 2 H2O       ? ? ? 
# 
_diffrn.id                     1 
_diffrn.ambient_temp           100 
_diffrn.ambient_temp_details   ? 
_diffrn.crystal_id             1 
# 
_diffrn_detector.diffrn_id              1 
_diffrn_detector.detector               'IMAGE PLATE' 
_diffrn_detector.type                   'RIGAKU RAXIS IIC' 
_diffrn_detector.pdbx_collection_date   1999-01-01 
_diffrn_detector.details                mirror 
# 
_diffrn_radiation.diffrn_id                        1 
_diffrn_radiation.wavelength_id                    1 
_diffrn_radiation.pdbx_monochromatic_or_laue_m_l   M 
_diffrn_radiation.monochromator                    'Ni Filter' 
_diffrn_radiation.pdbx_diffrn_protocol             'SINGLE WAVELENGTH' 
_diffrn_radiation.pdbx_scattering_type             x-ray 
# 
_diffrn_radiation_wavelength.id           1 
_diffrn_radiation_wavelength.wavelength   1.5418 
_diffrn_radiation_wavelength.wt           1.0 
# 
_diffrn_source.diffrn_id                   1 
_diffrn_source.source                      'ROTATING ANODE' 
_diffrn_source.type                        RIGAKU 
_diffrn_source.pdbx_synchrotron_site       ? 
_diffrn_source.pdbx_synchrotron_beamline   ? 
_diffrn_source.pdbx_wavelength             ? 
_diffrn_source.pdbx_wavelength_list        1.5418 
# 
_reflns.entry_id                     1T4I 
_reflns.observed_criterion_sigma_F   1 
_reflns.observed_criterion_sigma_I   1 
_reflns.d_resolution_high            2.3 
_reflns.d_resolution_low             20 
_reflns.number_all                   5775 
_reflns.number_obs                   4616 
_reflns.percent_possible_obs         88.6 
_reflns.pdbx_Rmerge_I_obs            ? 
_reflns.pdbx_Rsym_value              ? 
_reflns.pdbx_netI_over_sigmaI        ? 
_reflns.B_iso_Wilson_estimate        ? 
_reflns.pdbx_redundancy              ? 
_reflns.R_free_details               ? 
_reflns.pdbx_diffrn_id               1 
_reflns.pdbx_ordinal                 1 
# 
_reflns_shell.d_res_high             2.3 
_reflns_shell.d_res_low              2.39 
_reflns_shell.percent_possible_all   76.4 
_reflns_shell.Rmerge_I_obs           ? 
_reflns_shell.pdbx_Rsym_value        ? 
_reflns_shell.meanI_over_sigI_obs    ? 
_reflns_shell.pdbx_redundancy        ? 
_reflns_shell.percent_possible_obs   ? 
_reflns_shell.number_unique_all      ? 
_reflns_shell.pdbx_diffrn_id         ? 
_reflns_shell.pdbx_ordinal           1 
# 
_refine.entry_id                                 1T4I 
_refine.ls_d_res_high                            2.5 
_refine.ls_d_res_low                             10 
_refine.pdbx_ls_sigma_F                          2.3 
_refine.pdbx_ls_sigma_I                          ? 
_refine.ls_number_reflns_all                     3220 
_refine.ls_number_reflns_obs                     2061 
_refine.ls_number_reflns_R_free                  159 
_refine.ls_percent_reflns_obs                    ? 
_refine.ls_R_factor_all                          ? 
_refine.ls_R_factor_obs                          ? 
_refine.ls_R_factor_R_work                       0.197 
_refine.ls_R_factor_R_free                       0.255 
_refine.ls_redundancy_reflns_obs                 ? 
_refine.pdbx_data_cutoff_high_absF               ? 
_refine.pdbx_data_cutoff_low_absF                ? 
_refine.ls_number_parameters                     ? 
_refine.ls_number_restraints                     ? 
_refine.ls_percent_reflns_R_free                 ? 
_refine.ls_R_factor_R_free_error                 ? 
_refine.ls_R_factor_R_free_error_details         ? 
_refine.pdbx_method_to_determine_struct          'MOLECULAR REPLACEMENT' 
_refine.pdbx_starting_model                      ? 
_refine.pdbx_ls_cross_valid_method               ? 
_refine.pdbx_R_Free_selection_details            'random  5%' 
_refine.pdbx_stereochem_target_val_spec_case     ? 
_refine.pdbx_stereochemistry_target_values       ? 
_refine.solvent_model_details                    ? 
_refine.solvent_model_param_bsol                 ? 
_refine.solvent_model_param_ksol                 ? 
_refine.occupancy_max                            ? 
_refine.occupancy_min                            ? 
_refine.pdbx_isotropic_thermal_model             ? 
_refine.B_iso_mean                               ? 
_refine.aniso_B[1][1]                            ? 
_refine.aniso_B[1][2]                            ? 
_refine.aniso_B[1][3]                            ? 
_refine.aniso_B[2][2]                            ? 
_refine.aniso_B[2][3]                            ? 
_refine.aniso_B[3][3]                            ? 
_refine.details                                  ? 
_refine.correlation_coeff_Fo_to_Fc               ? 
_refine.correlation_coeff_Fo_to_Fc_free          ? 
_refine.pdbx_solvent_vdw_probe_radii             ? 
_refine.pdbx_solvent_ion_probe_radii             ? 
_refine.pdbx_solvent_shrinkage_radii             ? 
_refine.overall_SU_R_Cruickshank_DPI             ? 
_refine.overall_SU_R_free                        ? 
_refine.overall_SU_B                             ? 
_refine.overall_SU_ML                            ? 
_refine.pdbx_overall_ESU_R                       ? 
_refine.pdbx_overall_ESU_R_Free                  ? 
_refine.pdbx_data_cutoff_high_rms_absF           ? 
_refine.pdbx_refine_id                           'X-RAY DIFFRACTION' 
_refine.pdbx_diffrn_id                           1 
_refine.pdbx_TLS_residual_ADP_flag               ? 
_refine.pdbx_overall_phase_error                 ? 
_refine.pdbx_overall_SU_R_free_Cruickshank_DPI   ? 
_refine.pdbx_overall_SU_R_Blow_DPI               ? 
_refine.pdbx_overall_SU_R_free_Blow_DPI          ? 
# 
_refine_hist.pdbx_refine_id                   'X-RAY DIFFRACTION' 
_refine_hist.cycle_id                         LAST 
_refine_hist.pdbx_number_atoms_protein        0 
_refine_hist.pdbx_number_atoms_nucleic_acid   808 
_refine_hist.pdbx_number_atoms_ligand         0 
_refine_hist.number_atoms_solvent             56 
_refine_hist.number_atoms_total               864 
_refine_hist.d_res_high                       2.5 
_refine_hist.d_res_low                        10 
# 
_refine_ls_shell.pdbx_total_number_of_bins_used   ? 
_refine_ls_shell.d_res_high                       2.5 
_refine_ls_shell.d_res_low                        2.61 
_refine_ls_shell.number_reflns_R_work             ? 
_refine_ls_shell.R_factor_R_work                  0.252 
_refine_ls_shell.percent_reflns_obs               ? 
_refine_ls_shell.R_factor_R_free                  0.302 
_refine_ls_shell.R_factor_R_free_error            ? 
_refine_ls_shell.percent_reflns_R_free            ? 
_refine_ls_shell.number_reflns_R_free             14 
_refine_ls_shell.redundancy_reflns_obs            ? 
_refine_ls_shell.pdbx_refine_id                   'X-RAY DIFFRACTION' 
_refine_ls_shell.number_reflns_all                ? 
_refine_ls_shell.R_factor_all                     ? 
# 
_struct.entry_id                  1T4I 
_struct.title                     'Crystal Structure of a DNA Decamer Containing a Thymine-dimer' 
_struct.pdbx_model_details        ? 
_struct.pdbx_CASP_flag            ? 
_struct.pdbx_model_type_details   ? 
# 
_struct_keywords.entry_id        1T4I 
_struct_keywords.pdbx_keywords   DNA 
_struct_keywords.text            'UV-damaged DNA, Thymine dimer, DNA decamer, DNA' 
# 
loop_
_struct_asym.id 
_struct_asym.pdbx_blank_PDB_chainid_flag 
_struct_asym.pdbx_modified 
_struct_asym.entity_id 
_struct_asym.details 
A N N 1 ? 
B N N 2 ? 
C N N 1 ? 
D N N 2 ? 
E N N 3 ? 
F N N 3 ? 
G N N 3 ? 
H N N 3 ? 
# 
loop_
_struct_ref.id 
_struct_ref.entity_id 
_struct_ref.db_name 
_struct_ref.db_code 
_struct_ref.pdbx_db_accession 
_struct_ref.pdbx_db_isoform 
_struct_ref.pdbx_seq_one_letter_code 
_struct_ref.pdbx_align_begin 
1 1 PDB 1T4I 1T4I ? ? ? 
2 2 PDB 1T4I 1T4I ? ? ? 
# 
loop_
_struct_ref_seq.align_id 
_struct_ref_seq.ref_id 
_struct_ref_seq.pdbx_PDB_id_code 
_struct_ref_seq.pdbx_strand_id 
_struct_ref_seq.seq_align_beg 
_struct_ref_seq.pdbx_seq_align_beg_ins_code 
_struct_ref_seq.seq_align_end 
_struct_ref_seq.pdbx_seq_align_end_ins_code 
_struct_ref_seq.pdbx_db_accession 
_struct_ref_seq.db_align_beg 
_struct_ref_seq.pdbx_db_align_beg_ins_code 
_struct_ref_seq.db_align_end 
_struct_ref_seq.pdbx_db_align_end_ins_code 
_struct_ref_seq.pdbx_auth_seq_align_beg 
_struct_ref_seq.pdbx_auth_seq_align_end 
1 1 1T4I A 1 ? 10 ? 1T4I 1 ? 10 ? 1 10 
2 2 1T4I B 1 ? 10 ? 1T4I 1 ? 10 ? 1 10 
3 1 1T4I C 1 ? 10 ? 1T4I 1 ? 10 ? 1 10 
4 2 1T4I D 1 ? 10 ? 1T4I 1 ? 10 ? 1 10 
# 
loop_
_pdbx_struct_assembly.id 
_pdbx_struct_assembly.details 
_pdbx_struct_assembly.method_details 
_pdbx_struct_assembly.oligomeric_details 
_pdbx_struct_assembly.oligomeric_count 
1 author_defined_assembly ? dimeric 2 
2 author_defined_assembly ? dimeric 2 
# 
loop_
_pdbx_struct_assembly_gen.assembly_id 
_pdbx_struct_assembly_gen.oper_expression 
_pdbx_struct_assembly_gen.asym_id_list 
1 1 A,B,E,F 
2 1 C,D,G,H 
# 
_pdbx_struct_oper_list.id                   1 
_pdbx_struct_oper_list.type                 'identity operation' 
_pdbx_struct_oper_list.name                 1_555 
_pdbx_struct_oper_list.symmetry_operation   x,y,z 
_pdbx_struct_oper_list.matrix[1][1]         1.0000000000 
_pdbx_struct_oper_list.matrix[1][2]         0.0000000000 
_pdbx_struct_oper_list.matrix[1][3]         0.0000000000 
_pdbx_struct_oper_list.vector[1]            0.0000000000 
_pdbx_struct_oper_list.matrix[2][1]         0.0000000000 
_pdbx_struct_oper_list.matrix[2][2]         1.0000000000 
_pdbx_struct_oper_list.matrix[2][3]         0.0000000000 
_pdbx_struct_oper_list.vector[2]            0.0000000000 
_pdbx_struct_oper_list.matrix[3][1]         0.0000000000 
_pdbx_struct_oper_list.matrix[3][2]         0.0000000000 
_pdbx_struct_oper_list.matrix[3][3]         1.0000000000 
_pdbx_struct_oper_list.vector[3]            0.0000000000 
# 
loop_
_struct_biol.id 
_struct_biol.pdbx_parent_biol_id 
_struct_biol.details 
1 ? ? 
2 ? ? 
# 
loop_
_struct_conn.id 
_struct_conn.conn_type_id 
_struct_conn.pdbx_leaving_atom_flag 
_struct_conn.pdbx_PDB_id 
_struct_conn.ptnr1_label_asym_id 
_struct_conn.ptnr1_label_comp_id 
_struct_conn.ptnr1_label_seq_id 
_struct_conn.ptnr1_label_atom_id 
_struct_conn.pdbx_ptnr1_label_alt_id 
_struct_conn.pdbx_ptnr1_PDB_ins_code 
_struct_conn.pdbx_ptnr1_standard_comp_id 
_struct_conn.ptnr1_symmetry 
_struct_conn.ptnr2_label_asym_id 
_struct_conn.ptnr2_label_comp_id 
_struct_conn.ptnr2_label_seq_id 
_struct_conn.ptnr2_label_atom_id 
_struct_conn.pdbx_ptnr2_label_alt_id 
_struct_conn.pdbx_ptnr2_PDB_ins_code 
_struct_conn.ptnr1_auth_asym_id 
_struct_conn.ptnr1_auth_comp_id 
_struct_conn.ptnr1_auth_seq_id 
_struct_conn.ptnr2_auth_asym_id 
_struct_conn.ptnr2_auth_comp_id 
_struct_conn.ptnr2_auth_seq_id 
_struct_conn.ptnr2_symmetry 
_struct_conn.pdbx_ptnr3_label_atom_id 
_struct_conn.pdbx_ptnr3_label_seq_id 
_struct_conn.pdbx_ptnr3_label_comp_id 
_struct_conn.pdbx_ptnr3_label_asym_id 
_struct_conn.pdbx_ptnr3_label_alt_id 
_struct_conn.pdbx_ptnr3_PDB_ins_code 
_struct_conn.details 
_struct_conn.pdbx_dist_value 
_struct_conn.pdbx_value_order 
_struct_conn.pdbx_role 
hydrog1  hydrog ? ? A DG 1  N1 ? ? ? 1_555 B DC 10 N3 ? ? A DG 1  B DC 10 1_555 ? ? ? ? ? ? WATSON-CRICK ? ? ? 
hydrog2  hydrog ? ? A DG 1  N2 ? ? ? 1_555 B DC 10 O2 ? ? A DG 1  B DC 10 1_555 ? ? ? ? ? ? WATSON-CRICK ? ? ? 
hydrog3  hydrog ? ? A DG 1  O6 ? ? ? 1_555 B DC 10 N4 ? ? A DG 1  B DC 10 1_555 ? ? ? ? ? ? WATSON-CRICK ? ? ? 
hydrog4  hydrog ? ? A DC 2  N3 ? ? ? 1_555 B DG 9  N1 ? ? A DC 2  B DG 9  1_555 ? ? ? ? ? ? WATSON-CRICK ? ? ? 
hydrog5  hydrog ? ? A DC 2  N4 ? ? ? 1_555 B DG 9  O6 ? ? A DC 2  B DG 9  1_555 ? ? ? ? ? ? WATSON-CRICK ? ? ? 
hydrog6  hydrog ? ? A DC 2  O2 ? ? ? 1_555 B DG 9  N2 ? ? A DC 2  B DG 9  1_555 ? ? ? ? ? ? WATSON-CRICK ? ? ? 
hydrog7  hydrog ? ? A DT 3  N3 ? ? ? 1_555 B DA 8  N1 ? ? A DT 3  B DA 8  1_555 ? ? ? ? ? ? WATSON-CRICK ? ? ? 
hydrog8  hydrog ? ? A DT 3  O4 ? ? ? 1_555 B DA 8  N6 ? ? A DT 3  B DA 8  1_555 ? ? ? ? ? ? WATSON-CRICK ? ? ? 
hydrog9  hydrog ? ? A DT 4  N3 ? ? ? 1_555 B DA 7  N1 ? ? A DT 4  B DA 7  1_555 ? ? ? ? ? ? WATSON-CRICK ? ? ? 
hydrog10 hydrog ? ? A DT 4  O4 ? ? ? 1_555 B DA 7  N6 ? ? A DT 4  B DA 7  1_555 ? ? ? ? ? ? WATSON-CRICK ? ? ? 
hydrog11 hydrog ? ? A DA 5  N1 ? ? ? 1_555 B DT 6  N3 ? ? A DA 5  B DT 6  1_555 ? ? ? ? ? ? WATSON-CRICK ? ? ? 
hydrog12 hydrog ? ? A DA 5  N6 ? ? ? 1_555 B DT 6  O4 ? ? A DA 5  B DT 6  1_555 ? ? ? ? ? ? WATSON-CRICK ? ? ? 
hydrog13 hydrog ? ? A DA 6  N1 ? ? ? 1_555 B DT 5  N3 ? ? A DA 6  B DT 5  1_555 ? ? ? ? ? ? WATSON-CRICK ? ? ? 
hydrog14 hydrog ? ? A DA 6  N6 ? ? ? 1_555 B DT 5  O4 ? ? A DA 6  B DT 5  1_555 ? ? ? ? ? ? WATSON-CRICK ? ? ? 
hydrog15 hydrog ? ? A DT 7  N3 ? ? ? 1_555 B DA 4  N1 ? ? A DT 7  B DA 4  1_555 ? ? ? ? ? ? WATSON-CRICK ? ? ? 
hydrog16 hydrog ? ? A DT 7  O4 ? ? ? 1_555 B DA 4  N6 ? ? A DT 7  B DA 4  1_555 ? ? ? ? ? ? WATSON-CRICK ? ? ? 
hydrog17 hydrog ? ? A DT 8  N3 ? ? ? 1_555 B DA 3  N1 ? ? A DT 8  B DA 3  1_555 ? ? ? ? ? ? WATSON-CRICK ? ? ? 
hydrog18 hydrog ? ? A DT 8  O4 ? ? ? 1_555 B DA 3  N6 ? ? A DT 8  B DA 3  1_555 ? ? ? ? ? ? WATSON-CRICK ? ? ? 
hydrog19 hydrog ? ? A DC 9  N3 ? ? ? 1_555 B DG 2  N1 ? ? A DC 9  B DG 2  1_555 ? ? ? ? ? ? WATSON-CRICK ? ? ? 
hydrog20 hydrog ? ? A DC 9  N4 ? ? ? 1_555 B DG 2  O6 ? ? A DC 9  B DG 2  1_555 ? ? ? ? ? ? WATSON-CRICK ? ? ? 
hydrog21 hydrog ? ? A DC 9  O2 ? ? ? 1_555 B DG 2  N2 ? ? A DC 9  B DG 2  1_555 ? ? ? ? ? ? WATSON-CRICK ? ? ? 
hydrog22 hydrog ? ? A DG 10 N1 ? ? ? 1_555 B DC 1  N3 ? ? A DG 10 B DC 1  1_555 ? ? ? ? ? ? WATSON-CRICK ? ? ? 
hydrog23 hydrog ? ? A DG 10 N2 ? ? ? 1_555 B DC 1  O2 ? ? A DG 10 B DC 1  1_555 ? ? ? ? ? ? WATSON-CRICK ? ? ? 
hydrog24 hydrog ? ? A DG 10 O6 ? ? ? 1_555 B DC 1  N4 ? ? A DG 10 B DC 1  1_555 ? ? ? ? ? ? WATSON-CRICK ? ? ? 
hydrog25 hydrog ? ? C DG 1  N1 ? ? ? 1_555 D DC 10 N3 ? ? C DG 1  D DC 10 1_555 ? ? ? ? ? ? WATSON-CRICK ? ? ? 
hydrog26 hydrog ? ? C DG 1  N2 ? ? ? 1_555 D DC 10 O2 ? ? C DG 1  D DC 10 1_555 ? ? ? ? ? ? WATSON-CRICK ? ? ? 
hydrog27 hydrog ? ? C DG 1  O6 ? ? ? 1_555 D DC 10 N4 ? ? C DG 1  D DC 10 1_555 ? ? ? ? ? ? WATSON-CRICK ? ? ? 
hydrog28 hydrog ? ? C DC 2  N3 ? ? ? 1_555 D DG 9  N1 ? ? C DC 2  D DG 9  1_555 ? ? ? ? ? ? WATSON-CRICK ? ? ? 
hydrog29 hydrog ? ? C DC 2  N4 ? ? ? 1_555 D DG 9  O6 ? ? C DC 2  D DG 9  1_555 ? ? ? ? ? ? WATSON-CRICK ? ? ? 
hydrog30 hydrog ? ? C DC 2  O2 ? ? ? 1_555 D DG 9  N2 ? ? C DC 2  D DG 9  1_555 ? ? ? ? ? ? WATSON-CRICK ? ? ? 
hydrog31 hydrog ? ? C DT 3  N3 ? ? ? 1_555 D DA 8  N1 ? ? C DT 3  D DA 8  1_555 ? ? ? ? ? ? WATSON-CRICK ? ? ? 
hydrog32 hydrog ? ? C DT 3  O4 ? ? ? 1_555 D DA 8  N6 ? ? C DT 3  D DA 8  1_555 ? ? ? ? ? ? WATSON-CRICK ? ? ? 
hydrog33 hydrog ? ? C DT 4  N3 ? ? ? 1_555 D DA 7  N1 ? ? C DT 4  D DA 7  1_555 ? ? ? ? ? ? WATSON-CRICK ? ? ? 
hydrog34 hydrog ? ? C DT 4  O4 ? ? ? 1_555 D DA 7  N6 ? ? C DT 4  D DA 7  1_555 ? ? ? ? ? ? WATSON-CRICK ? ? ? 
hydrog35 hydrog ? ? C DA 5  N1 ? ? ? 1_555 D DT 6  N3 ? ? C DA 5  D DT 6  1_555 ? ? ? ? ? ? WATSON-CRICK ? ? ? 
hydrog36 hydrog ? ? C DA 5  N6 ? ? ? 1_555 D DT 6  O4 ? ? C DA 5  D DT 6  1_555 ? ? ? ? ? ? WATSON-CRICK ? ? ? 
hydrog37 hydrog ? ? C DA 6  N1 ? ? ? 1_555 D DT 5  N3 ? ? C DA 6  D DT 5  1_555 ? ? ? ? ? ? WATSON-CRICK ? ? ? 
hydrog38 hydrog ? ? C DA 6  N6 ? ? ? 1_555 D DT 5  O4 ? ? C DA 6  D DT 5  1_555 ? ? ? ? ? ? WATSON-CRICK ? ? ? 
hydrog39 hydrog ? ? C DT 7  N3 ? ? ? 1_555 D DA 4  N1 ? ? C DT 7  D DA 4  1_555 ? ? ? ? ? ? WATSON-CRICK ? ? ? 
hydrog40 hydrog ? ? C DT 7  O4 ? ? ? 1_555 D DA 4  N6 ? ? C DT 7  D DA 4  1_555 ? ? ? ? ? ? WATSON-CRICK ? ? ? 
hydrog41 hydrog ? ? C DT 8  N3 ? ? ? 1_555 D DA 3  N1 ? ? C DT 8  D DA 3  1_555 ? ? ? ? ? ? WATSON-CRICK ? ? ? 
hydrog42 hydrog ? ? C DT 8  O4 ? ? ? 1_555 D DA 3  N6 ? ? C DT 8  D DA 3  1_555 ? ? ? ? ? ? WATSON-CRICK ? ? ? 
hydrog43 hydrog ? ? C DC 9  N3 ? ? ? 1_555 D DG 2  N1 ? ? C DC 9  D DG 2  1_555 ? ? ? ? ? ? WATSON-CRICK ? ? ? 
hydrog44 hydrog ? ? C DC 9  N4 ? ? ? 1_555 D DG 2  O6 ? ? C DC 9  D DG 2  1_555 ? ? ? ? ? ? WATSON-CRICK ? ? ? 
hydrog45 hydrog ? ? C DC 9  O2 ? ? ? 1_555 D DG 2  N2 ? ? C DC 9  D DG 2  1_555 ? ? ? ? ? ? WATSON-CRICK ? ? ? 
hydrog46 hydrog ? ? C DG 10 N1 ? ? ? 1_555 D DC 1  N3 ? ? C DG 10 D DC 1  1_555 ? ? ? ? ? ? WATSON-CRICK ? ? ? 
hydrog47 hydrog ? ? C DG 10 N2 ? ? ? 1_555 D DC 1  O2 ? ? C DG 10 D DC 1  1_555 ? ? ? ? ? ? WATSON-CRICK ? ? ? 
hydrog48 hydrog ? ? C DG 10 O6 ? ? ? 1_555 D DC 1  N4 ? ? C DG 10 D DC 1  1_555 ? ? ? ? ? ? WATSON-CRICK ? ? ? 
# 
_struct_conn_type.id          hydrog 
_struct_conn_type.criteria    ? 
_struct_conn_type.reference   ? 
# 
loop_
_pdbx_validate_close_contact.id 
_pdbx_validate_close_contact.PDB_model_num 
_pdbx_validate_close_contact.auth_atom_id_1 
_pdbx_validate_close_contact.auth_asym_id_1 
_pdbx_validate_close_contact.auth_comp_id_1 
_pdbx_validate_close_contact.auth_seq_id_1 
_pdbx_validate_close_contact.PDB_ins_code_1 
_pdbx_validate_close_contact.label_alt_id_1 
_pdbx_validate_close_contact.auth_atom_id_2 
_pdbx_validate_close_contact.auth_asym_id_2 
_pdbx_validate_close_contact.auth_comp_id_2 
_pdbx_validate_close_contact.auth_seq_id_2 
_pdbx_validate_close_contact.PDB_ins_code_2 
_pdbx_validate_close_contact.label_alt_id_2 
_pdbx_validate_close_contact.dist 
1 1 C5 B DT 5 ? ? C5 B DT 6 ? ? 1.51 
2 1 C5 D DT 5 ? ? C5 D DT 6 ? ? 1.52 
3 1 C6 D DT 5 ? ? C6 D DT 6 ? ? 1.53 
4 1 C6 B DT 5 ? ? C6 B DT 6 ? ? 1.54 
# 
loop_
_pdbx_validate_rmsd_bond.id 
_pdbx_validate_rmsd_bond.PDB_model_num 
_pdbx_validate_rmsd_bond.auth_atom_id_1 
_pdbx_validate_rmsd_bond.auth_asym_id_1 
_pdbx_validate_rmsd_bond.auth_comp_id_1 
_pdbx_validate_rmsd_bond.auth_seq_id_1 
_pdbx_validate_rmsd_bond.PDB_ins_code_1 
_pdbx_validate_rmsd_bond.label_alt_id_1 
_pdbx_validate_rmsd_bond.auth_atom_id_2 
_pdbx_validate_rmsd_bond.auth_asym_id_2 
_pdbx_validate_rmsd_bond.auth_comp_id_2 
_pdbx_validate_rmsd_bond.auth_seq_id_2 
_pdbx_validate_rmsd_bond.PDB_ins_code_2 
_pdbx_validate_rmsd_bond.label_alt_id_2 
_pdbx_validate_rmsd_bond.bond_value 
_pdbx_validate_rmsd_bond.bond_target_value 
_pdbx_validate_rmsd_bond.bond_deviation 
_pdbx_validate_rmsd_bond.bond_standard_deviation 
_pdbx_validate_rmsd_bond.linker_flag 
1  1 "C4'" A DG 1  ? ? "C3'" A DG 1  ? ? 1.457 1.521 -0.064 0.010 N 
2  1 "O3'" A DG 1  ? ? "C3'" A DG 1  ? ? 1.352 1.419 -0.067 0.006 N 
3  1 "C5'" A DC 2  ? ? "C4'" A DC 2  ? ? 1.558 1.512 0.046  0.007 N 
4  1 "C2'" A DC 2  ? ? "C1'" A DC 2  ? ? 1.394 1.518 -0.124 0.010 N 
5  1 C6    A DT 3  ? ? N1    A DT 3  ? ? 1.305 1.378 -0.073 0.007 N 
6  1 C5    A DT 3  ? ? C7    A DT 3  ? ? 1.541 1.496 0.045  0.006 N 
7  1 P     A DT 4  ? ? "O5'" A DT 4  ? ? 1.505 1.593 -0.088 0.010 N 
8  1 "C3'" A DA 5  ? ? "C2'" A DA 5  ? ? 1.449 1.516 -0.067 0.008 N 
9  1 C4    A DA 5  ? ? C5    A DA 5  ? ? 1.333 1.383 -0.050 0.007 N 
10 1 C5    A DA 5  ? ? C6    A DA 5  ? ? 1.351 1.406 -0.055 0.009 N 
11 1 "O3'" A DA 5  ? ? P     A DA 6  ? ? 1.506 1.607 -0.101 0.012 Y 
12 1 C4    A DA 6  ? ? C5    A DA 6  ? ? 1.327 1.383 -0.056 0.007 N 
13 1 C8    A DA 6  ? ? N9    A DA 6  ? ? 1.317 1.373 -0.056 0.008 N 
14 1 "C5'" A DT 7  ? ? "C4'" A DT 7  ? ? 1.417 1.509 -0.092 0.011 N 
15 1 "C2'" A DT 7  ? ? "C1'" A DT 7  ? ? 1.443 1.518 -0.075 0.010 N 
16 1 "C3'" A DG 10 ? ? "C2'" A DG 10 ? ? 1.432 1.516 -0.084 0.008 N 
17 1 N9    A DG 10 ? ? C4    A DG 10 ? ? 1.304 1.375 -0.071 0.008 N 
18 1 "C3'" B DC 1  ? ? "C2'" B DC 1  ? ? 1.449 1.516 -0.067 0.008 N 
19 1 "O4'" B DC 1  ? ? "C4'" B DC 1  ? ? 1.385 1.446 -0.061 0.010 N 
20 1 N1    B DC 1  ? ? C2    B DC 1  ? ? 1.298 1.397 -0.099 0.010 N 
21 1 C2    B DC 1  ? ? N3    B DC 1  ? ? 1.261 1.353 -0.092 0.008 N 
22 1 C4    B DC 1  ? ? C5    B DC 1  ? ? 1.334 1.425 -0.091 0.008 N 
23 1 "O3'" B DC 1  ? ? P     B DG 2  ? ? 1.495 1.607 -0.112 0.012 Y 
24 1 P     B DG 2  ? ? "O5'" B DG 2  ? ? 1.506 1.593 -0.087 0.010 N 
25 1 C4    B DG 2  ? ? C5    B DG 2  ? ? 1.336 1.379 -0.043 0.007 N 
26 1 C5    B DG 2  ? ? C6    B DG 2  ? ? 1.322 1.419 -0.097 0.010 N 
27 1 N9    B DG 2  ? ? C4    B DG 2  ? ? 1.315 1.375 -0.060 0.008 N 
28 1 "O3'" B DG 2  ? ? P     B DA 3  ? ? 1.521 1.607 -0.086 0.012 Y 
29 1 "C3'" B DA 3  ? ? "C2'" B DA 3  ? ? 1.449 1.516 -0.067 0.008 N 
30 1 "O3'" B DA 4  ? ? "C3'" B DA 4  ? ? 1.377 1.419 -0.042 0.006 N 
31 1 C6    B DA 4  ? ? N1    B DA 4  ? ? 1.303 1.351 -0.048 0.007 N 
32 1 C2    B DT 5  ? ? N3    B DT 5  ? ? 1.315 1.373 -0.058 0.008 N 
33 1 C5    B DT 5  ? ? C7    B DT 5  ? ? 1.763 1.496 0.267  0.006 N 
34 1 C5    B DT 6  ? ? C6    B DT 6  ? ? 1.291 1.339 -0.048 0.007 N 
35 1 C5    B DT 6  ? ? C7    B DT 6  ? ? 1.569 1.496 0.073  0.006 N 
36 1 C5    B DA 7  ? ? C6    B DA 7  ? ? 1.334 1.406 -0.072 0.009 N 
37 1 C6    B DA 7  ? ? N1    B DA 7  ? ? 1.291 1.351 -0.060 0.007 N 
38 1 N9    B DA 7  ? ? C4    B DA 7  ? ? 1.329 1.374 -0.045 0.006 N 
39 1 P     B DA 8  ? ? "O5'" B DA 8  ? ? 1.530 1.593 -0.063 0.010 N 
40 1 "O3'" B DA 8  ? ? "C3'" B DA 8  ? ? 1.376 1.419 -0.043 0.006 N 
41 1 N1    B DA 8  ? ? C2    B DA 8  ? ? 1.283 1.339 -0.056 0.009 N 
42 1 C4    B DA 8  ? ? C5    B DA 8  ? ? 1.337 1.383 -0.046 0.007 N 
43 1 C5    B DA 8  ? ? C6    B DA 8  ? ? 1.342 1.406 -0.064 0.009 N 
44 1 "O3'" B DG 9  ? ? "C3'" B DG 9  ? ? 1.368 1.419 -0.051 0.006 N 
45 1 "O3'" B DG 9  ? ? P     B DC 10 ? ? 1.532 1.607 -0.075 0.012 Y 
46 1 "C4'" B DC 10 ? ? "C3'" B DC 10 ? ? 1.448 1.521 -0.073 0.010 N 
47 1 "O4'" B DC 10 ? ? "C4'" B DC 10 ? ? 1.366 1.446 -0.080 0.010 N 
48 1 "C4'" C DG 1  ? ? "C3'" C DG 1  ? ? 1.460 1.521 -0.061 0.010 N 
49 1 "O3'" C DG 1  ? ? "C3'" C DG 1  ? ? 1.362 1.419 -0.057 0.006 N 
50 1 "C4'" C DC 2  ? ? "C3'" C DC 2  ? ? 1.431 1.521 -0.090 0.010 N 
51 1 "C3'" C DC 2  ? ? "C2'" C DC 2  ? ? 1.448 1.516 -0.068 0.008 N 
52 1 "O3'" C DC 2  ? ? P     C DT 3  ? ? 1.528 1.607 -0.079 0.012 Y 
53 1 "C2'" C DT 3  ? ? "C1'" C DT 3  ? ? 1.452 1.518 -0.066 0.010 N 
54 1 "O4'" C DT 3  ? ? "C4'" C DT 3  ? ? 1.383 1.446 -0.063 0.010 N 
55 1 C5    C DT 3  ? ? C7    C DT 3  ? ? 1.538 1.496 0.042  0.006 N 
56 1 "C5'" C DA 5  ? ? "C4'" C DA 5  ? ? 1.435 1.509 -0.074 0.011 N 
57 1 N9    C DA 5  ? ? C4    C DA 5  ? ? 1.316 1.374 -0.058 0.006 N 
58 1 C2    C DA 6  ? ? N3    C DA 6  ? ? 1.276 1.331 -0.055 0.009 N 
59 1 C4    C DA 6  ? ? C5    C DA 6  ? ? 1.340 1.383 -0.043 0.007 N 
60 1 C6    C DA 6  ? ? N1    C DA 6  ? ? 1.307 1.351 -0.044 0.007 N 
61 1 C5    C DT 7  ? ? C7    C DT 7  ? ? 1.539 1.496 0.043  0.006 N 
62 1 C6    C DT 8  ? ? N1    C DT 8  ? ? 1.326 1.378 -0.052 0.007 N 
63 1 C5    C DT 8  ? ? C7    C DT 8  ? ? 1.533 1.496 0.037  0.006 N 
64 1 "C5'" C DC 9  ? ? "C4'" C DC 9  ? ? 1.558 1.512 0.046  0.007 N 
65 1 "O3'" C DC 9  ? ? "C3'" C DC 9  ? ? 1.374 1.419 -0.045 0.006 N 
66 1 N3    C DC 9  ? ? C4    C DC 9  ? ? 1.286 1.335 -0.049 0.007 N 
67 1 N1    D DC 1  ? ? C6    D DC 1  ? ? 1.324 1.367 -0.043 0.006 N 
68 1 P     D DG 2  ? ? "O5'" D DG 2  ? ? 1.458 1.593 -0.135 0.010 N 
69 1 "C5'" D DG 2  ? ? "C4'" D DG 2  ? ? 1.438 1.509 -0.071 0.011 N 
70 1 "C3'" D DG 2  ? ? "C2'" D DG 2  ? ? 1.430 1.516 -0.086 0.008 N 
71 1 "C2'" D DG 2  ? ? "C1'" D DG 2  ? ? 1.435 1.518 -0.083 0.010 N 
72 1 "O3'" D DG 2  ? ? "C3'" D DG 2  ? ? 1.377 1.419 -0.042 0.006 N 
73 1 N3    D DG 2  ? ? C4    D DG 2  ? ? 1.305 1.350 -0.045 0.007 N 
74 1 N9    D DG 2  ? ? C4    D DG 2  ? ? 1.298 1.375 -0.077 0.008 N 
75 1 "O3'" D DG 2  ? ? P     D DA 3  ? ? 1.510 1.607 -0.097 0.012 Y 
76 1 P     D DA 3  ? ? "O5'" D DA 3  ? ? 1.503 1.593 -0.090 0.010 N 
77 1 "O3'" D DA 3  ? ? "C3'" D DA 3  ? ? 1.374 1.419 -0.045 0.006 N 
78 1 N3    D DA 3  ? ? C4    D DA 3  ? ? 1.307 1.344 -0.037 0.006 N 
79 1 "O3'" D DA 3  ? ? P     D DA 4  ? ? 1.486 1.607 -0.121 0.012 Y 
80 1 "C2'" D DA 4  ? ? "C1'" D DA 4  ? ? 1.446 1.518 -0.072 0.010 N 
81 1 "O3'" D DA 4  ? ? "C3'" D DA 4  ? ? 1.327 1.419 -0.092 0.006 N 
82 1 "C1'" D DA 4  ? ? N9    D DA 4  ? ? 1.378 1.468 -0.090 0.014 N 
83 1 C5    D DA 4  ? ? C6    D DA 4  ? ? 1.342 1.406 -0.064 0.009 N 
84 1 N9    D DA 4  ? ? C4    D DA 4  ? ? 1.320 1.374 -0.054 0.006 N 
85 1 "O3'" D DA 4  ? ? P     D DT 5  ? ? 1.529 1.607 -0.078 0.012 Y 
86 1 C2    D DT 5  ? ? N3    D DT 5  ? ? 1.316 1.373 -0.057 0.008 N 
87 1 C5    D DT 5  ? ? C7    D DT 5  ? ? 1.752 1.496 0.256  0.006 N 
88 1 C5    D DT 6  ? ? C6    D DT 6  ? ? 1.296 1.339 -0.043 0.007 N 
89 1 C5    D DT 6  ? ? C7    D DT 6  ? ? 1.569 1.496 0.073  0.006 N 
90 1 N9    D DA 7  ? ? C4    D DA 7  ? ? 1.334 1.374 -0.040 0.006 N 
91 1 "C4'" D DG 9  ? ? "C3'" D DG 9  ? ? 1.455 1.521 -0.066 0.010 N 
92 1 "O4'" D DC 10 ? ? "C4'" D DC 10 ? ? 1.378 1.446 -0.068 0.010 N 
# 
loop_
_pdbx_validate_rmsd_angle.id 
_pdbx_validate_rmsd_angle.PDB_model_num 
_pdbx_validate_rmsd_angle.auth_atom_id_1 
_pdbx_validate_rmsd_angle.auth_asym_id_1 
_pdbx_validate_rmsd_angle.auth_comp_id_1 
_pdbx_validate_rmsd_angle.auth_seq_id_1 
_pdbx_validate_rmsd_angle.PDB_ins_code_1 
_pdbx_validate_rmsd_angle.label_alt_id_1 
_pdbx_validate_rmsd_angle.auth_atom_id_2 
_pdbx_validate_rmsd_angle.auth_asym_id_2 
_pdbx_validate_rmsd_angle.auth_comp_id_2 
_pdbx_validate_rmsd_angle.auth_seq_id_2 
_pdbx_validate_rmsd_angle.PDB_ins_code_2 
_pdbx_validate_rmsd_angle.label_alt_id_2 
_pdbx_validate_rmsd_angle.auth_atom_id_3 
_pdbx_validate_rmsd_angle.auth_asym_id_3 
_pdbx_validate_rmsd_angle.auth_comp_id_3 
_pdbx_validate_rmsd_angle.auth_seq_id_3 
_pdbx_validate_rmsd_angle.PDB_ins_code_3 
_pdbx_validate_rmsd_angle.label_alt_id_3 
_pdbx_validate_rmsd_angle.angle_value 
_pdbx_validate_rmsd_angle.angle_target_value 
_pdbx_validate_rmsd_angle.angle_deviation 
_pdbx_validate_rmsd_angle.angle_standard_deviation 
_pdbx_validate_rmsd_angle.linker_flag 
1   1 "O4'" A DG 1  ? ? "C1'" A DG 1  ? ? "C2'" A DG 1  ? ? 99.99  105.90 -5.91  0.80 N 
2   1 "O4'" A DG 1  ? ? "C1'" A DG 1  ? ? N9    A DG 1  ? ? 113.93 108.30 5.63   0.30 N 
3   1 C8    A DG 1  ? ? N9    A DG 1  ? ? C4    A DG 1  ? ? 103.99 106.40 -2.41  0.40 N 
4   1 "O4'" A DC 2  ? ? "C4'" A DC 2  ? ? "C3'" A DC 2  ? ? 98.82  104.50 -5.68  0.40 N 
5   1 "O4'" A DT 3  ? ? "C1'" A DT 3  ? ? N1    A DT 3  ? ? 103.28 108.00 -4.72  0.70 N 
6   1 "O5'" A DT 4  ? ? "C5'" A DT 4  ? ? "C4'" A DT 4  ? ? 103.88 109.40 -5.52  0.80 N 
7   1 "O4'" A DT 4  ? ? "C1'" A DT 4  ? ? N1    A DT 4  ? ? 103.14 108.00 -4.86  0.70 N 
8   1 "O3'" A DT 4  ? ? P     A DA 5  ? ? "O5'" A DA 5  ? ? 83.44  104.00 -20.56 1.90 Y 
9   1 "O5'" A DA 5  ? ? "C5'" A DA 5  ? ? "C4'" A DA 5  ? ? 101.50 109.40 -7.90  0.80 N 
10  1 "O4'" A DA 5  ? ? "C4'" A DA 5  ? ? "C3'" A DA 5  ? ? 98.62  104.50 -5.88  0.40 N 
11  1 "C1'" A DA 5  ? ? "O4'" A DA 5  ? ? "C4'" A DA 5  ? ? 103.79 110.10 -6.31  1.00 N 
12  1 "O4'" A DA 5  ? ? "C1'" A DA 5  ? ? N9    A DA 5  ? ? 113.19 108.30 4.89   0.30 N 
13  1 N1    A DA 5  ? ? C6    A DA 5  ? ? N6    A DA 5  ? ? 123.20 118.60 4.60   0.60 N 
14  1 C5    A DA 5  ? ? C6    A DA 5  ? ? N6    A DA 5  ? ? 117.37 123.70 -6.33  0.80 N 
15  1 "C3'" A DA 5  ? ? "O3'" A DA 5  ? ? P     A DA 6  ? ? 129.86 119.70 10.16  1.20 Y 
16  1 "O4'" A DA 6  ? ? "C1'" A DA 6  ? ? N9    A DA 6  ? ? 114.46 108.30 6.16   0.30 N 
17  1 N1    A DA 6  ? ? C2    A DA 6  ? ? N3    A DA 6  ? ? 125.50 129.30 -3.80  0.50 N 
18  1 "C3'" A DT 7  ? ? "C2'" A DT 7  ? ? "C1'" A DT 7  ? ? 94.22  102.40 -8.18  0.80 N 
19  1 "O4'" A DG 10 ? ? "C4'" A DG 10 ? ? "C3'" A DG 10 ? ? 110.25 106.00 4.25   0.60 N 
20  1 "C1'" A DG 10 ? ? "O4'" A DG 10 ? ? "C4'" A DG 10 ? ? 100.51 110.10 -9.59  1.00 N 
21  1 "O4'" A DG 10 ? ? "C1'" A DG 10 ? ? "C2'" A DG 10 ? ? 113.84 106.80 7.04   0.50 N 
22  1 C2    A DG 10 ? ? N3    A DG 10 ? ? C4    A DG 10 ? ? 107.27 111.90 -4.63  0.50 N 
23  1 C5    A DG 10 ? ? N7    A DG 10 ? ? C8    A DG 10 ? ? 100.85 104.30 -3.45  0.50 N 
24  1 N1    A DG 10 ? ? C6    A DG 10 ? ? O6    A DG 10 ? ? 123.69 119.90 3.79   0.60 N 
25  1 "O4'" B DC 1  ? ? "C4'" B DC 1  ? ? "C3'" B DC 1  ? ? 96.04  104.50 -8.46  0.40 N 
26  1 "C3'" B DC 1  ? ? "C2'" B DC 1  ? ? "C1'" B DC 1  ? ? 92.95  102.40 -9.45  0.80 N 
27  1 "O4'" B DC 1  ? ? "C1'" B DC 1  ? ? N1    B DC 1  ? ? 100.99 108.00 -7.01  0.70 N 
28  1 C6    B DC 1  ? ? N1    B DC 1  ? ? C2    B DC 1  ? ? 124.94 120.30 4.64   0.40 N 
29  1 N1    B DC 1  ? ? C2    B DC 1  ? ? N3    B DC 1  ? ? 112.69 119.20 -6.51  0.70 N 
30  1 C2    B DC 1  ? ? N3    B DC 1  ? ? C4    B DC 1  ? ? 124.22 119.90 4.32   0.50 N 
31  1 N3    B DC 1  ? ? C4    B DC 1  ? ? C5    B DC 1  ? ? 124.93 121.90 3.03   0.40 N 
32  1 C4    B DC 1  ? ? C5    B DC 1  ? ? C6    B DC 1  ? ? 111.25 117.40 -6.15  0.50 N 
33  1 N1    B DC 1  ? ? C2    B DC 1  ? ? O2    B DC 1  ? ? 122.59 118.90 3.69   0.60 N 
34  1 N3    B DC 1  ? ? C4    B DC 1  ? ? N4    B DC 1  ? ? 122.22 118.00 4.22   0.70 N 
35  1 C5    B DC 1  ? ? C4    B DC 1  ? ? N4    B DC 1  ? ? 112.23 120.20 -7.97  0.70 N 
36  1 "C3'" B DC 1  ? ? "O3'" B DC 1  ? ? P     B DG 2  ? ? 132.64 119.70 12.94  1.20 Y 
37  1 "O4'" B DG 2  ? ? "C4'" B DG 2  ? ? "C3'" B DG 2  ? ? 109.71 106.00 3.71   0.60 N 
38  1 "C1'" B DG 2  ? ? "O4'" B DG 2  ? ? "C4'" B DG 2  ? ? 100.10 110.10 -10.00 1.00 N 
39  1 "C3'" B DG 2  ? ? "C2'" B DG 2  ? ? "C1'" B DG 2  ? ? 93.97  102.40 -8.43  0.80 N 
40  1 "O4'" B DG 2  ? ? "C1'" B DG 2  ? ? "C2'" B DG 2  ? ? 113.58 106.80 6.78   0.50 N 
41  1 N3    B DG 2  ? ? C4    B DG 2  ? ? C5    B DG 2  ? ? 132.22 128.60 3.62   0.50 N 
42  1 C5    B DG 2  ? ? C6    B DG 2  ? ? O6    B DG 2  ? ? 124.80 128.60 -3.80  0.60 N 
43  1 C8    B DG 2  ? ? N9    B DG 2  ? ? "C1'" B DG 2  ? ? 136.75 127.00 9.75   1.30 N 
44  1 C4    B DG 2  ? ? N9    B DG 2  ? ? "C1'" B DG 2  ? ? 115.34 126.50 -11.16 1.30 N 
45  1 "O3'" B DG 2  ? ? P     B DA 3  ? ? "O5'" B DA 3  ? ? 88.12  104.00 -15.88 1.90 Y 
46  1 "O5'" B DA 3  ? ? "C5'" B DA 3  ? ? "C4'" B DA 3  ? ? 102.27 109.40 -7.13  0.80 N 
47  1 "C3'" B DA 3  ? ? "C2'" B DA 3  ? ? "C1'" B DA 3  ? ? 110.85 102.50 8.35   1.20 N 
48  1 "O4'" B DA 3  ? ? "C1'" B DA 3  ? ? N9    B DA 3  ? ? 112.05 108.30 3.75   0.30 N 
49  1 "C3'" B DA 3  ? ? "O3'" B DA 3  ? ? P     B DA 4  ? ? 131.22 119.70 11.52  1.20 Y 
50  1 "O4'" B DA 4  ? ? "C1'" B DA 4  ? ? N9    B DA 4  ? ? 117.81 108.30 9.51   0.30 N 
51  1 "O4'" B DT 5  ? ? "C1'" B DT 5  ? ? N1    B DT 5  ? ? 99.49  108.00 -8.51  0.70 N 
52  1 C5    B DT 5  ? ? C6    B DT 5  ? ? N1    B DT 5  ? ? 117.42 123.70 -6.28  0.60 N 
53  1 C4    B DT 5  ? ? C5    B DT 5  ? ? C7    B DT 5  ? ? 92.78  119.00 -26.22 0.60 N 
54  1 "C1'" B DT 6  ? ? "O4'" B DT 6  ? ? "C4'" B DT 6  ? ? 97.72  110.10 -12.38 1.00 N 
55  1 "C3'" B DT 6  ? ? "C2'" B DT 6  ? ? "C1'" B DT 6  ? ? 97.10  102.40 -5.30  0.80 N 
56  1 "O4'" B DT 6  ? ? "C1'" B DT 6  ? ? N1    B DT 6  ? ? 121.65 108.30 13.35  0.30 N 
57  1 N3    B DT 6  ? ? C4    B DT 6  ? ? O4    B DT 6  ? ? 115.43 119.90 -4.47  0.60 N 
58  1 C5    B DT 6  ? ? C4    B DT 6  ? ? O4    B DT 6  ? ? 129.10 124.90 4.20   0.70 N 
59  1 C4    B DT 6  ? ? C5    B DT 6  ? ? C7    B DT 6  ? ? 108.83 119.00 -10.17 0.60 N 
60  1 C6    B DT 6  ? ? N1    B DT 6  ? ? "C1'" B DT 6  ? ? 129.45 120.40 9.05   1.50 N 
61  1 "C3'" B DT 6  ? ? "O3'" B DT 6  ? ? P     B DA 7  ? ? 107.66 119.70 -12.04 1.20 Y 
62  1 "O3'" B DT 6  ? ? P     B DA 7  ? ? "O5'" B DA 7  ? ? 87.68  104.00 -16.32 1.90 Y 
63  1 "O4'" B DA 7  ? ? "C4'" B DA 7  ? ? "C3'" B DA 7  ? ? 100.20 104.50 -4.30  0.40 N 
64  1 C2    B DA 7  ? ? N3    B DA 7  ? ? C4    B DA 7  ? ? 105.71 110.60 -4.89  0.50 N 
65  1 "O3'" B DA 7  ? ? P     B DA 8  ? ? "O5'" B DA 8  ? ? 89.47  104.00 -14.53 1.90 Y 
66  1 "O4'" B DA 8  ? ? "C1'" B DA 8  ? ? N9    B DA 8  ? ? 110.92 108.30 2.62   0.30 N 
67  1 "C3'" B DA 8  ? ? "O3'" B DA 8  ? ? P     B DG 9  ? ? 109.23 119.70 -10.47 1.20 Y 
68  1 "O4'" B DG 9  ? ? "C4'" B DG 9  ? ? "C3'" B DG 9  ? ? 101.61 104.50 -2.89  0.40 N 
69  1 "O4'" B DG 9  ? ? "C1'" B DG 9  ? ? "C2'" B DG 9  ? ? 88.12  105.90 -17.78 0.80 N 
70  1 "O4'" B DG 9  ? ? "C1'" B DG 9  ? ? N9    B DG 9  ? ? 112.86 108.30 4.56   0.30 N 
71  1 C4    B DG 9  ? ? C5    B DG 9  ? ? N7    B DG 9  ? ? 113.48 110.80 2.68   0.40 N 
72  1 C5    B DG 9  ? ? N7    B DG 9  ? ? C8    B DG 9  ? ? 100.49 104.30 -3.81  0.50 N 
73  1 N7    B DG 9  ? ? C8    B DG 9  ? ? N9    B DG 9  ? ? 116.42 113.10 3.32   0.50 N 
74  1 C8    B DG 9  ? ? N9    B DG 9  ? ? C4    B DG 9  ? ? 103.57 106.40 -2.83  0.40 N 
75  1 "O3'" B DG 9  ? ? P     B DC 10 ? ? "O5'" B DC 10 ? ? 90.64  104.00 -13.36 1.90 Y 
76  1 "O4'" B DC 10 ? ? "C4'" B DC 10 ? ? "C3'" B DC 10 ? ? 97.65  104.50 -6.85  0.40 N 
77  1 "O4'" B DC 10 ? ? "C1'" B DC 10 ? ? "C2'" B DC 10 ? ? 98.04  105.90 -7.86  0.80 N 
78  1 "O4'" C DG 1  ? ? "C1'" C DG 1  ? ? N9    C DG 1  ? ? 110.42 108.30 2.12   0.30 N 
79  1 "C3'" C DG 1  ? ? "O3'" C DG 1  ? ? P     C DC 2  ? ? 127.15 119.70 7.45   1.20 Y 
80  1 "C5'" C DC 2  ? ? "C4'" C DC 2  ? ? "C3'" C DC 2  ? ? 101.06 114.10 -13.04 1.80 N 
81  1 "C5'" C DC 2  ? ? "C4'" C DC 2  ? ? "O4'" C DC 2  ? ? 117.08 109.80 7.28   1.10 N 
82  1 "O4'" C DC 2  ? ? "C1'" C DC 2  ? ? "C2'" C DC 2  ? ? 99.92  105.90 -5.98  0.80 N 
83  1 "O4'" C DC 2  ? ? "C1'" C DC 2  ? ? N1    C DC 2  ? ? 112.31 108.30 4.01   0.30 N 
84  1 C2    C DC 2  ? ? N3    C DC 2  ? ? C4    C DC 2  ? ? 124.31 119.90 4.41   0.50 N 
85  1 N3    C DC 2  ? ? C4    C DC 2  ? ? C5    C DC 2  ? ? 118.33 121.90 -3.57  0.40 N 
86  1 C5    C DC 2  ? ? C6    C DC 2  ? ? N1    C DC 2  ? ? 124.31 121.00 3.31   0.50 N 
87  1 N3    C DC 2  ? ? C4    C DC 2  ? ? N4    C DC 2  ? ? 123.36 118.00 5.36   0.70 N 
88  1 "O3'" C DC 2  ? ? P     C DT 3  ? ? "O5'" C DT 3  ? ? 89.90  104.00 -14.10 1.90 Y 
89  1 "O4'" C DT 3  ? ? "C1'" C DT 3  ? ? N1    C DT 3  ? ? 113.75 108.30 5.45   0.30 N 
90  1 C4    C DT 3  ? ? C5    C DT 3  ? ? C7    C DT 3  ? ? 123.99 119.00 4.99   0.60 N 
91  1 C6    C DT 3  ? ? C5    C DT 3  ? ? C7    C DT 3  ? ? 116.32 122.90 -6.58  0.60 N 
92  1 "O4'" C DT 4  ? ? "C4'" C DT 4  ? ? "C3'" C DT 4  ? ? 101.20 104.50 -3.30  0.40 N 
93  1 "C3'" C DT 4  ? ? "C2'" C DT 4  ? ? "C1'" C DT 4  ? ? 92.97  102.40 -9.43  0.80 N 
94  1 "C3'" C DA 5  ? ? "C2'" C DA 5  ? ? "C1'" C DA 5  ? ? 96.56  102.40 -5.84  0.80 N 
95  1 "O4'" C DA 5  ? ? "C1'" C DA 5  ? ? "C2'" C DA 5  ? ? 110.76 106.80 3.96   0.50 N 
96  1 N1    C DA 5  ? ? C6    C DA 5  ? ? N6    C DA 5  ? ? 122.21 118.60 3.61   0.60 N 
97  1 C5    C DA 5  ? ? C6    C DA 5  ? ? N6    C DA 5  ? ? 117.55 123.70 -6.15  0.80 N 
98  1 "O5'" C DA 6  ? ? "C5'" C DA 6  ? ? "C4'" C DA 6  ? ? 101.38 109.40 -8.02  0.80 N 
99  1 C6    C DA 6  ? ? N1    C DA 6  ? ? C2    C DA 6  ? ? 122.41 118.60 3.81   0.60 N 
100 1 C5    C DA 6  ? ? C6    C DA 6  ? ? N1    C DA 6  ? ? 114.65 117.70 -3.05  0.50 N 
101 1 "C3'" C DA 6  ? ? "O3'" C DA 6  ? ? P     C DT 7  ? ? 134.27 119.70 14.57  1.20 Y 
102 1 "O4'" C DT 7  ? ? "C1'" C DT 7  ? ? N1    C DT 7  ? ? 113.88 108.30 5.58   0.30 N 
103 1 C6    C DT 7  ? ? N1    C DT 7  ? ? C2    C DT 7  ? ? 116.81 121.30 -4.49  0.50 N 
104 1 N1    C DT 7  ? ? C2    C DT 7  ? ? N3    C DT 7  ? ? 119.22 114.60 4.62   0.60 N 
105 1 C4    C DT 7  ? ? C5    C DT 7  ? ? C6    C DT 7  ? ? 122.09 118.00 4.09   0.60 N 
106 1 C4    C DT 7  ? ? C5    C DT 7  ? ? C7    C DT 7  ? ? 114.96 119.00 -4.04  0.60 N 
107 1 "O4'" C DT 8  ? ? "C1'" C DT 8  ? ? "C2'" C DT 8  ? ? 98.72  105.90 -7.18  0.80 N 
108 1 "O4'" C DT 8  ? ? "C1'" C DT 8  ? ? N1    C DT 8  ? ? 111.36 108.30 3.06   0.30 N 
109 1 C4    C DT 8  ? ? C5    C DT 8  ? ? C6    C DT 8  ? ? 121.63 118.00 3.63   0.60 N 
110 1 "O4'" C DC 9  ? ? "C1'" C DC 9  ? ? "C2'" C DC 9  ? ? 100.11 105.90 -5.79  0.80 N 
111 1 "O4'" C DG 10 ? ? "C4'" C DG 10 ? ? "C3'" C DG 10 ? ? 110.66 106.00 4.66   0.60 N 
112 1 "C4'" C DG 10 ? ? "C3'" C DG 10 ? ? "C2'" C DG 10 ? ? 96.64  102.20 -5.56  0.70 N 
113 1 "C3'" C DG 10 ? ? "C2'" C DG 10 ? ? "C1'" C DG 10 ? ? 111.08 102.50 8.58   1.20 N 
114 1 "O4'" C DG 10 ? ? "C1'" C DG 10 ? ? "C2'" C DG 10 ? ? 100.68 105.90 -5.22  0.80 N 
115 1 "O4'" C DG 10 ? ? "C1'" C DG 10 ? ? N9    C DG 10 ? ? 110.58 108.30 2.28   0.30 N 
116 1 N7    C DG 10 ? ? C8    C DG 10 ? ? N9    C DG 10 ? ? 116.44 113.10 3.34   0.50 N 
117 1 C8    C DG 10 ? ? N9    C DG 10 ? ? C4    C DG 10 ? ? 103.91 106.40 -2.49  0.40 N 
118 1 N3    C DG 10 ? ? C2    C DG 10 ? ? N2    C DG 10 ? ? 114.97 119.90 -4.93  0.70 N 
119 1 N1    C DG 10 ? ? C6    C DG 10 ? ? O6    C DG 10 ? ? 124.00 119.90 4.10   0.60 N 
120 1 "C1'" D DC 1  ? ? "O4'" D DC 1  ? ? "C4'" D DC 1  ? ? 101.14 110.10 -8.96  1.00 N 
121 1 "O4'" D DC 1  ? ? "C1'" D DC 1  ? ? "C2'" D DC 1  ? ? 97.23  105.90 -8.67  0.80 N 
122 1 "O4'" D DC 1  ? ? "C1'" D DC 1  ? ? N1    D DC 1  ? ? 112.44 108.30 4.14   0.30 N 
123 1 N1    D DC 1  ? ? C2    D DC 1  ? ? O2    D DC 1  ? ? 122.99 118.90 4.09   0.60 N 
124 1 N3    D DC 1  ? ? C2    D DC 1  ? ? O2    D DC 1  ? ? 117.59 121.90 -4.31  0.70 N 
125 1 "O5'" D DG 2  ? ? "C5'" D DG 2  ? ? "C4'" D DG 2  ? ? 98.74  109.40 -10.66 0.80 N 
126 1 "O4'" D DG 2  ? ? "C1'" D DG 2  ? ? "C2'" D DG 2  ? ? 111.40 106.80 4.60   0.50 N 
127 1 "O4'" D DG 2  ? ? "C1'" D DG 2  ? ? N9    D DG 2  ? ? 113.51 108.30 5.21   0.30 N 
128 1 C5    D DG 2  ? ? N7    D DG 2  ? ? C8    D DG 2  ? ? 100.15 104.30 -4.15  0.50 N 
129 1 "C3'" D DG 2  ? ? "O3'" D DG 2  ? ? P     D DA 3  ? ? 127.02 119.70 7.32   1.20 Y 
130 1 "O3'" D DG 2  ? ? P     D DA 3  ? ? "O5'" D DA 3  ? ? 92.51  104.00 -11.49 1.90 Y 
131 1 "O4'" D DA 3  ? ? "C1'" D DA 3  ? ? "C2'" D DA 3  ? ? 100.55 105.90 -5.35  0.80 N 
132 1 "O4'" D DA 3  ? ? "C1'" D DA 3  ? ? N9    D DA 3  ? ? 111.79 108.30 3.49   0.30 N 
133 1 C8    D DA 3  ? ? N9    D DA 3  ? ? C4    D DA 3  ? ? 103.14 105.80 -2.66  0.40 N 
134 1 "C4'" D DA 4  ? ? "C3'" D DA 4  ? ? "C2'" D DA 4  ? ? 110.26 103.10 7.16   0.90 N 
135 1 "C3'" D DA 4  ? ? "C2'" D DA 4  ? ? "C1'" D DA 4  ? ? 97.18  102.40 -5.22  0.80 N 
136 1 C8    D DA 4  ? ? N9    D DA 4  ? ? C4    D DA 4  ? ? 108.40 105.80 2.60   0.40 N 
137 1 "C1'" D DT 5  ? ? "O4'" D DT 5  ? ? "C4'" D DT 5  ? ? 102.94 110.10 -7.16  1.00 N 
138 1 "O4'" D DT 5  ? ? "C1'" D DT 5  ? ? "C2'" D DT 5  ? ? 100.01 105.90 -5.89  0.80 N 
139 1 "O4'" D DT 5  ? ? "C1'" D DT 5  ? ? N1    D DT 5  ? ? 95.79  108.00 -12.21 0.70 N 
140 1 C5    D DT 5  ? ? C6    D DT 5  ? ? N1    D DT 5  ? ? 118.76 123.70 -4.94  0.60 N 
141 1 C4    D DT 5  ? ? C5    D DT 5  ? ? C7    D DT 5  ? ? 93.55  119.00 -25.45 0.60 N 
142 1 "C1'" D DT 6  ? ? "O4'" D DT 6  ? ? "C4'" D DT 6  ? ? 98.12  110.10 -11.98 1.00 N 
143 1 "C3'" D DT 6  ? ? "C2'" D DT 6  ? ? "C1'" D DT 6  ? ? 97.21  102.40 -5.19  0.80 N 
144 1 "O4'" D DT 6  ? ? "C1'" D DT 6  ? ? N1    D DT 6  ? ? 118.08 108.30 9.78   0.30 N 
145 1 N1    D DT 6  ? ? C2    D DT 6  ? ? N3    D DT 6  ? ? 118.49 114.60 3.89   0.60 N 
146 1 N3    D DT 6  ? ? C4    D DT 6  ? ? O4    D DT 6  ? ? 116.12 119.90 -3.78  0.60 N 
147 1 C4    D DT 6  ? ? C5    D DT 6  ? ? C7    D DT 6  ? ? 108.82 119.00 -10.18 0.60 N 
148 1 C6    D DT 6  ? ? N1    D DT 6  ? ? "C1'" D DT 6  ? ? 131.10 120.40 10.70  1.50 N 
149 1 C2    D DT 6  ? ? N1    D DT 6  ? ? "C1'" D DT 6  ? ? 108.57 118.20 -9.63  1.60 N 
150 1 "C3'" D DT 6  ? ? "O3'" D DT 6  ? ? P     D DA 7  ? ? 107.40 119.70 -12.30 1.20 Y 
151 1 "O4'" D DA 7  ? ? "C1'" D DA 7  ? ? N9    D DA 7  ? ? 114.13 108.30 5.83   0.30 N 
152 1 N1    D DA 7  ? ? C6    D DA 7  ? ? N6    D DA 7  ? ? 123.20 118.60 4.60   0.60 N 
153 1 "O4'" D DA 8  ? ? "C4'" D DA 8  ? ? "C3'" D DA 8  ? ? 100.75 104.50 -3.75  0.40 N 
154 1 "C3'" D DA 8  ? ? "C2'" D DA 8  ? ? "C1'" D DA 8  ? ? 97.54  102.40 -4.86  0.80 N 
155 1 P     D DG 9  ? ? "O5'" D DG 9  ? ? "C5'" D DG 9  ? ? 109.81 120.90 -11.09 1.60 N 
156 1 "O4'" D DG 9  ? ? "C1'" D DG 9  ? ? N9    D DG 9  ? ? 116.26 108.30 7.96   0.30 N 
157 1 C8    D DG 9  ? ? N9    D DG 9  ? ? C4    D DG 9  ? ? 103.78 106.40 -2.62  0.40 N 
158 1 "O4'" D DC 10 ? ? "C4'" D DC 10 ? ? "C3'" D DC 10 ? ? 95.28  104.50 -9.22  0.40 N 
159 1 "O4'" D DC 10 ? ? "C1'" D DC 10 ? ? "C2'" D DC 10 ? ? 100.87 105.90 -5.03  0.80 N 
160 1 "O4'" D DC 10 ? ? "C1'" D DC 10 ? ? N1    D DC 10 ? ? 103.08 108.00 -4.92  0.70 N 
# 
loop_
_pdbx_validate_planes.id 
_pdbx_validate_planes.PDB_model_num 
_pdbx_validate_planes.auth_comp_id 
_pdbx_validate_planes.auth_asym_id 
_pdbx_validate_planes.auth_seq_id 
_pdbx_validate_planes.PDB_ins_code 
_pdbx_validate_planes.label_alt_id 
_pdbx_validate_planes.rmsd 
_pdbx_validate_planes.type 
1 1 DC A 2  ? ? 0.070 'SIDE CHAIN' 
2 1 DG A 10 ? ? 0.055 'SIDE CHAIN' 
3 1 DC B 1  ? ? 0.069 'SIDE CHAIN' 
4 1 DA C 5  ? ? 0.062 'SIDE CHAIN' 
5 1 DG D 2  ? ? 0.077 'SIDE CHAIN' 
6 1 DG D 9  ? ? 0.054 'SIDE CHAIN' 
# 
loop_
_chem_comp_atom.comp_id 
_chem_comp_atom.atom_id 
_chem_comp_atom.type_symbol 
_chem_comp_atom.pdbx_aromatic_flag 
_chem_comp_atom.pdbx_stereo_config 
_chem_comp_atom.pdbx_ordinal 
DA  OP3    O N N 1   
DA  P      P N N 2   
DA  OP1    O N N 3   
DA  OP2    O N N 4   
DA  "O5'"  O N N 5   
DA  "C5'"  C N N 6   
DA  "C4'"  C N R 7   
DA  "O4'"  O N N 8   
DA  "C3'"  C N S 9   
DA  "O3'"  O N N 10  
DA  "C2'"  C N N 11  
DA  "C1'"  C N R 12  
DA  N9     N Y N 13  
DA  C8     C Y N 14  
DA  N7     N Y N 15  
DA  C5     C Y N 16  
DA  C6     C Y N 17  
DA  N6     N N N 18  
DA  N1     N Y N 19  
DA  C2     C Y N 20  
DA  N3     N Y N 21  
DA  C4     C Y N 22  
DA  HOP3   H N N 23  
DA  HOP2   H N N 24  
DA  "H5'"  H N N 25  
DA  "H5''" H N N 26  
DA  "H4'"  H N N 27  
DA  "H3'"  H N N 28  
DA  "HO3'" H N N 29  
DA  "H2'"  H N N 30  
DA  "H2''" H N N 31  
DA  "H1'"  H N N 32  
DA  H8     H N N 33  
DA  H61    H N N 34  
DA  H62    H N N 35  
DA  H2     H N N 36  
DC  OP3    O N N 37  
DC  P      P N N 38  
DC  OP1    O N N 39  
DC  OP2    O N N 40  
DC  "O5'"  O N N 41  
DC  "C5'"  C N N 42  
DC  "C4'"  C N R 43  
DC  "O4'"  O N N 44  
DC  "C3'"  C N S 45  
DC  "O3'"  O N N 46  
DC  "C2'"  C N N 47  
DC  "C1'"  C N R 48  
DC  N1     N N N 49  
DC  C2     C N N 50  
DC  O2     O N N 51  
DC  N3     N N N 52  
DC  C4     C N N 53  
DC  N4     N N N 54  
DC  C5     C N N 55  
DC  C6     C N N 56  
DC  HOP3   H N N 57  
DC  HOP2   H N N 58  
DC  "H5'"  H N N 59  
DC  "H5''" H N N 60  
DC  "H4'"  H N N 61  
DC  "H3'"  H N N 62  
DC  "HO3'" H N N 63  
DC  "H2'"  H N N 64  
DC  "H2''" H N N 65  
DC  "H1'"  H N N 66  
DC  H41    H N N 67  
DC  H42    H N N 68  
DC  H5     H N N 69  
DC  H6     H N N 70  
DG  OP3    O N N 71  
DG  P      P N N 72  
DG  OP1    O N N 73  
DG  OP2    O N N 74  
DG  "O5'"  O N N 75  
DG  "C5'"  C N N 76  
DG  "C4'"  C N R 77  
DG  "O4'"  O N N 78  
DG  "C3'"  C N S 79  
DG  "O3'"  O N N 80  
DG  "C2'"  C N N 81  
DG  "C1'"  C N R 82  
DG  N9     N Y N 83  
DG  C8     C Y N 84  
DG  N7     N Y N 85  
DG  C5     C Y N 86  
DG  C6     C N N 87  
DG  O6     O N N 88  
DG  N1     N N N 89  
DG  C2     C N N 90  
DG  N2     N N N 91  
DG  N3     N N N 92  
DG  C4     C Y N 93  
DG  HOP3   H N N 94  
DG  HOP2   H N N 95  
DG  "H5'"  H N N 96  
DG  "H5''" H N N 97  
DG  "H4'"  H N N 98  
DG  "H3'"  H N N 99  
DG  "HO3'" H N N 100 
DG  "H2'"  H N N 101 
DG  "H2''" H N N 102 
DG  "H1'"  H N N 103 
DG  H8     H N N 104 
DG  H1     H N N 105 
DG  H21    H N N 106 
DG  H22    H N N 107 
DT  OP3    O N N 108 
DT  P      P N N 109 
DT  OP1    O N N 110 
DT  OP2    O N N 111 
DT  "O5'"  O N N 112 
DT  "C5'"  C N N 113 
DT  "C4'"  C N R 114 
DT  "O4'"  O N N 115 
DT  "C3'"  C N S 116 
DT  "O3'"  O N N 117 
DT  "C2'"  C N N 118 
DT  "C1'"  C N R 119 
DT  N1     N N N 120 
DT  C2     C N N 121 
DT  O2     O N N 122 
DT  N3     N N N 123 
DT  C4     C N N 124 
DT  O4     O N N 125 
DT  C5     C N N 126 
DT  C7     C N N 127 
DT  C6     C N N 128 
DT  HOP3   H N N 129 
DT  HOP2   H N N 130 
DT  "H5'"  H N N 131 
DT  "H5''" H N N 132 
DT  "H4'"  H N N 133 
DT  "H3'"  H N N 134 
DT  "HO3'" H N N 135 
DT  "H2'"  H N N 136 
DT  "H2''" H N N 137 
DT  "H1'"  H N N 138 
DT  H3     H N N 139 
DT  H71    H N N 140 
DT  H72    H N N 141 
DT  H73    H N N 142 
DT  H6     H N N 143 
HOH O      O N N 144 
HOH H1     H N N 145 
HOH H2     H N N 146 
# 
loop_
_chem_comp_bond.comp_id 
_chem_comp_bond.atom_id_1 
_chem_comp_bond.atom_id_2 
_chem_comp_bond.value_order 
_chem_comp_bond.pdbx_aromatic_flag 
_chem_comp_bond.pdbx_stereo_config 
_chem_comp_bond.pdbx_ordinal 
DA  OP3   P      sing N N 1   
DA  OP3   HOP3   sing N N 2   
DA  P     OP1    doub N N 3   
DA  P     OP2    sing N N 4   
DA  P     "O5'"  sing N N 5   
DA  OP2   HOP2   sing N N 6   
DA  "O5'" "C5'"  sing N N 7   
DA  "C5'" "C4'"  sing N N 8   
DA  "C5'" "H5'"  sing N N 9   
DA  "C5'" "H5''" sing N N 10  
DA  "C4'" "O4'"  sing N N 11  
DA  "C4'" "C3'"  sing N N 12  
DA  "C4'" "H4'"  sing N N 13  
DA  "O4'" "C1'"  sing N N 14  
DA  "C3'" "O3'"  sing N N 15  
DA  "C3'" "C2'"  sing N N 16  
DA  "C3'" "H3'"  sing N N 17  
DA  "O3'" "HO3'" sing N N 18  
DA  "C2'" "C1'"  sing N N 19  
DA  "C2'" "H2'"  sing N N 20  
DA  "C2'" "H2''" sing N N 21  
DA  "C1'" N9     sing N N 22  
DA  "C1'" "H1'"  sing N N 23  
DA  N9    C8     sing Y N 24  
DA  N9    C4     sing Y N 25  
DA  C8    N7     doub Y N 26  
DA  C8    H8     sing N N 27  
DA  N7    C5     sing Y N 28  
DA  C5    C6     sing Y N 29  
DA  C5    C4     doub Y N 30  
DA  C6    N6     sing N N 31  
DA  C6    N1     doub Y N 32  
DA  N6    H61    sing N N 33  
DA  N6    H62    sing N N 34  
DA  N1    C2     sing Y N 35  
DA  C2    N3     doub Y N 36  
DA  C2    H2     sing N N 37  
DA  N3    C4     sing Y N 38  
DC  OP3   P      sing N N 39  
DC  OP3   HOP3   sing N N 40  
DC  P     OP1    doub N N 41  
DC  P     OP2    sing N N 42  
DC  P     "O5'"  sing N N 43  
DC  OP2   HOP2   sing N N 44  
DC  "O5'" "C5'"  sing N N 45  
DC  "C5'" "C4'"  sing N N 46  
DC  "C5'" "H5'"  sing N N 47  
DC  "C5'" "H5''" sing N N 48  
DC  "C4'" "O4'"  sing N N 49  
DC  "C4'" "C3'"  sing N N 50  
DC  "C4'" "H4'"  sing N N 51  
DC  "O4'" "C1'"  sing N N 52  
DC  "C3'" "O3'"  sing N N 53  
DC  "C3'" "C2'"  sing N N 54  
DC  "C3'" "H3'"  sing N N 55  
DC  "O3'" "HO3'" sing N N 56  
DC  "C2'" "C1'"  sing N N 57  
DC  "C2'" "H2'"  sing N N 58  
DC  "C2'" "H2''" sing N N 59  
DC  "C1'" N1     sing N N 60  
DC  "C1'" "H1'"  sing N N 61  
DC  N1    C2     sing N N 62  
DC  N1    C6     sing N N 63  
DC  C2    O2     doub N N 64  
DC  C2    N3     sing N N 65  
DC  N3    C4     doub N N 66  
DC  C4    N4     sing N N 67  
DC  C4    C5     sing N N 68  
DC  N4    H41    sing N N 69  
DC  N4    H42    sing N N 70  
DC  C5    C6     doub N N 71  
DC  C5    H5     sing N N 72  
DC  C6    H6     sing N N 73  
DG  OP3   P      sing N N 74  
DG  OP3   HOP3   sing N N 75  
DG  P     OP1    doub N N 76  
DG  P     OP2    sing N N 77  
DG  P     "O5'"  sing N N 78  
DG  OP2   HOP2   sing N N 79  
DG  "O5'" "C5'"  sing N N 80  
DG  "C5'" "C4'"  sing N N 81  
DG  "C5'" "H5'"  sing N N 82  
DG  "C5'" "H5''" sing N N 83  
DG  "C4'" "O4'"  sing N N 84  
DG  "C4'" "C3'"  sing N N 85  
DG  "C4'" "H4'"  sing N N 86  
DG  "O4'" "C1'"  sing N N 87  
DG  "C3'" "O3'"  sing N N 88  
DG  "C3'" "C2'"  sing N N 89  
DG  "C3'" "H3'"  sing N N 90  
DG  "O3'" "HO3'" sing N N 91  
DG  "C2'" "C1'"  sing N N 92  
DG  "C2'" "H2'"  sing N N 93  
DG  "C2'" "H2''" sing N N 94  
DG  "C1'" N9     sing N N 95  
DG  "C1'" "H1'"  sing N N 96  
DG  N9    C8     sing Y N 97  
DG  N9    C4     sing Y N 98  
DG  C8    N7     doub Y N 99  
DG  C8    H8     sing N N 100 
DG  N7    C5     sing Y N 101 
DG  C5    C6     sing N N 102 
DG  C5    C4     doub Y N 103 
DG  C6    O6     doub N N 104 
DG  C6    N1     sing N N 105 
DG  N1    C2     sing N N 106 
DG  N1    H1     sing N N 107 
DG  C2    N2     sing N N 108 
DG  C2    N3     doub N N 109 
DG  N2    H21    sing N N 110 
DG  N2    H22    sing N N 111 
DG  N3    C4     sing N N 112 
DT  OP3   P      sing N N 113 
DT  OP3   HOP3   sing N N 114 
DT  P     OP1    doub N N 115 
DT  P     OP2    sing N N 116 
DT  P     "O5'"  sing N N 117 
DT  OP2   HOP2   sing N N 118 
DT  "O5'" "C5'"  sing N N 119 
DT  "C5'" "C4'"  sing N N 120 
DT  "C5'" "H5'"  sing N N 121 
DT  "C5'" "H5''" sing N N 122 
DT  "C4'" "O4'"  sing N N 123 
DT  "C4'" "C3'"  sing N N 124 
DT  "C4'" "H4'"  sing N N 125 
DT  "O4'" "C1'"  sing N N 126 
DT  "C3'" "O3'"  sing N N 127 
DT  "C3'" "C2'"  sing N N 128 
DT  "C3'" "H3'"  sing N N 129 
DT  "O3'" "HO3'" sing N N 130 
DT  "C2'" "C1'"  sing N N 131 
DT  "C2'" "H2'"  sing N N 132 
DT  "C2'" "H2''" sing N N 133 
DT  "C1'" N1     sing N N 134 
DT  "C1'" "H1'"  sing N N 135 
DT  N1    C2     sing N N 136 
DT  N1    C6     sing N N 137 
DT  C2    O2     doub N N 138 
DT  C2    N3     sing N N 139 
DT  N3    C4     sing N N 140 
DT  N3    H3     sing N N 141 
DT  C4    O4     doub N N 142 
DT  C4    C5     sing N N 143 
DT  C5    C7     sing N N 144 
DT  C5    C6     doub N N 145 
DT  C7    H71    sing N N 146 
DT  C7    H72    sing N N 147 
DT  C7    H73    sing N N 148 
DT  C6    H6     sing N N 149 
HOH O     H1     sing N N 150 
HOH O     H2     sing N N 151 
# 
loop_
_ndb_struct_conf_na.entry_id 
_ndb_struct_conf_na.feature 
1T4I 'double helix'        
1T4I 'b-form double helix' 
# 
loop_
_ndb_struct_na_base_pair.model_number 
_ndb_struct_na_base_pair.i_label_asym_id 
_ndb_struct_na_base_pair.i_label_comp_id 
_ndb_struct_na_base_pair.i_label_seq_id 
_ndb_struct_na_base_pair.i_symmetry 
_ndb_struct_na_base_pair.j_label_asym_id 
_ndb_struct_na_base_pair.j_label_comp_id 
_ndb_struct_na_base_pair.j_label_seq_id 
_ndb_struct_na_base_pair.j_symmetry 
_ndb_struct_na_base_pair.shear 
_ndb_struct_na_base_pair.stretch 
_ndb_struct_na_base_pair.stagger 
_ndb_struct_na_base_pair.buckle 
_ndb_struct_na_base_pair.propeller 
_ndb_struct_na_base_pair.opening 
_ndb_struct_na_base_pair.pair_number 
_ndb_struct_na_base_pair.pair_name 
_ndb_struct_na_base_pair.i_auth_asym_id 
_ndb_struct_na_base_pair.i_auth_seq_id 
_ndb_struct_na_base_pair.i_PDB_ins_code 
_ndb_struct_na_base_pair.j_auth_asym_id 
_ndb_struct_na_base_pair.j_auth_seq_id 
_ndb_struct_na_base_pair.j_PDB_ins_code 
_ndb_struct_na_base_pair.hbond_type_28 
_ndb_struct_na_base_pair.hbond_type_12 
1 A DG 1  1_555 B DC 10 1_555 -1.139 -0.581 0.021  1.984   -3.475  1.626  1  A_DG1:DC10_B A 1  ? B 10 ? 19 1 
1 A DC 2  1_555 B DG 9  1_555 0.683  -0.824 0.353  -9.402  -14.836 -6.049 2  A_DC2:DG9_B  A 2  ? B 9  ? 19 1 
1 A DT 3  1_555 B DA 8  1_555 0.100  -0.523 0.016  -3.567  -10.730 -6.228 3  A_DT3:DA8_B  A 3  ? B 8  ? 20 1 
1 A DT 4  1_555 B DA 7  1_555 -0.261 -0.593 -0.421 15.321  -10.064 1.069  4  A_DT4:DA7_B  A 4  ? B 7  ? 20 1 
1 A DA 5  1_555 B DT 6  1_555 0.015  -0.601 0.398  17.630  -0.194  -8.976 5  A_DA5:DT6_B  A 5  ? B 6  ? 20 1 
1 A DA 6  1_555 B DT 5  1_555 0.057  -0.144 -1.428 -29.687 -25.899 -7.025 6  A_DA6:DT5_B  A 6  ? B 5  ? 20 1 
1 A DT 7  1_555 B DA 4  1_555 0.255  -0.431 -0.098 4.083   -20.879 -2.911 7  A_DT7:DA4_B  A 7  ? B 4  ? 20 1 
1 A DT 8  1_555 B DA 3  1_555 1.040  -0.538 0.381  -0.649  -9.843  8.226  8  A_DT8:DA3_B  A 8  ? B 3  ? 20 1 
1 A DC 9  1_555 B DG 2  1_555 1.429  -0.947 -0.199 10.512  -21.180 -0.416 9  A_DC9:DG2_B  A 9  ? B 2  ? 19 1 
1 A DG 10 1_555 B DC 1  1_555 -0.405 -0.694 0.527  10.996  -3.259  -8.321 10 A_DG10:DC1_B A 10 ? B 1  ? 19 1 
1 C DG 1  1_555 D DC 10 1_555 -0.078 -0.353 -0.106 2.914   -4.817  -6.699 11 C_DG1:DC10_D C 1  ? D 10 ? 19 1 
1 C DC 2  1_555 D DG 9  1_555 -0.070 -0.102 0.578  -6.300  -7.266  7.169  12 C_DC2:DG9_D  C 2  ? D 9  ? 19 1 
1 C DT 3  1_555 D DA 8  1_555 0.456  -0.166 -0.020 -2.665  -10.889 -2.240 13 C_DT3:DA8_D  C 3  ? D 8  ? 20 1 
1 C DT 4  1_555 D DA 7  1_555 0.376  -0.543 0.400  2.106   -11.672 0.596  14 C_DT4:DA7_D  C 4  ? D 7  ? 20 1 
1 C DA 5  1_555 D DT 6  1_555 -0.121 -0.646 0.616  16.112  0.873   -4.441 15 C_DA5:DT6_D  C 5  ? D 6  ? 20 1 
1 C DA 6  1_555 D DT 5  1_555 0.726  -0.660 -1.390 -34.254 -23.950 7.517  16 C_DA6:DT5_D  C 6  ? D 5  ? 20 1 
1 C DT 7  1_555 D DA 4  1_555 0.705  -0.619 0.521  -7.368  -22.984 3.407  17 C_DT7:DA4_D  C 7  ? D 4  ? 20 1 
1 C DT 8  1_555 D DA 3  1_555 0.457  -0.480 0.008  0.011   -17.335 -7.780 18 C_DT8:DA3_D  C 8  ? D 3  ? 20 1 
1 C DC 9  1_555 D DG 2  1_555 0.825  -0.409 -0.239 11.423  -21.043 3.304  19 C_DC9:DG2_D  C 9  ? D 2  ? 19 1 
1 C DG 10 1_555 D DC 1  1_555 0.970  -0.395 -0.010 7.408   5.889   -8.513 20 C_DG10:DC1_D C 10 ? D 1  ? 19 1 
# 
loop_
_ndb_struct_na_base_pair_step.model_number 
_ndb_struct_na_base_pair_step.i_label_asym_id_1 
_ndb_struct_na_base_pair_step.i_label_comp_id_1 
_ndb_struct_na_base_pair_step.i_label_seq_id_1 
_ndb_struct_na_base_pair_step.i_symmetry_1 
_ndb_struct_na_base_pair_step.j_label_asym_id_1 
_ndb_struct_na_base_pair_step.j_label_comp_id_1 
_ndb_struct_na_base_pair_step.j_label_seq_id_1 
_ndb_struct_na_base_pair_step.j_symmetry_1 
_ndb_struct_na_base_pair_step.i_label_asym_id_2 
_ndb_struct_na_base_pair_step.i_label_comp_id_2 
_ndb_struct_na_base_pair_step.i_label_seq_id_2 
_ndb_struct_na_base_pair_step.i_symmetry_2 
_ndb_struct_na_base_pair_step.j_label_asym_id_2 
_ndb_struct_na_base_pair_step.j_label_comp_id_2 
_ndb_struct_na_base_pair_step.j_label_seq_id_2 
_ndb_struct_na_base_pair_step.j_symmetry_2 
_ndb_struct_na_base_pair_step.shift 
_ndb_struct_na_base_pair_step.slide 
_ndb_struct_na_base_pair_step.rise 
_ndb_struct_na_base_pair_step.tilt 
_ndb_struct_na_base_pair_step.roll 
_ndb_struct_na_base_pair_step.twist 
_ndb_struct_na_base_pair_step.x_displacement 
_ndb_struct_na_base_pair_step.y_displacement 
_ndb_struct_na_base_pair_step.helical_rise 
_ndb_struct_na_base_pair_step.inclination 
_ndb_struct_na_base_pair_step.tip 
_ndb_struct_na_base_pair_step.helical_twist 
_ndb_struct_na_base_pair_step.step_number 
_ndb_struct_na_base_pair_step.step_name 
_ndb_struct_na_base_pair_step.i_auth_asym_id_1 
_ndb_struct_na_base_pair_step.i_auth_seq_id_1 
_ndb_struct_na_base_pair_step.i_PDB_ins_code_1 
_ndb_struct_na_base_pair_step.j_auth_asym_id_1 
_ndb_struct_na_base_pair_step.j_auth_seq_id_1 
_ndb_struct_na_base_pair_step.j_PDB_ins_code_1 
_ndb_struct_na_base_pair_step.i_auth_asym_id_2 
_ndb_struct_na_base_pair_step.i_auth_seq_id_2 
_ndb_struct_na_base_pair_step.i_PDB_ins_code_2 
_ndb_struct_na_base_pair_step.j_auth_asym_id_2 
_ndb_struct_na_base_pair_step.j_auth_seq_id_2 
_ndb_struct_na_base_pair_step.j_PDB_ins_code_2 
1 A DG 1 1_555 B DC 10 1_555 A DC 2  1_555 B DG 9 1_555 -0.904 -0.072 3.546 -1.433  -4.027 47.044 0.268  1.002  3.565 -5.033 1.791 
47.227 1  AA_DG1DC2:DG9DC10_BB A 1 ? B 10 ? A 2  ? B 9 ? 
1 A DC 2 1_555 B DG 9  1_555 A DT 3  1_555 B DA 8 1_555 -0.454 -0.023 3.046 2.970   7.018  30.574 -1.255 1.349  2.913 13.056 
-5.525  31.487 2  AA_DC2DT3:DA8DG9_BB  A 2 ? B 9  ? A 3  ? B 8 ? 
1 A DT 3 1_555 B DA 8  1_555 A DT 4  1_555 B DA 7 1_555 0.394  0.246  2.739 1.139   -3.595 30.535 1.051  -0.556 2.706 -6.794 
-2.152  30.761 3  AA_DT3DT4:DA7DA8_BB  A 3 ? B 8  ? A 4  ? B 7 ? 
1 A DT 4 1_555 B DA 7  1_555 A DA 5  1_555 B DT 6 1_555 1.371  0.346  3.063 -3.385  3.467  39.969 0.140  -2.346 2.961 5.049  4.931 
40.249 4  AA_DT4DA5:DT6DA7_BB  A 4 ? B 7  ? A 5  ? B 6 ? 
1 A DA 5 1_555 B DT 6  1_555 A DA 6  1_555 B DT 5 1_555 -1.343 -0.065 4.314 18.278  26.452 23.471 -3.887 4.601  1.935 45.073 
-31.144 39.625 5  AA_DA5DA6:DT5DT6_BB  A 5 ? B 6  ? A 6  ? B 5 ? 
1 A DA 6 1_555 B DT 5  1_555 A DT 7  1_555 B DA 4 1_555 0.505  -0.221 2.513 -15.488 1.813  24.588 -0.729 -3.478 1.855 3.808  
32.521  29.051 6  AA_DA6DT7:DA4DT5_BB  A 6 ? B 5  ? A 7  ? B 4 ? 
1 A DT 7 1_555 B DA 4  1_555 A DT 8  1_555 B DA 3 1_555 0.680  -0.209 3.448 -0.649  1.379  35.195 -0.561 -1.224 3.424 2.279  1.073 
35.227 7  AA_DT7DT8:DA3DA4_BB  A 7 ? B 4  ? A 8  ? B 3 ? 
1 A DT 8 1_555 B DA 3  1_555 A DC 9  1_555 B DG 2 1_555 -0.292 1.008  3.033 8.547   -0.187 50.254 1.185  0.888  2.946 -0.218 
-9.981  50.930 8  AA_DT8DC9:DG2DA3_BB  A 8 ? B 3  ? A 9  ? B 2 ? 
1 A DC 9 1_555 B DG 2  1_555 A DG 10 1_555 B DC 1 1_555 -0.425 0.398  3.297 -4.828  3.660  27.119 -0.075 -0.308 3.344 7.684  
10.135  27.775 9  AA_DC9DG10:DC1DG2_BB A 9 ? B 2  ? A 10 ? B 1 ? 
1 C DG 1 1_555 D DC 10 1_555 C DC 2  1_555 D DG 9 1_555 0.508  -0.558 3.315 -3.908  -1.851 30.310 -0.688 -1.741 3.253 -3.517 7.426 
30.610 10 CC_DG1DC2:DG9DC10_DD C 1 ? D 10 ? C 2  ? D 9 ? 
1 C DC 2 1_555 D DG 9  1_555 C DT 3  1_555 D DA 8 1_555 -0.564 -0.208 2.957 4.405   1.494  32.758 -0.590 1.653  2.847 2.633  
-7.762  33.077 11 CC_DC2DT3:DA8DG9_DD  C 2 ? D 9  ? C 3  ? D 8 ? 
1 C DT 3 1_555 D DA 8  1_555 C DT 4  1_555 D DA 7 1_555 1.020  -0.007 3.050 -0.870  6.706  36.447 -0.847 -1.713 2.978 10.610 1.377 
37.048 12 CC_DT3DT4:DA7DA8_DD  C 3 ? D 8  ? C 4  ? D 7 ? 
1 C DT 4 1_555 D DA 7  1_555 C DA 5  1_555 D DT 6 1_555 0.605  -0.591 2.736 -0.656  -3.109 38.089 -0.573 -0.993 2.763 -4.754 1.002 
38.216 13 CC_DT4DA5:DT6DA7_DD  C 4 ? D 7  ? C 5  ? D 6 ? 
1 C DA 5 1_555 D DT 6  1_555 C DA 6  1_555 D DT 5 1_555 -1.201 -0.221 4.241 22.339  21.456 32.932 -2.629 4.008  2.464 30.721 
-31.985 44.914 14 CC_DA5DA6:DT5DT6_DD  C 5 ? D 6  ? C 6  ? D 5 ? 
1 C DA 6 1_555 D DT 5  1_555 C DT 7  1_555 D DA 4 1_555 -0.224 -0.533 2.709 -20.573 1.400  23.611 -1.217 -2.932 2.179 2.828  
41.547  31.251 15 CC_DA6DT7:DA4DT5_DD  C 6 ? D 5  ? C 7  ? D 4 ? 
1 C DT 7 1_555 D DA 4  1_555 C DT 8  1_555 D DA 3 1_555 -1.244 -0.037 2.880 3.010   3.477  34.823 -0.510 2.451  2.749 5.779  
-5.002  35.116 16 CC_DT7DT8:DA3DA4_DD  C 7 ? D 4  ? C 8  ? D 3 ? 
1 C DT 8 1_555 D DA 3  1_555 C DC 9  1_555 D DG 2 1_555 0.246  0.701  2.858 5.403   5.981  33.671 0.350  0.336  2.939 10.146 
-9.165  34.595 17 CC_DT8DC9:DG2DA3_DD  C 8 ? D 3  ? C 9  ? D 2 ? 
1 C DC 9 1_555 D DG 2  1_555 C DG 10 1_555 D DC 1 1_555 -1.144 1.003  3.409 -5.055  -3.705 43.061 1.730  1.031  3.422 -5.015 6.843 
43.493 18 CC_DC9DG10:DC1DG2_DD C 9 ? D 2  ? C 10 ? D 1 ? 
# 
_atom_sites.entry_id                    1T4I 
_atom_sites.fract_transf_matrix[1][1]   -0.00787880 
_atom_sites.fract_transf_matrix[1][2]   0.02600372 
_atom_sites.fract_transf_matrix[1][3]   -0.03880390 
_atom_sites.fract_transf_matrix[2][1]   -0.01721654 
_atom_sites.fract_transf_matrix[2][2]   0.00350184 
_atom_sites.fract_transf_matrix[2][3]   0.00584237 
_atom_sites.fract_transf_matrix[3][1]   0.00442308 
_atom_sites.fract_transf_matrix[3][2]   0.01097438 
_atom_sites.fract_transf_matrix[3][3]   0.00645621 
_atom_sites.fract_transf_vector[1]      0.750970 
_atom_sites.fract_transf_vector[2]      0.501903 
_atom_sites.fract_transf_vector[3]      0.540671 
# 
loop_
_atom_type.symbol 
C 
N 
O 
P 
# 
loop_
_atom_site.group_PDB 
_atom_site.id 
_atom_site.type_symbol 
_atom_site.label_atom_id 
_atom_site.label_alt_id 
_atom_site.label_comp_id 
_atom_site.label_asym_id 
_atom_site.label_entity_id 
_atom_site.label_seq_id 
_atom_site.pdbx_PDB_ins_code 
_atom_site.Cartn_x 
_atom_site.Cartn_y 
_atom_site.Cartn_z 
_atom_site.occupancy 
_atom_site.B_iso_or_equiv 
_atom_site.pdbx_formal_charge 
_atom_site.auth_seq_id 
_atom_site.auth_comp_id 
_atom_site.auth_asym_id 
_atom_site.auth_atom_id 
_atom_site.pdbx_PDB_model_num 
ATOM   1   O "O5'" . DG  A 1 1  ? -11.945 4.475   -3.846  1.00 30.36 ? 1    DG  A "O5'" 1 
ATOM   2   C "C5'" . DG  A 1 1  ? -10.686 4.388   -3.158  1.00 26.22 ? 1    DG  A "C5'" 1 
ATOM   3   C "C4'" . DG  A 1 1  ? -10.056 5.762   -3.145  1.00 23.22 ? 1    DG  A "C4'" 1 
ATOM   4   O "O4'" . DG  A 1 1  ? -10.752 6.586   -2.205  1.00 24.01 ? 1    DG  A "O4'" 1 
ATOM   5   C "C3'" . DG  A 1 1  ? -8.659  5.752   -2.731  1.00 22.18 ? 1    DG  A "C3'" 1 
ATOM   6   O "O3'" . DG  A 1 1  ? -8.045  6.759   -3.392  1.00 26.72 ? 1    DG  A "O3'" 1 
ATOM   7   C "C2'" . DG  A 1 1  ? -8.719  6.183   -1.291  1.00 24.19 ? 1    DG  A "C2'" 1 
ATOM   8   C "C1'" . DG  A 1 1  ? -9.792  7.216   -1.290  1.00 21.86 ? 1    DG  A "C1'" 1 
ATOM   9   N N9    . DG  A 1 1  ? -10.309 7.391   0.108   1.00 20.46 ? 1    DG  A N9    1 
ATOM   10  C C8    . DG  A 1 1  ? -10.868 6.441   0.893   1.00 20.59 ? 1    DG  A C8    1 
ATOM   11  N N7    . DG  A 1 1  ? -11.255 6.849   2.059   1.00 22.00 ? 1    DG  A N7    1 
ATOM   12  C C5    . DG  A 1 1  ? -10.912 8.172   2.053   1.00 20.46 ? 1    DG  A C5    1 
ATOM   13  C C6    . DG  A 1 1  ? -11.065 9.094   3.057   1.00 21.53 ? 1    DG  A C6    1 
ATOM   14  O O6    . DG  A 1 1  ? -11.559 8.935   4.165   1.00 26.21 ? 1    DG  A O6    1 
ATOM   15  N N1    . DG  A 1 1  ? -10.604 10.314  2.708   1.00 20.82 ? 1    DG  A N1    1 
ATOM   16  C C2    . DG  A 1 1  ? -10.058 10.635  1.536   1.00 20.46 ? 1    DG  A C2    1 
ATOM   17  N N2    . DG  A 1 1  ? -9.745  11.922  1.404   1.00 20.46 ? 1    DG  A N2    1 
ATOM   18  N N3    . DG  A 1 1  ? -9.901  9.752   0.574   1.00 20.46 ? 1    DG  A N3    1 
ATOM   19  C C4    . DG  A 1 1  ? -10.345 8.538   0.892   1.00 20.46 ? 1    DG  A C4    1 
ATOM   20  P P     . DC  A 1 2  ? -6.520  6.749   -3.798  1.00 30.70 ? 2    DC  A P     1 
ATOM   21  O OP1   . DC  A 1 2  ? -6.521  6.995   -5.261  1.00 31.93 ? 2    DC  A OP1   1 
ATOM   22  O OP2   . DC  A 1 2  ? -5.938  5.515   -3.249  1.00 28.85 ? 2    DC  A OP2   1 
ATOM   23  O "O5'" . DC  A 1 2  ? -5.969  8.037   -3.069  1.00 25.80 ? 2    DC  A "O5'" 1 
ATOM   24  C "C5'" . DC  A 1 2  ? -6.157  9.305   -3.656  1.00 24.25 ? 2    DC  A "C5'" 1 
ATOM   25  C "C4'" . DC  A 1 2  ? -6.004  10.461  -2.622  1.00 24.54 ? 2    DC  A "C4'" 1 
ATOM   26  O "O4'" . DC  A 1 2  ? -6.868  10.092  -1.562  1.00 22.25 ? 2    DC  A "O4'" 1 
ATOM   27  C "C3'" . DC  A 1 2  ? -4.706  10.558  -1.842  1.00 24.39 ? 2    DC  A "C3'" 1 
ATOM   28  O "O3'" . DC  A 1 2  ? -3.812  11.466  -2.476  1.00 26.26 ? 2    DC  A "O3'" 1 
ATOM   29  C "C2'" . DC  A 1 2  ? -5.171  11.166  -0.578  1.00 22.55 ? 2    DC  A "C2'" 1 
ATOM   30  C "C1'" . DC  A 1 2  ? -6.476  10.712  -0.392  1.00 20.46 ? 2    DC  A "C1'" 1 
ATOM   31  N N1    . DC  A 1 2  ? -6.605  9.779   0.662   1.00 20.46 ? 2    DC  A N1    1 
ATOM   32  C C2    . DC  A 1 2  ? -6.824  10.305  1.913   1.00 20.46 ? 2    DC  A C2    1 
ATOM   33  O O2    . DC  A 1 2  ? -6.703  11.510  2.151   1.00 20.46 ? 2    DC  A O2    1 
ATOM   34  N N3    . DC  A 1 2  ? -7.155  9.445   2.885   1.00 20.46 ? 2    DC  A N3    1 
ATOM   35  C C4    . DC  A 1 2  ? -7.255  8.165   2.647   1.00 20.46 ? 2    DC  A C4    1 
ATOM   36  N N4    . DC  A 1 2  ? -7.652  7.388   3.617   1.00 21.04 ? 2    DC  A N4    1 
ATOM   37  C C5    . DC  A 1 2  ? -7.013  7.609   1.382   1.00 20.46 ? 2    DC  A C5    1 
ATOM   38  C C6    . DC  A 1 2  ? -6.684  8.466   0.422   1.00 20.46 ? 2    DC  A C6    1 
ATOM   39  P P     . DT  A 1 3  ? -2.300  11.649  -2.047  1.00 25.52 ? 3    DT  A P     1 
ATOM   40  O OP1   . DT  A 1 3  ? -1.671  12.632  -2.912  1.00 27.08 ? 3    DT  A OP1   1 
ATOM   41  O OP2   . DT  A 1 3  ? -1.719  10.326  -1.863  1.00 25.43 ? 3    DT  A OP2   1 
ATOM   42  O "O5'" . DT  A 1 3  ? -2.646  12.362  -0.693  1.00 24.32 ? 3    DT  A "O5'" 1 
ATOM   43  C "C5'" . DT  A 1 3  ? -3.185  13.671  -0.784  1.00 24.50 ? 3    DT  A "C5'" 1 
ATOM   44  C "C4'" . DT  A 1 3  ? -2.840  14.315  0.498   1.00 24.08 ? 3    DT  A "C4'" 1 
ATOM   45  O "O4'" . DT  A 1 3  ? -3.398  13.501  1.479   1.00 24.34 ? 3    DT  A "O4'" 1 
ATOM   46  C "C3'" . DT  A 1 3  ? -1.326  14.316  0.774   1.00 25.46 ? 3    DT  A "C3'" 1 
ATOM   47  O "O3'" . DT  A 1 3  ? -0.981  15.525  1.425   1.00 25.32 ? 3    DT  A "O3'" 1 
ATOM   48  C "C2'" . DT  A 1 3  ? -1.127  13.122  1.617   1.00 23.57 ? 3    DT  A "C2'" 1 
ATOM   49  C "C1'" . DT  A 1 3  ? -2.428  12.999  2.294   1.00 22.27 ? 3    DT  A "C1'" 1 
ATOM   50  N N1    . DT  A 1 3  ? -2.880  11.652  2.558   1.00 20.46 ? 3    DT  A N1    1 
ATOM   51  C C2    . DT  A 1 3  ? -3.415  11.478  3.768   1.00 20.88 ? 3    DT  A C2    1 
ATOM   52  O O2    . DT  A 1 3  ? -3.480  12.401  4.583   1.00 25.58 ? 3    DT  A O2    1 
ATOM   53  N N3    . DT  A 1 3  ? -3.867  10.245  4.047   1.00 20.46 ? 3    DT  A N3    1 
ATOM   54  C C4    . DT  A 1 3  ? -3.822  9.195   3.218   1.00 20.69 ? 3    DT  A C4    1 
ATOM   55  O O4    . DT  A 1 3  ? -4.283  8.127   3.552   1.00 24.79 ? 3    DT  A O4    1 
ATOM   56  C C5    . DT  A 1 3  ? -3.239  9.454   1.963   1.00 20.46 ? 3    DT  A C5    1 
ATOM   57  C C7    . DT  A 1 3  ? -3.157  8.327   0.915   1.00 20.46 ? 3    DT  A C7    1 
ATOM   58  C C6    . DT  A 1 3  ? -2.792  10.680  1.692   1.00 20.46 ? 3    DT  A C6    1 
ATOM   59  P P     . DT  A 1 4  ? 0.369   15.788  2.210   1.00 26.02 ? 4    DT  A P     1 
ATOM   60  O OP1   . DT  A 1 4  ? 0.577   17.256  2.395   1.00 24.21 ? 4    DT  A OP1   1 
ATOM   61  O OP2   . DT  A 1 4  ? 1.461   14.845  1.783   1.00 28.05 ? 4    DT  A OP2   1 
ATOM   62  O "O5'" . DT  A 1 4  ? -0.194  15.264  3.504   1.00 24.77 ? 4    DT  A "O5'" 1 
ATOM   63  C "C5'" . DT  A 1 4  ? -0.897  16.182  4.329   1.00 25.79 ? 4    DT  A "C5'" 1 
ATOM   64  C "C4'" . DT  A 1 4  ? -0.747  15.634  5.664   1.00 21.72 ? 4    DT  A "C4'" 1 
ATOM   65  O "O4'" . DT  A 1 4  ? -1.134  14.268  5.681   1.00 22.29 ? 4    DT  A "O4'" 1 
ATOM   66  C "C3'" . DT  A 1 4  ? 0.711   15.689  5.952   1.00 23.01 ? 4    DT  A "C3'" 1 
ATOM   67  O "O3'" . DT  A 1 4  ? 0.682   16.347  7.170   1.00 26.66 ? 4    DT  A "O3'" 1 
ATOM   68  C "C2'" . DT  A 1 4  ? 1.186   14.252  5.906   1.00 22.51 ? 4    DT  A "C2'" 1 
ATOM   69  C "C1'" . DT  A 1 4  ? -0.056  13.531  6.174   1.00 21.02 ? 4    DT  A "C1'" 1 
ATOM   70  N N1    . DT  A 1 4  ? -0.238  12.234  5.566   1.00 21.69 ? 4    DT  A N1    1 
ATOM   71  C C2    . DT  A 1 4  ? -1.083  11.411  6.280   1.00 20.61 ? 4    DT  A C2    1 
ATOM   72  O O2    . DT  A 1 4  ? -1.621  11.757  7.327   1.00 22.91 ? 4    DT  A O2    1 
ATOM   73  N N3    . DT  A 1 4  ? -1.285  10.158  5.781   1.00 20.46 ? 4    DT  A N3    1 
ATOM   74  C C4    . DT  A 1 4  ? -0.744  9.633   4.674   1.00 21.86 ? 4    DT  A C4    1 
ATOM   75  O O4    . DT  A 1 4  ? -0.979  8.468   4.385   1.00 24.21 ? 4    DT  A O4    1 
ATOM   76  C C5    . DT  A 1 4  ? 0.131   10.528  3.968   1.00 21.60 ? 4    DT  A C5    1 
ATOM   77  C C7    . DT  A 1 4  ? 0.802   10.003  2.724   1.00 23.66 ? 4    DT  A C7    1 
ATOM   78  C C6    . DT  A 1 4  ? 0.362   11.789  4.413   1.00 22.96 ? 4    DT  A C6    1 
ATOM   79  P P     . DA  A 1 5  ? 2.004   16.947  7.872   1.00 32.23 ? 5    DA  A P     1 
ATOM   80  O OP1   . DA  A 1 5  ? 1.597   18.029  8.831   1.00 28.24 ? 5    DA  A OP1   1 
ATOM   81  O OP2   . DA  A 1 5  ? 3.106   17.052  6.873   1.00 26.23 ? 5    DA  A OP2   1 
ATOM   82  O "O5'" . DA  A 1 5  ? 2.063   15.565  8.538   1.00 25.74 ? 5    DA  A "O5'" 1 
ATOM   83  C "C5'" . DA  A 1 5  ? 1.536   15.229  9.796   1.00 25.05 ? 5    DA  A "C5'" 1 
ATOM   84  C "C4'" . DA  A 1 5  ? 2.105   13.862  10.002  1.00 23.26 ? 5    DA  A "C4'" 1 
ATOM   85  O "O4'" . DA  A 1 5  ? 1.572   12.963  9.070   1.00 23.97 ? 5    DA  A "O4'" 1 
ATOM   86  C "C3'" . DA  A 1 5  ? 3.520   13.883  9.511   1.00 26.27 ? 5    DA  A "C3'" 1 
ATOM   87  O "O3'" . DA  A 1 5  ? 4.315   14.563  10.519  1.00 28.71 ? 5    DA  A "O3'" 1 
ATOM   88  C "C2'" . DA  A 1 5  ? 3.853   12.520  9.148   1.00 25.40 ? 5    DA  A "C2'" 1 
ATOM   89  C "C1'" . DA  A 1 5  ? 2.510   11.944  9.021   1.00 23.32 ? 5    DA  A "C1'" 1 
ATOM   90  N N9    . DA  A 1 5  ? 2.464   11.193  7.801   1.00 21.46 ? 5    DA  A N9    1 
ATOM   91  C C8    . DA  A 1 5  ? 3.027   11.445  6.587   1.00 21.28 ? 5    DA  A C8    1 
ATOM   92  N N7    . DA  A 1 5  ? 2.885   10.458  5.748   1.00 20.46 ? 5    DA  A N7    1 
ATOM   93  C C5    . DA  A 1 5  ? 2.180   9.532   6.473   1.00 20.46 ? 5    DA  A C5    1 
ATOM   94  C C6    . DA  A 1 5  ? 1.702   8.315   6.132   1.00 20.77 ? 5    DA  A C6    1 
ATOM   95  N N6    . DA  A 1 5  ? 1.930   7.899   4.914   1.00 20.46 ? 5    DA  A N6    1 
ATOM   96  N N1    . DA  A 1 5  ? 1.007   7.618   7.019   1.00 20.46 ? 5    DA  A N1    1 
ATOM   97  C C2    . DA  A 1 5  ? 0.820   8.141   8.189   1.00 20.46 ? 5    DA  A C2    1 
ATOM   98  N N3    . DA  A 1 5  ? 1.230   9.307   8.643   1.00 20.46 ? 5    DA  A N3    1 
ATOM   99  C C4    . DA  A 1 5  ? 1.913   9.957   7.708   1.00 20.46 ? 5    DA  A C4    1 
ATOM   100 P P     . DA  A 1 6  ? 5.131   13.995  11.650  1.00 28.79 ? 6    DA  A P     1 
ATOM   101 O OP1   . DA  A 1 6  ? 5.194   15.001  12.744  1.00 31.15 ? 6    DA  A OP1   1 
ATOM   102 O OP2   . DA  A 1 6  ? 6.368   13.446  11.004  1.00 29.93 ? 6    DA  A OP2   1 
ATOM   103 O "O5'" . DA  A 1 6  ? 4.041   12.828  12.026  1.00 27.74 ? 6    DA  A "O5'" 1 
ATOM   104 C "C5'" . DA  A 1 6  ? 3.385   12.587  13.275  1.00 26.17 ? 6    DA  A "C5'" 1 
ATOM   105 C "C4'" . DA  A 1 6  ? 3.627   11.204  13.753  1.00 23.41 ? 6    DA  A "C4'" 1 
ATOM   106 O "O4'" . DA  A 1 6  ? 3.353   10.242  12.697  1.00 23.93 ? 6    DA  A "O4'" 1 
ATOM   107 C "C3'" . DA  A 1 6  ? 5.098   11.084  14.035  1.00 23.70 ? 6    DA  A "C3'" 1 
ATOM   108 O "O3'" . DA  A 1 6  ? 5.254   10.267  15.158  1.00 25.96 ? 6    DA  A "O3'" 1 
ATOM   109 C "C2'" . DA  A 1 6  ? 5.692   10.424  12.783  1.00 23.70 ? 6    DA  A "C2'" 1 
ATOM   110 C "C1'" . DA  A 1 6  ? 4.592   9.494   12.424  1.00 21.88 ? 6    DA  A "C1'" 1 
ATOM   111 N N9    . DA  A 1 6  ? 4.772   9.113   11.030  1.00 20.46 ? 6    DA  A N9    1 
ATOM   112 C C8    . DA  A 1 6  ? 5.221   9.882   10.059  1.00 20.46 ? 6    DA  A C8    1 
ATOM   113 N N7    . DA  A 1 6  ? 5.155   9.344   8.904   1.00 20.85 ? 6    DA  A N7    1 
ATOM   114 C C5    . DA  A 1 6  ? 4.630   8.100   9.123   1.00 20.46 ? 6    DA  A C5    1 
ATOM   115 C C6    . DA  A 1 6  ? 4.400   7.041   8.305   1.00 20.51 ? 6    DA  A C6    1 
ATOM   116 N N6    . DA  A 1 6  ? 4.649   7.072   6.999   1.00 22.79 ? 6    DA  A N6    1 
ATOM   117 N N1    . DA  A 1 6  ? 3.954   5.923   8.854   1.00 23.99 ? 6    DA  A N1    1 
ATOM   118 C C2    . DA  A 1 6  ? 3.743   5.847   10.138  1.00 22.27 ? 6    DA  A C2    1 
ATOM   119 N N3    . DA  A 1 6  ? 3.932   6.795   10.982  1.00 21.47 ? 6    DA  A N3    1 
ATOM   120 C C4    . DA  A 1 6  ? 4.388   7.924   10.416  1.00 20.46 ? 6    DA  A C4    1 
ATOM   121 P P     . DT  A 1 7  ? 6.643   9.592   15.546  1.00 29.75 ? 7    DT  A P     1 
ATOM   122 O OP1   . DT  A 1 7  ? 6.538   9.157   16.944  1.00 31.25 ? 7    DT  A OP1   1 
ATOM   123 O OP2   . DT  A 1 7  ? 7.817   10.332  15.016  1.00 31.09 ? 7    DT  A OP2   1 
ATOM   124 O "O5'" . DT  A 1 7  ? 6.560   8.240   14.714  1.00 29.55 ? 7    DT  A "O5'" 1 
ATOM   125 C "C5'" . DT  A 1 7  ? 5.609   7.277   15.053  1.00 25.71 ? 7    DT  A "C5'" 1 
ATOM   126 C "C4'" . DT  A 1 7  ? 5.917   6.067   14.384  1.00 25.90 ? 7    DT  A "C4'" 1 
ATOM   127 O "O4'" . DT  A 1 7  ? 5.929   6.166   12.997  1.00 26.82 ? 7    DT  A "O4'" 1 
ATOM   128 C "C3'" . DT  A 1 7  ? 7.327   5.772   14.715  1.00 28.10 ? 7    DT  A "C3'" 1 
ATOM   129 O "O3'" . DT  A 1 7  ? 7.367   4.340   14.798  1.00 29.95 ? 7    DT  A "O3'" 1 
ATOM   130 C "C2'" . DT  A 1 7  ? 8.096   6.352   13.519  1.00 26.11 ? 7    DT  A "C2'" 1 
ATOM   131 C "C1'" . DT  A 1 7  ? 7.199   5.795   12.536  1.00 24.10 ? 7    DT  A "C1'" 1 
ATOM   132 N N1    . DT  A 1 7  ? 7.404   6.313   11.215  1.00 22.42 ? 7    DT  A N1    1 
ATOM   133 C C2    . DT  A 1 7  ? 7.050   5.411   10.240  1.00 22.94 ? 7    DT  A C2    1 
ATOM   134 O O2    . DT  A 1 7  ? 6.537   4.281   10.433  1.00 24.07 ? 7    DT  A O2    1 
ATOM   135 N N3    . DT  A 1 7  ? 7.307   5.869   8.978   1.00 21.87 ? 7    DT  A N3    1 
ATOM   136 C C4    . DT  A 1 7  ? 7.844   7.056   8.626   1.00 21.75 ? 7    DT  A C4    1 
ATOM   137 O O4    . DT  A 1 7  ? 8.039   7.281   7.442   1.00 26.40 ? 7    DT  A O4    1 
ATOM   138 C C5    . DT  A 1 7  ? 8.154   7.910   9.685   1.00 20.46 ? 7    DT  A C5    1 
ATOM   139 C C7    . DT  A 1 7  ? 8.709   9.245   9.339   1.00 22.41 ? 7    DT  A C7    1 
ATOM   140 C C6    . DT  A 1 7  ? 7.939   7.535   10.929  1.00 21.94 ? 7    DT  A C6    1 
ATOM   141 P P     . DT  A 1 8  ? 8.548   3.661   15.626  1.00 27.73 ? 8    DT  A P     1 
ATOM   142 O OP1   . DT  A 1 8  ? 8.153   3.521   17.053  1.00 32.71 ? 8    DT  A OP1   1 
ATOM   143 O OP2   . DT  A 1 8  ? 9.827   4.324   15.271  1.00 26.01 ? 8    DT  A OP2   1 
ATOM   144 O "O5'" . DT  A 1 8  ? 8.609   2.236   15.038  1.00 25.11 ? 8    DT  A "O5'" 1 
ATOM   145 C "C5'" . DT  A 1 8  ? 7.694   1.830   14.032  1.00 25.11 ? 8    DT  A "C5'" 1 
ATOM   146 C "C4'" . DT  A 1 8  ? 8.459   1.262   12.864  1.00 25.11 ? 8    DT  A "C4'" 1 
ATOM   147 O "O4'" . DT  A 1 8  ? 8.653   2.222   11.793  1.00 25.11 ? 8    DT  A "O4'" 1 
ATOM   148 C "C3'" . DT  A 1 8  ? 9.860   0.796   13.259  1.00 25.11 ? 8    DT  A "C3'" 1 
ATOM   149 O "O3'" . DT  A 1 8  ? 10.159  -0.395  12.567  1.00 25.11 ? 8    DT  A "O3'" 1 
ATOM   150 C "C2'" . DT  A 1 8  ? 10.755  1.894   12.718  1.00 25.11 ? 8    DT  A "C2'" 1 
ATOM   151 C "C1'" . DT  A 1 8  ? 10.023  2.188   11.431  1.00 25.11 ? 8    DT  A "C1'" 1 
ATOM   152 N N1    . DT  A 1 8  ? 10.366  3.433   10.714  1.00 22.62 ? 8    DT  A N1    1 
ATOM   153 C C2    . DT  A 1 8  ? 10.317  3.367   9.344   1.00 25.40 ? 8    DT  A C2    1 
ATOM   154 O O2    . DT  A 1 8  ? 10.010  2.351   8.743   1.00 29.93 ? 8    DT  A O2    1 
ATOM   155 N N3    . DT  A 1 8  ? 10.647  4.532   8.702   1.00 26.30 ? 8    DT  A N3    1 
ATOM   156 C C4    . DT  A 1 8  ? 11.029  5.722   9.280   1.00 26.23 ? 8    DT  A C4    1 
ATOM   157 O O4    . DT  A 1 8  ? 11.299  6.681   8.567   1.00 32.20 ? 8    DT  A O4    1 
ATOM   158 C C5    . DT  A 1 8  ? 11.078  5.720   10.728  1.00 26.05 ? 8    DT  A C5    1 
ATOM   159 C C7    . DT  A 1 8  ? 11.530  6.956   11.443  1.00 25.46 ? 8    DT  A C7    1 
ATOM   160 C C6    . DT  A 1 8  ? 10.731  4.594   11.366  1.00 21.45 ? 8    DT  A C6    1 
ATOM   161 P P     . DC  A 1 9  ? 11.240  -1.395  13.166  1.00 28.22 ? 9    DC  A P     1 
ATOM   162 O OP1   . DC  A 1 9  ? 10.570  -2.309  14.139  1.00 28.03 ? 9    DC  A OP1   1 
ATOM   163 O OP2   . DC  A 1 9  ? 12.464  -0.653  13.557  1.00 26.79 ? 9    DC  A OP2   1 
ATOM   164 O "O5'" . DC  A 1 9  ? 11.635  -2.259  11.917  1.00 24.03 ? 9    DC  A "O5'" 1 
ATOM   165 C "C5'" . DC  A 1 9  ? 10.629  -2.857  11.103  1.00 20.46 ? 9    DC  A "C5'" 1 
ATOM   166 C "C4'" . DC  A 1 9  ? 11.134  -3.009  9.688   1.00 21.91 ? 9    DC  A "C4'" 1 
ATOM   167 O "O4'" . DC  A 1 9  ? 11.444  -1.698  9.167   1.00 22.03 ? 9    DC  A "O4'" 1 
ATOM   168 C "C3'" . DC  A 1 9  ? 12.427  -3.810  9.567   1.00 23.54 ? 9    DC  A "C3'" 1 
ATOM   169 O "O3'" . DC  A 1 9  ? 12.431  -4.468  8.310   1.00 22.63 ? 9    DC  A "O3'" 1 
ATOM   170 C "C2'" . DC  A 1 9  ? 13.500  -2.738  9.587   1.00 21.81 ? 9    DC  A "C2'" 1 
ATOM   171 C "C1'" . DC  A 1 9  ? 12.819  -1.609  8.844   1.00 21.14 ? 9    DC  A "C1'" 1 
ATOM   172 N N1    . DC  A 1 9  ? 13.261  -0.244  9.167   1.00 21.66 ? 9    DC  A N1    1 
ATOM   173 C C2    . DC  A 1 9  ? 13.092  0.740   8.204   1.00 21.27 ? 9    DC  A C2    1 
ATOM   174 O O2    . DC  A 1 9  ? 12.607  0.425   7.110   1.00 20.46 ? 9    DC  A O2    1 
ATOM   175 N N3    . DC  A 1 9  ? 13.458  2.008   8.482   1.00 20.46 ? 9    DC  A N3    1 
ATOM   176 C C4    . DC  A 1 9  ? 13.975  2.306   9.673   1.00 21.23 ? 9    DC  A C4    1 
ATOM   177 N N4    . DC  A 1 9  ? 14.301  3.584   9.913   1.00 21.49 ? 9    DC  A N4    1 
ATOM   178 C C5    . DC  A 1 9  ? 14.178  1.316   10.673  1.00 21.13 ? 9    DC  A C5    1 
ATOM   179 C C6    . DC  A 1 9  ? 13.810  0.064   10.382  1.00 22.62 ? 9    DC  A C6    1 
ATOM   180 P P     . DG  A 1 10 ? 13.399  -5.717  8.068   1.00 26.29 ? 10   DG  A P     1 
ATOM   181 O OP1   . DG  A 1 10 ? 12.625  -6.936  8.408   1.00 25.85 ? 10   DG  A OP1   1 
ATOM   182 O OP2   . DG  A 1 10 ? 14.724  -5.475  8.697   1.00 23.34 ? 10   DG  A OP2   1 
ATOM   183 O "O5'" . DG  A 1 10 ? 13.516  -5.777  6.520   1.00 21.64 ? 10   DG  A "O5'" 1 
ATOM   184 C "C5'" . DG  A 1 10 ? 13.650  -4.505  5.957   1.00 21.02 ? 10   DG  A "C5'" 1 
ATOM   185 C "C4'" . DG  A 1 10 ? 14.554  -4.523  4.764   1.00 21.99 ? 10   DG  A "C4'" 1 
ATOM   186 O "O4'" . DG  A 1 10 ? 14.952  -3.168  4.607   1.00 20.46 ? 10   DG  A "O4'" 1 
ATOM   187 C "C3'" . DG  A 1 10 ? 15.769  -5.406  4.969   1.00 20.51 ? 10   DG  A "C3'" 1 
ATOM   188 O "O3'" . DG  A 1 10 ? 16.568  -5.674  3.839   1.00 21.71 ? 10   DG  A "O3'" 1 
ATOM   189 C "C2'" . DG  A 1 10 ? 16.572  -4.554  5.793   1.00 21.14 ? 10   DG  A "C2'" 1 
ATOM   190 C "C1'" . DG  A 1 10 ? 16.212  -3.205  5.192   1.00 20.76 ? 10   DG  A "C1'" 1 
ATOM   191 N N9    . DG  A 1 10 ? 16.265  -2.193  6.193   1.00 20.46 ? 10   DG  A N9    1 
ATOM   192 C C8    . DG  A 1 10 ? 16.404  -2.265  7.558   1.00 20.46 ? 10   DG  A C8    1 
ATOM   193 N N7    . DG  A 1 10 ? 16.595  -1.134  8.129   1.00 20.91 ? 10   DG  A N7    1 
ATOM   194 C C5    . DG  A 1 10 ? 16.570  -0.271  7.022   1.00 21.82 ? 10   DG  A C5    1 
ATOM   195 C C6    . DG  A 1 10 ? 16.726  1.091   7.001   1.00 21.97 ? 10   DG  A C6    1 
ATOM   196 O O6    . DG  A 1 10 ? 16.967  1.791   7.977   1.00 23.55 ? 10   DG  A O6    1 
ATOM   197 N N1    . DG  A 1 10 ? 16.617  1.571   5.742   1.00 22.97 ? 10   DG  A N1    1 
ATOM   198 C C2    . DG  A 1 10 ? 16.385  0.818   4.621   1.00 26.68 ? 10   DG  A C2    1 
ATOM   199 N N2    . DG  A 1 10 ? 16.229  1.512   3.516   1.00 29.90 ? 10   DG  A N2    1 
ATOM   200 N N3    . DG  A 1 10 ? 16.246  -0.500  4.594   1.00 23.54 ? 10   DG  A N3    1 
ATOM   201 C C4    . DG  A 1 10 ? 16.356  -0.937  5.855   1.00 21.24 ? 10   DG  A C4    1 
ATOM   202 O "O5'" . DC  B 2 1  ? 20.930  7.933   4.783   1.00 32.81 ? 1    DC  B "O5'" 1 
ATOM   203 C "C5'" . DC  B 2 1  ? 19.837  8.792   4.290   1.00 27.99 ? 1    DC  B "C5'" 1 
ATOM   204 C "C4'" . DC  B 2 1  ? 19.163  8.123   3.094   1.00 24.72 ? 1    DC  B "C4'" 1 
ATOM   205 O "O4'" . DC  B 2 1  ? 18.754  6.846   3.444   1.00 24.54 ? 1    DC  B "O4'" 1 
ATOM   206 C "C3'" . DC  B 2 1  ? 17.800  8.616   2.669   1.00 24.79 ? 1    DC  B "C3'" 1 
ATOM   207 O "O3'" . DC  B 2 1  ? 17.556  7.868   1.491   1.00 24.29 ? 1    DC  B "O3'" 1 
ATOM   208 C "C2'" . DC  B 2 1  ? 16.878  8.183   3.699   1.00 23.10 ? 1    DC  B "C2'" 1 
ATOM   209 C "C1'" . DC  B 2 1  ? 17.360  6.711   3.625   1.00 20.46 ? 1    DC  B "C1'" 1 
ATOM   210 N N1    . DC  B 2 1  ? 17.313  5.985   4.897   1.00 20.46 ? 1    DC  B N1    1 
ATOM   211 C C2    . DC  B 2 1  ? 16.954  4.738   4.849   1.00 22.52 ? 1    DC  B C2    1 
ATOM   212 O O2    . DC  B 2 1  ? 16.853  4.112   3.781   1.00 28.74 ? 1    DC  B O2    1 
ATOM   213 N N3    . DC  B 2 1  ? 16.819  4.226   5.994   1.00 20.46 ? 1    DC  B N3    1 
ATOM   214 C C4    . DC  B 2 1  ? 17.042  4.854   7.103   1.00 20.46 ? 1    DC  B C4    1 
ATOM   215 N N4    . DC  B 2 1  ? 16.741  4.332   8.286   1.00 23.77 ? 1    DC  B N4    1 
ATOM   216 C C5    . DC  B 2 1  ? 17.414  6.133   7.195   1.00 20.46 ? 1    DC  B C5    1 
ATOM   217 C C6    . DC  B 2 1  ? 17.548  6.671   6.020   1.00 20.46 ? 1    DC  B C6    1 
ATOM   218 P P     . DG  B 2 2  ? 16.551  8.007   0.393   1.00 27.22 ? 2    DG  B P     1 
ATOM   219 O OP1   . DG  B 2 2  ? 17.339  7.812   -0.831  1.00 27.09 ? 2    DG  B OP1   1 
ATOM   220 O OP2   . DG  B 2 2  ? 15.687  9.198   0.533   1.00 25.10 ? 2    DG  B OP2   1 
ATOM   221 O "O5'" . DG  B 2 2  ? 15.735  6.767   0.643   1.00 22.78 ? 2    DG  B "O5'" 1 
ATOM   222 C "C5'" . DG  B 2 2  ? 15.828  5.788   -0.346  1.00 20.54 ? 2    DG  B "C5'" 1 
ATOM   223 C "C4'" . DG  B 2 2  ? 14.849  4.731   -0.104  1.00 22.95 ? 2    DG  B "C4'" 1 
ATOM   224 O "O4'" . DG  B 2 2  ? 14.919  4.414   1.270   1.00 22.29 ? 2    DG  B "O4'" 1 
ATOM   225 C "C3'" . DG  B 2 2  ? 13.408  5.123   -0.474  1.00 24.01 ? 2    DG  B "C3'" 1 
ATOM   226 O "O3'" . DG  B 2 2  ? 12.710  3.913   -0.649  1.00 23.89 ? 2    DG  B "O3'" 1 
ATOM   227 C "C2'" . DG  B 2 2  ? 12.981  5.780   0.816   1.00 24.73 ? 2    DG  B "C2'" 1 
ATOM   228 C "C1'" . DG  B 2 2  ? 13.610  4.751   1.668   1.00 22.26 ? 2    DG  B "C1'" 1 
ATOM   229 N N9    . DG  B 2 2  ? 13.690  5.111   3.030   1.00 20.73 ? 2    DG  B N9    1 
ATOM   230 C C8    . DG  B 2 2  ? 13.782  6.254   3.740   1.00 20.46 ? 2    DG  B C8    1 
ATOM   231 N N7    . DG  B 2 2  ? 13.749  6.042   5.023   1.00 20.46 ? 2    DG  B N7    1 
ATOM   232 C C5    . DG  B 2 2  ? 13.614  4.688   5.088   1.00 20.46 ? 2    DG  B C5    1 
ATOM   233 C C6    . DG  B 2 2  ? 13.473  3.916   6.153   1.00 20.46 ? 2    DG  B C6    1 
ATOM   234 O O6    . DG  B 2 2  ? 13.566  4.295   7.293   1.00 24.06 ? 2    DG  B O6    1 
ATOM   235 N N1    . DG  B 2 2  ? 13.321  2.608   5.833   1.00 22.34 ? 2    DG  B N1    1 
ATOM   236 C C2    . DG  B 2 2  ? 13.329  2.069   4.546   1.00 25.25 ? 2    DG  B C2    1 
ATOM   237 N N2    . DG  B 2 2  ? 13.262  0.747   4.380   1.00 22.58 ? 2    DG  B N2    1 
ATOM   238 N N3    . DG  B 2 2  ? 13.468  2.825   3.489   1.00 22.40 ? 2    DG  B N3    1 
ATOM   239 C C4    . DG  B 2 2  ? 13.594  4.114   3.881   1.00 20.74 ? 2    DG  B C4    1 
ATOM   240 P P     . DA  B 2 3  ? 11.493  3.802   -1.555  1.00 24.86 ? 3    DA  B P     1 
ATOM   241 O OP1   . DA  B 2 3  ? 11.955  3.411   -2.929  1.00 27.31 ? 3    DA  B OP1   1 
ATOM   242 O OP2   . DA  B 2 3  ? 10.530  4.910   -1.333  1.00 24.27 ? 3    DA  B OP2   1 
ATOM   243 O "O5'" . DA  B 2 3  ? 11.069  2.567   -0.749  1.00 23.29 ? 3    DA  B "O5'" 1 
ATOM   244 C "C5'" . DA  B 2 3  ? 11.197  1.236   -1.234  1.00 25.57 ? 3    DA  B "C5'" 1 
ATOM   245 C "C4'" . DA  B 2 3  ? 10.249  0.471   -0.326  1.00 26.43 ? 3    DA  B "C4'" 1 
ATOM   246 O "O4'" . DA  B 2 3  ? 10.630  0.890   1.008   1.00 26.57 ? 3    DA  B "O4'" 1 
ATOM   247 C "C3'" . DA  B 2 3  ? 8.828   0.934   -0.485  1.00 27.35 ? 3    DA  B "C3'" 1 
ATOM   248 O "O3'" . DA  B 2 3  ? 7.818   -0.052  -0.813  1.00 32.19 ? 3    DA  B "O3'" 1 
ATOM   249 C "C2'" . DA  B 2 3  ? 8.477   1.478   0.811   1.00 27.76 ? 3    DA  B "C2'" 1 
ATOM   250 C "C1'" . DA  B 2 3  ? 9.571   1.253   1.793   1.00 23.43 ? 3    DA  B "C1'" 1 
ATOM   251 N N9    . DA  B 2 3  ? 9.809   2.500   2.483   1.00 21.94 ? 3    DA  B N9    1 
ATOM   252 C C8    . DA  B 2 3  ? 9.950   3.756   1.996   1.00 20.46 ? 3    DA  B C8    1 
ATOM   253 N N7    . DA  B 2 3  ? 10.088  4.674   2.930   1.00 20.46 ? 3    DA  B N7    1 
ATOM   254 C C5    . DA  B 2 3  ? 10.045  3.959   4.113   1.00 20.46 ? 3    DA  B C5    1 
ATOM   255 C C6    . DA  B 2 3  ? 10.147  4.332   5.440   1.00 20.78 ? 3    DA  B C6    1 
ATOM   256 N N6    . DA  B 2 3  ? 10.345  5.585   5.855   1.00 20.46 ? 3    DA  B N6    1 
ATOM   257 N N1    . DA  B 2 3  ? 10.052  3.341   6.341   1.00 23.15 ? 3    DA  B N1    1 
ATOM   258 C C2    . DA  B 2 3  ? 9.875   2.094   5.950   1.00 20.46 ? 3    DA  B C2    1 
ATOM   259 N N3    . DA  B 2 3  ? 9.774   1.646   4.748   1.00 20.46 ? 3    DA  B N3    1 
ATOM   260 C C4    . DA  B 2 3  ? 9.869   2.637   3.861   1.00 20.46 ? 3    DA  B C4    1 
ATOM   261 P P     . DA  B 2 4  ? 7.472   -1.490  -0.146  1.00 33.87 ? 4    DA  B P     1 
ATOM   262 O OP1   . DA  B 2 4  ? 8.225   -1.591  1.129   1.00 35.65 ? 4    DA  B OP1   1 
ATOM   263 O OP2   . DA  B 2 4  ? 7.633   -2.542  -1.176  1.00 29.93 ? 4    DA  B OP2   1 
ATOM   264 O "O5'" . DA  B 2 4  ? 5.933   -1.286  0.193   1.00 32.53 ? 4    DA  B "O5'" 1 
ATOM   265 C "C5'" . DA  B 2 4  ? 5.443   -0.699  1.384   1.00 29.18 ? 4    DA  B "C5'" 1 
ATOM   266 C "C4'" . DA  B 2 4  ? 5.834   -1.617  2.530   1.00 27.91 ? 4    DA  B "C4'" 1 
ATOM   267 O "O4'" . DA  B 2 4  ? 6.898   -1.074  3.356   1.00 24.20 ? 4    DA  B "O4'" 1 
ATOM   268 C "C3'" . DA  B 2 4  ? 4.702   -1.734  3.449   1.00 28.58 ? 4    DA  B "C3'" 1 
ATOM   269 O "O3'" . DA  B 2 4  ? 5.026   -2.857  4.177   1.00 29.98 ? 4    DA  B "O3'" 1 
ATOM   270 C "C2'" . DA  B 2 4  ? 4.793   -0.478  4.234   1.00 26.20 ? 4    DA  B "C2'" 1 
ATOM   271 C "C1'" . DA  B 2 4  ? 6.276   -0.281  4.375   1.00 22.67 ? 4    DA  B "C1'" 1 
ATOM   272 N N9    . DA  B 2 4  ? 6.456   1.211   4.310   1.00 22.40 ? 4    DA  B N9    1 
ATOM   273 C C8    . DA  B 2 4  ? 6.404   2.116   3.260   1.00 21.47 ? 4    DA  B C8    1 
ATOM   274 N N7    . DA  B 2 4  ? 6.532   3.379   3.620   1.00 23.02 ? 4    DA  B N7    1 
ATOM   275 C C5    . DA  B 2 4  ? 6.676   3.304   5.030   1.00 20.46 ? 4    DA  B C5    1 
ATOM   276 C C6    . DA  B 2 4  ? 6.851   4.262   6.016   1.00 20.46 ? 4    DA  B C6    1 
ATOM   277 N N6    . DA  B 2 4  ? 6.953   5.547   5.772   1.00 20.46 ? 4    DA  B N6    1 
ATOM   278 N N1    . DA  B 2 4  ? 6.958   3.859   7.250   1.00 20.46 ? 4    DA  B N1    1 
ATOM   279 C C2    . DA  B 2 4  ? 6.900   2.584   7.505   1.00 20.46 ? 4    DA  B C2    1 
ATOM   280 N N3    . DA  B 2 4  ? 6.744   1.566   6.698   1.00 20.46 ? 4    DA  B N3    1 
ATOM   281 C C4    . DA  B 2 4  ? 6.636   2.010   5.448   1.00 20.90 ? 4    DA  B C4    1 
ATOM   282 P P     . DT  B 2 5  ? 3.849   -3.773  4.653   1.00 32.62 ? 5    DT  B P     1 
ATOM   283 O OP1   . DT  B 2 5  ? 4.444   -4.982  5.331   1.00 31.20 ? 5    DT  B OP1   1 
ATOM   284 O OP2   . DT  B 2 5  ? 2.795   -3.881  3.597   1.00 31.04 ? 5    DT  B OP2   1 
ATOM   285 O "O5'" . DT  B 2 5  ? 3.254   -2.783  5.758   1.00 30.67 ? 5    DT  B "O5'" 1 
ATOM   286 C "C5'" . DT  B 2 5  ? 3.799   -2.624  7.073   1.00 29.02 ? 5    DT  B "C5'" 1 
ATOM   287 C "C4'" . DT  B 2 5  ? 2.996   -1.589  7.838   1.00 29.80 ? 5    DT  B "C4'" 1 
ATOM   288 O "O4'" . DT  B 2 5  ? 3.256   -0.240  7.399   1.00 32.41 ? 5    DT  B "O4'" 1 
ATOM   289 C "C3'" . DT  B 2 5  ? 1.525   -1.880  7.629   1.00 29.90 ? 5    DT  B "C3'" 1 
ATOM   290 O "O3'" . DT  B 2 5  ? 1.012   -2.168  8.925   1.00 29.82 ? 5    DT  B "O3'" 1 
ATOM   291 C "C2'" . DT  B 2 5  ? 1.010   -0.547  7.033   1.00 31.78 ? 5    DT  B "C2'" 1 
ATOM   292 C "C1'" . DT  B 2 5  ? 2.008   0.441   7.581   1.00 30.70 ? 5    DT  B "C1'" 1 
ATOM   293 N N1    . DT  B 2 5  ? 2.296   1.669   6.853   1.00 28.91 ? 5    DT  B N1    1 
ATOM   294 C C2    . DT  B 2 5  ? 3.231   2.386   7.543   1.00 28.92 ? 5    DT  B C2    1 
ATOM   295 O O2    . DT  B 2 5  ? 3.669   1.988   8.597   1.00 31.95 ? 5    DT  B O2    1 
ATOM   296 N N3    . DT  B 2 5  ? 3.644   3.524   7.028   1.00 32.25 ? 5    DT  B N3    1 
ATOM   297 C C4    . DT  B 2 5  ? 3.232   4.057   5.871   1.00 31.70 ? 5    DT  B C4    1 
ATOM   298 O O4    . DT  B 2 5  ? 3.711   5.120   5.515   1.00 34.72 ? 5    DT  B O4    1 
ATOM   299 C C5    . DT  B 2 5  ? 2.230   3.291   5.143   1.00 29.51 ? 5    DT  B C5    1 
ATOM   300 C C7    . DT  B 2 5  ? 3.131   3.387   3.631   1.00 31.00 ? 5    DT  B C7    1 
ATOM   301 C C6    . DT  B 2 5  ? 1.748   2.120   5.654   1.00 28.83 ? 5    DT  B C6    1 
ATOM   302 P P     . DT  B 2 6  ? -0.492  -2.514  9.205   1.00 30.27 ? 6    DT  B P     1 
ATOM   303 O OP1   . DT  B 2 6  ? -0.649  -3.036  10.577  1.00 35.18 ? 6    DT  B OP1   1 
ATOM   304 O OP2   . DT  B 2 6  ? -0.920  -3.328  8.032   1.00 26.60 ? 6    DT  B OP2   1 
ATOM   305 O "O5'" . DT  B 2 6  ? -1.072  -1.077  9.183   1.00 28.38 ? 6    DT  B "O5'" 1 
ATOM   306 C "C5'" . DT  B 2 6  ? -0.714  -0.230  10.276  1.00 27.57 ? 6    DT  B "C5'" 1 
ATOM   307 C "C4'" . DT  B 2 6  ? -0.915  1.216   9.873   1.00 26.32 ? 6    DT  B "C4'" 1 
ATOM   308 O "O4'" . DT  B 2 6  ? 0.134   1.693   9.001   1.00 25.74 ? 6    DT  B "O4'" 1 
ATOM   309 C "C3'" . DT  B 2 6  ? -2.244  1.255   9.132   1.00 25.92 ? 6    DT  B "C3'" 1 
ATOM   310 O "O3'" . DT  B 2 6  ? -3.053  2.276   9.625   1.00 26.94 ? 6    DT  B "O3'" 1 
ATOM   311 C "C2'" . DT  B 2 6  ? -1.797  1.636   7.775   1.00 25.33 ? 6    DT  B "C2'" 1 
ATOM   312 C "C1'" . DT  B 2 6  ? -0.647  2.489   8.191   1.00 24.74 ? 6    DT  B "C1'" 1 
ATOM   313 N N1    . DT  B 2 6  ? -0.088  3.192   7.038   1.00 24.31 ? 6    DT  B N1    1 
ATOM   314 C C2    . DT  B 2 6  ? -0.001  4.531   7.298   1.00 25.71 ? 6    DT  B C2    1 
ATOM   315 O O2    . DT  B 2 6  ? -0.319  5.030   8.362   1.00 26.16 ? 6    DT  B O2    1 
ATOM   316 N N3    . DT  B 2 6  ? 0.460   5.319   6.334   1.00 27.06 ? 6    DT  B N3    1 
ATOM   317 C C4    . DT  B 2 6  ? 0.842   4.909   5.113   1.00 25.65 ? 6    DT  B C4    1 
ATOM   318 O O4    . DT  B 2 6  ? 1.222   5.780   4.369   1.00 25.66 ? 6    DT  B O4    1 
ATOM   319 C C5    . DT  B 2 6  ? 0.755   3.479   4.880   1.00 28.69 ? 6    DT  B C5    1 
ATOM   320 C C7    . DT  B 2 6  ? 0.483   3.231   3.355   1.00 29.62 ? 6    DT  B C7    1 
ATOM   321 C C6    . DT  B 2 6  ? 0.320   2.684   5.799   1.00 27.23 ? 6    DT  B C6    1 
ATOM   322 P P     . DA  B 2 7  ? -4.500  1.687   9.818   1.00 30.78 ? 7    DA  B P     1 
ATOM   323 O OP1   . DA  B 2 7  ? -4.529  0.449   10.612  1.00 31.00 ? 7    DA  B OP1   1 
ATOM   324 O OP2   . DA  B 2 7  ? -5.169  1.744   8.497   1.00 31.03 ? 7    DA  B OP2   1 
ATOM   325 O "O5'" . DA  B 2 7  ? -4.797  2.912   10.798  1.00 29.18 ? 7    DA  B "O5'" 1 
ATOM   326 C "C5'" . DA  B 2 7  ? -4.122  2.986   12.074  1.00 27.81 ? 7    DA  B "C5'" 1 
ATOM   327 C "C4'" . DA  B 2 7  ? -4.112  4.394   12.722  1.00 29.54 ? 7    DA  B "C4'" 1 
ATOM   328 O "O4'" . DA  B 2 7  ? -3.296  5.391   12.031  1.00 31.18 ? 7    DA  B "O4'" 1 
ATOM   329 C "C3'" . DA  B 2 7  ? -5.444  5.016   12.598  1.00 30.03 ? 7    DA  B "C3'" 1 
ATOM   330 O "O3'" . DA  B 2 7  ? -5.595  6.069   13.521  1.00 32.89 ? 7    DA  B "O3'" 1 
ATOM   331 C "C2'" . DA  B 2 7  ? -5.456  5.676   11.268  1.00 30.85 ? 7    DA  B "C2'" 1 
ATOM   332 C "C1'" . DA  B 2 7  ? -4.058  6.249   11.191  1.00 27.26 ? 7    DA  B "C1'" 1 
ATOM   333 N N9    . DA  B 2 7  ? -3.669  6.059   9.854   1.00 24.17 ? 7    DA  B N9    1 
ATOM   334 C C8    . DA  B 2 7  ? -3.769  4.930   9.068   1.00 23.03 ? 7    DA  B C8    1 
ATOM   335 N N7    . DA  B 2 7  ? -3.354  5.091   7.833   1.00 23.03 ? 7    DA  B N7    1 
ATOM   336 C C5    . DA  B 2 7  ? -2.974  6.421   7.844   1.00 20.65 ? 7    DA  B C5    1 
ATOM   337 C C6    . DA  B 2 7  ? -2.493  7.198   6.873   1.00 20.46 ? 7    DA  B C6    1 
ATOM   338 N N6    . DA  B 2 7  ? -2.315  6.765   5.664   1.00 20.99 ? 7    DA  B N6    1 
ATOM   339 N N1    . DA  B 2 7  ? -2.250  8.424   7.196   1.00 20.46 ? 7    DA  B N1    1 
ATOM   340 C C2    . DA  B 2 7  ? -2.470  8.882   8.420   1.00 20.46 ? 7    DA  B C2    1 
ATOM   341 N N3    . DA  B 2 7  ? -2.931  8.269   9.464   1.00 21.14 ? 7    DA  B N3    1 
ATOM   342 C C4    . DA  B 2 7  ? -3.162  7.007   9.073   1.00 22.69 ? 7    DA  B C4    1 
ATOM   343 P P     . DA  B 2 8  ? -7.153  6.476   13.815  1.00 35.26 ? 8    DA  B P     1 
ATOM   344 O OP1   . DA  B 2 8  ? -7.338  6.376   15.300  1.00 33.53 ? 8    DA  B OP1   1 
ATOM   345 O OP2   . DA  B 2 8  ? -8.059  5.849   12.788  1.00 29.83 ? 8    DA  B OP2   1 
ATOM   346 O "O5'" . DA  B 2 8  ? -6.837  7.918   13.412  1.00 31.53 ? 8    DA  B "O5'" 1 
ATOM   347 C "C5'" . DA  B 2 8  ? -6.053  8.843   14.113  1.00 29.31 ? 8    DA  B "C5'" 1 
ATOM   348 C "C4'" . DA  B 2 8  ? -6.120  10.118  13.319  1.00 27.57 ? 8    DA  B "C4'" 1 
ATOM   349 O "O4'" . DA  B 2 8  ? -5.685  9.810   11.985  1.00 29.28 ? 8    DA  B "O4'" 1 
ATOM   350 C "C3'" . DA  B 2 8  ? -7.524  10.597  13.094  1.00 25.31 ? 8    DA  B "C3'" 1 
ATOM   351 O "O3'" . DA  B 2 8  ? -7.513  11.947  12.829  1.00 25.59 ? 8    DA  B "O3'" 1 
ATOM   352 C "C2'" . DA  B 2 8  ? -7.931  9.910   11.798  1.00 26.44 ? 8    DA  B "C2'" 1 
ATOM   353 C "C1'" . DA  B 2 8  ? -6.696  10.123  11.036  1.00 25.19 ? 8    DA  B "C1'" 1 
ATOM   354 N N9    . DA  B 2 8  ? -6.591  9.264   9.859   1.00 22.87 ? 8    DA  B N9    1 
ATOM   355 C C8    . DA  B 2 8  ? -7.116  8.056   9.556   1.00 22.42 ? 8    DA  B C8    1 
ATOM   356 N N7    . DA  B 2 8  ? -6.805  7.632   8.359   1.00 20.46 ? 8    DA  B N7    1 
ATOM   357 C C5    . DA  B 2 8  ? -6.038  8.658   7.875   1.00 20.46 ? 8    DA  B C5    1 
ATOM   358 C C6    . DA  B 2 8  ? -5.482  8.869   6.672   1.00 20.46 ? 8    DA  B C6    1 
ATOM   359 N N6    . DA  B 2 8  ? -5.655  7.985   5.705   1.00 20.46 ? 8    DA  B N6    1 
ATOM   360 N N1    . DA  B 2 8  ? -4.845  10.001  6.478   1.00 20.46 ? 8    DA  B N1    1 
ATOM   361 C C2    . DA  B 2 8  ? -4.773  10.872  7.418   1.00 20.46 ? 8    DA  B C2    1 
ATOM   362 N N3    . DA  B 2 8  ? -5.264  10.803  8.621   1.00 21.92 ? 8    DA  B N3    1 
ATOM   363 C C4    . DA  B 2 8  ? -5.895  9.642   8.769   1.00 20.73 ? 8    DA  B C4    1 
ATOM   364 P P     . DG  B 2 9  ? -8.832  12.571  13.320  1.00 26.92 ? 9    DG  B P     1 
ATOM   365 O OP1   . DG  B 2 9  ? -8.903  12.267  14.741  1.00 28.17 ? 9    DG  B OP1   1 
ATOM   366 O OP2   . DG  B 2 9  ? -9.915  12.168  12.429  1.00 27.27 ? 9    DG  B OP2   1 
ATOM   367 O "O5'" . DG  B 2 9  ? -8.631  14.085  13.146  1.00 25.74 ? 9    DG  B "O5'" 1 
ATOM   368 C "C5'" . DG  B 2 9  ? -7.650  14.625  12.273  1.00 26.37 ? 9    DG  B "C5'" 1 
ATOM   369 C "C4'" . DG  B 2 9  ? -8.049  14.695  10.802  1.00 24.79 ? 9    DG  B "C4'" 1 
ATOM   370 O "O4'" . DG  B 2 9  ? -7.899  13.482  10.117  1.00 24.94 ? 9    DG  B "O4'" 1 
ATOM   371 C "C3'" . DG  B 2 9  ? -9.495  14.907  10.710  1.00 25.10 ? 9    DG  B "C3'" 1 
ATOM   372 O "O3'" . DG  B 2 9  ? -9.762  15.930  9.842   1.00 26.42 ? 9    DG  B "O3'" 1 
ATOM   373 C "C2'" . DG  B 2 9  ? -9.861  13.649  9.974   1.00 24.81 ? 9    DG  B "C2'" 1 
ATOM   374 C "C1'" . DG  B 2 9  ? -8.745  13.499  9.037   1.00 20.46 ? 9    DG  B "C1'" 1 
ATOM   375 N N9    . DG  B 2 9  ? -8.822  12.215  8.359   1.00 20.70 ? 9    DG  B N9    1 
ATOM   376 C C8    . DG  B 2 9  ? -9.438  11.021  8.741   1.00 22.76 ? 9    DG  B C8    1 
ATOM   377 N N7    . DG  B 2 9  ? -9.400  10.040  7.871   1.00 20.46 ? 9    DG  B N7    1 
ATOM   378 C C5    . DG  B 2 9  ? -8.698  10.645  6.839   1.00 20.46 ? 9    DG  B C5    1 
ATOM   379 C C6    . DG  B 2 9  ? -8.313  10.098  5.631   1.00 20.59 ? 9    DG  B C6    1 
ATOM   380 O O6    . DG  B 2 9  ? -8.603  8.992   5.192   1.00 21.04 ? 9    DG  B O6    1 
ATOM   381 N N1    . DG  B 2 9  ? -7.579  10.978  4.863   1.00 21.01 ? 9    DG  B N1    1 
ATOM   382 C C2    . DG  B 2 9  ? -7.259  12.227  5.188   1.00 20.46 ? 9    DG  B C2    1 
ATOM   383 N N2    . DG  B 2 9  ? -6.567  12.855  4.262   1.00 25.19 ? 9    DG  B N2    1 
ATOM   384 N N3    . DG  B 2 9  ? -7.617  12.777  6.323   1.00 21.73 ? 9    DG  B N3    1 
ATOM   385 C C4    . DG  B 2 9  ? -8.333  11.940  7.111   1.00 20.94 ? 9    DG  B C4    1 
ATOM   386 P P     . DC  B 2 10 ? -10.302 17.294  10.284  1.00 29.96 ? 10   DC  B P     1 
ATOM   387 O OP1   . DC  B 2 10 ? -9.545  17.845  11.438  1.00 29.30 ? 10   DC  B OP1   1 
ATOM   388 O OP2   . DC  B 2 10 ? -11.766 17.311  10.306  1.00 29.20 ? 10   DC  B OP2   1 
ATOM   389 O "O5'" . DC  B 2 10 ? -9.901  17.927  8.879   1.00 27.57 ? 10   DC  B "O5'" 1 
ATOM   390 C "C5'" . DC  B 2 10 ? -8.838  17.540  7.994   1.00 25.41 ? 10   DC  B "C5'" 1 
ATOM   391 C "C4'" . DC  B 2 10 ? -9.285  17.000  6.616   1.00 21.64 ? 10   DC  B "C4'" 1 
ATOM   392 O "O4'" . DC  B 2 10 ? -9.466  15.646  6.611   1.00 21.59 ? 10   DC  B "O4'" 1 
ATOM   393 C "C3'" . DC  B 2 10 ? -10.630 17.375  6.229   1.00 20.46 ? 10   DC  B "C3'" 1 
ATOM   394 O "O3'" . DC  B 2 10 ? -10.640 18.729  5.764   1.00 20.46 ? 10   DC  B "O3'" 1 
ATOM   395 C "C2'" . DC  B 2 10 ? -10.843 16.374  5.080   1.00 22.13 ? 10   DC  B "C2'" 1 
ATOM   396 C "C1'" . DC  B 2 10 ? -10.001 15.198  5.379   1.00 20.46 ? 10   DC  B "C1'" 1 
ATOM   397 N N1    . DC  B 2 10 ? -10.698 13.906  5.681   1.00 20.86 ? 10   DC  B N1    1 
ATOM   398 C C2    . DC  B 2 10 ? -10.651 12.825  4.774   1.00 21.62 ? 10   DC  B C2    1 
ATOM   399 O O2    . DC  B 2 10 ? -10.078 12.910  3.690   1.00 21.41 ? 10   DC  B O2    1 
ATOM   400 N N3    . DC  B 2 10 ? -11.206 11.641  5.121   1.00 20.46 ? 10   DC  B N3    1 
ATOM   401 C C4    . DC  B 2 10 ? -11.774 11.520  6.310   1.00 20.94 ? 10   DC  B C4    1 
ATOM   402 N N4    . DC  B 2 10 ? -12.337 10.388  6.683   1.00 22.21 ? 10   DC  B N4    1 
ATOM   403 C C5    . DC  B 2 10 ? -11.832 12.587  7.237   1.00 20.94 ? 10   DC  B C5    1 
ATOM   404 C C6    . DC  B 2 10 ? -11.285 13.754  6.873   1.00 20.46 ? 10   DC  B C6    1 
ATOM   405 O "O5'" . DG  C 1 1  ? -11.344 -17.679 1.394   1.00 25.10 ? 1    DG  C "O5'" 1 
ATOM   406 C "C5'" . DG  C 1 1  ? -12.028 -18.395 0.367   1.00 22.79 ? 1    DG  C "C5'" 1 
ATOM   407 C "C4'" . DG  C 1 1  ? -12.560 -17.630 -0.864  1.00 20.46 ? 1    DG  C "C4'" 1 
ATOM   408 O "O4'" . DG  C 1 1  ? -13.109 -16.356 -0.511  1.00 22.79 ? 1    DG  C "O4'" 1 
ATOM   409 C "C3'" . DG  C 1 1  ? -11.589 -17.301 -1.904  1.00 21.08 ? 1    DG  C "C3'" 1 
ATOM   410 O "O3'" . DG  C 1 1  ? -12.371 -17.237 -3.017  1.00 21.37 ? 1    DG  C "O3'" 1 
ATOM   411 C "C2'" . DG  C 1 1  ? -11.094 -15.905 -1.574  1.00 23.32 ? 1    DG  C "C2'" 1 
ATOM   412 C "C1'" . DG  C 1 1  ? -12.419 -15.253 -1.123  1.00 20.60 ? 1    DG  C "C1'" 1 
ATOM   413 N N9    . DG  C 1 1  ? -12.106 -14.250 -0.141  1.00 20.46 ? 1    DG  C N9    1 
ATOM   414 C C8    . DG  C 1 1  ? -11.137 -14.279 0.794   1.00 20.46 ? 1    DG  C C8    1 
ATOM   415 N N7    . DG  C 1 1  ? -11.097 -13.193 1.518   1.00 22.36 ? 1    DG  C N7    1 
ATOM   416 C C5    . DG  C 1 1  ? -12.110 -12.387 1.023   1.00 20.46 ? 1    DG  C C5    1 
ATOM   417 C C6    . DG  C 1 1  ? -12.545 -11.122 1.427   1.00 20.46 ? 1    DG  C C6    1 
ATOM   418 O O6    . DG  C 1 1  ? -12.084 -10.444 2.323   1.00 20.46 ? 1    DG  C O6    1 
ATOM   419 N N1    . DG  C 1 1  ? -13.628 -10.671 0.709   1.00 20.46 ? 1    DG  C N1    1 
ATOM   420 C C2    . DG  C 1 1  ? -14.241 -11.351 -0.297  1.00 21.40 ? 1    DG  C C2    1 
ATOM   421 N N2    . DG  C 1 1  ? -15.317 -10.776 -0.846  1.00 23.83 ? 1    DG  C N2    1 
ATOM   422 N N3    . DG  C 1 1  ? -13.839 -12.548 -0.703  1.00 22.48 ? 1    DG  C N3    1 
ATOM   423 C C4    . DG  C 1 1  ? -12.756 -13.019 0.005   1.00 21.95 ? 1    DG  C C4    1 
ATOM   424 P P     . DC  C 1 2  ? -11.894 -17.207 -4.506  1.00 24.36 ? 2    DC  C P     1 
ATOM   425 O OP1   . DC  C 1 2  ? -12.698 -18.197 -5.253  1.00 24.00 ? 2    DC  C OP1   1 
ATOM   426 O OP2   . DC  C 1 2  ? -10.439 -17.121 -4.641  1.00 25.56 ? 2    DC  C OP2   1 
ATOM   427 O "O5'" . DC  C 1 2  ? -12.390 -15.776 -4.805  1.00 25.12 ? 2    DC  C "O5'" 1 
ATOM   428 C "C5'" . DC  C 1 2  ? -13.809 -15.600 -4.886  1.00 26.07 ? 2    DC  C "C5'" 1 
ATOM   429 C "C4'" . DC  C 1 2  ? -14.121 -14.157 -5.012  1.00 23.16 ? 2    DC  C "C4'" 1 
ATOM   430 O "O4'" . DC  C 1 2  ? -13.860 -13.347 -3.895  1.00 25.46 ? 2    DC  C "O4'" 1 
ATOM   431 C "C3'" . DC  C 1 2  ? -13.228 -13.774 -6.064  1.00 24.10 ? 2    DC  C "C3'" 1 
ATOM   432 O "O3'" . DC  C 1 2  ? -14.099 -13.506 -7.135  1.00 26.82 ? 2    DC  C "O3'" 1 
ATOM   433 C "C2'" . DC  C 1 2  ? -12.478 -12.683 -5.479  1.00 23.30 ? 2    DC  C "C2'" 1 
ATOM   434 C "C1'" . DC  C 1 2  ? -13.177 -12.191 -4.262  1.00 22.87 ? 2    DC  C "C1'" 1 
ATOM   435 N N1    . DC  C 1 2  ? -12.177 -11.786 -3.250  1.00 22.05 ? 2    DC  C N1    1 
ATOM   436 C C2    . DC  C 1 2  ? -12.218 -10.522 -2.758  1.00 23.76 ? 2    DC  C C2    1 
ATOM   437 O O2    . DC  C 1 2  ? -13.077 -9.715  -3.128  1.00 24.34 ? 2    DC  C O2    1 
ATOM   438 N N3    . DC  C 1 2  ? -11.273 -10.193 -1.837  1.00 24.09 ? 2    DC  C N3    1 
ATOM   439 C C4    . DC  C 1 2  ? -10.321 -11.034 -1.394  1.00 22.89 ? 2    DC  C C4    1 
ATOM   440 N N4    . DC  C 1 2  ? -9.460  -10.724 -0.409  1.00 21.44 ? 2    DC  C N4    1 
ATOM   441 C C5    . DC  C 1 2  ? -10.279 -12.324 -1.923  1.00 23.10 ? 2    DC  C C5    1 
ATOM   442 C C6    . DC  C 1 2  ? -11.224 -12.633 -2.831  1.00 23.92 ? 2    DC  C C6    1 
ATOM   443 P P     . DT  C 1 3  ? -13.613 -12.983 -8.486  1.00 27.29 ? 3    DT  C P     1 
ATOM   444 O OP1   . DT  C 1 3  ? -14.628 -13.304 -9.541  1.00 28.96 ? 3    DT  C OP1   1 
ATOM   445 O OP2   . DT  C 1 3  ? -12.162 -13.277 -8.619  1.00 23.61 ? 3    DT  C OP2   1 
ATOM   446 O "O5'" . DT  C 1 3  ? -13.776 -11.515 -7.974  1.00 27.36 ? 3    DT  C "O5'" 1 
ATOM   447 C "C5'" . DT  C 1 3  ? -14.993 -10.909 -7.533  1.00 29.15 ? 3    DT  C "C5'" 1 
ATOM   448 C "C4'" . DT  C 1 3  ? -14.766 -9.438  -7.393  1.00 25.69 ? 3    DT  C "C4'" 1 
ATOM   449 O "O4'" . DT  C 1 3  ? -13.985 -9.127  -6.294  1.00 27.73 ? 3    DT  C "O4'" 1 
ATOM   450 C "C3'" . DT  C 1 3  ? -13.943 -9.001  -8.555  1.00 28.56 ? 3    DT  C "C3'" 1 
ATOM   451 O "O3'" . DT  C 1 3  ? -14.390 -7.734  -9.060  1.00 30.27 ? 3    DT  C "O3'" 1 
ATOM   452 C "C2'" . DT  C 1 3  ? -12.557 -8.921  -8.011  1.00 26.79 ? 3    DT  C "C2'" 1 
ATOM   453 C "C1'" . DT  C 1 3  ? -12.811 -8.406  -6.678  1.00 27.27 ? 3    DT  C "C1'" 1 
ATOM   454 N N1    . DT  C 1 3  ? -11.633 -8.678  -5.815  1.00 25.41 ? 3    DT  C N1    1 
ATOM   455 C C2    . DT  C 1 3  ? -11.285 -7.761  -4.874  1.00 23.99 ? 3    DT  C C2    1 
ATOM   456 O O2    . DT  C 1 3  ? -11.909 -6.708  -4.793  1.00 23.57 ? 3    DT  C O2    1 
ATOM   457 N N3    . DT  C 1 3  ? -10.197 -8.119  -4.080  1.00 22.95 ? 3    DT  C N3    1 
ATOM   458 C C4    . DT  C 1 3  ? -9.476  -9.303  -4.195  1.00 22.45 ? 3    DT  C C4    1 
ATOM   459 O O4    . DT  C 1 3  ? -8.552  -9.574  -3.439  1.00 26.96 ? 3    DT  C O4    1 
ATOM   460 C C5    . DT  C 1 3  ? -9.919  -10.175 -5.217  1.00 21.38 ? 3    DT  C C5    1 
ATOM   461 C C7    . DT  C 1 3  ? -9.230  -11.504 -5.573  1.00 21.57 ? 3    DT  C C7    1 
ATOM   462 C C6    . DT  C 1 3  ? -10.947 -9.839  -5.954  1.00 24.93 ? 3    DT  C C6    1 
ATOM   463 P P     . DT  C 1 4  ? -13.522 -7.082  -10.173 1.00 30.98 ? 4    DT  C P     1 
ATOM   464 O OP1   . DT  C 1 4  ? -14.376 -6.286  -11.079 1.00 34.97 ? 4    DT  C OP1   1 
ATOM   465 O OP2   . DT  C 1 4  ? -12.568 -8.053  -10.704 1.00 30.36 ? 4    DT  C OP2   1 
ATOM   466 O "O5'" . DT  C 1 4  ? -12.804 -6.138  -9.161  1.00 33.35 ? 4    DT  C "O5'" 1 
ATOM   467 C "C5'" . DT  C 1 4  ? -13.575 -5.044  -8.519  1.00 32.38 ? 4    DT  C "C5'" 1 
ATOM   468 C "C4'" . DT  C 1 4  ? -12.625 -3.994  -7.939  1.00 30.89 ? 4    DT  C "C4'" 1 
ATOM   469 O "O4'" . DT  C 1 4  ? -11.650 -4.709  -7.125  1.00 32.51 ? 4    DT  C "O4'" 1 
ATOM   470 C "C3'" . DT  C 1 4  ? -11.729 -3.374  -8.997  1.00 31.58 ? 4    DT  C "C3'" 1 
ATOM   471 O "O3'" . DT  C 1 4  ? -11.159 -2.200  -8.460  1.00 30.92 ? 4    DT  C "O3'" 1 
ATOM   472 C "C2'" . DT  C 1 4  ? -10.596 -4.416  -9.170  1.00 29.44 ? 4    DT  C "C2'" 1 
ATOM   473 C "C1'" . DT  C 1 4  ? -10.364 -4.524  -7.704  1.00 28.36 ? 4    DT  C "C1'" 1 
ATOM   474 N N1    . DT  C 1 4  ? -9.516  -5.634  -7.365  1.00 25.96 ? 4    DT  C N1    1 
ATOM   475 C C2    . DT  C 1 4  ? -8.701  -5.449  -6.244  1.00 22.97 ? 4    DT  C C2    1 
ATOM   476 O O2    . DT  C 1 4  ? -8.680  -4.426  -5.560  1.00 20.46 ? 4    DT  C O2    1 
ATOM   477 N N3    . DT  C 1 4  ? -7.907  -6.516  -5.953  1.00 21.36 ? 4    DT  C N3    1 
ATOM   478 C C4    . DT  C 1 4  ? -7.869  -7.701  -6.664  1.00 22.29 ? 4    DT  C C4    1 
ATOM   479 O O4    . DT  C 1 4  ? -7.089  -8.558  -6.280  1.00 23.30 ? 4    DT  C O4    1 
ATOM   480 C C5    . DT  C 1 4  ? -8.750  -7.811  -7.814  1.00 21.65 ? 4    DT  C C5    1 
ATOM   481 C C7    . DT  C 1 4  ? -8.790  -9.064  -8.674  1.00 20.46 ? 4    DT  C C7    1 
ATOM   482 C C6    . DT  C 1 4  ? -9.537  -6.780  -8.122  1.00 24.37 ? 4    DT  C C6    1 
ATOM   483 P P     . DA  C 1 5  ? -10.221 -1.303  -9.435  1.00 35.01 ? 5    DA  C P     1 
ATOM   484 O OP1   . DA  C 1 5  ? -11.117 -0.471  -10.267 1.00 35.70 ? 5    DA  C OP1   1 
ATOM   485 O OP2   . DA  C 1 5  ? -9.071  -2.040  -10.081 1.00 33.57 ? 5    DA  C OP2   1 
ATOM   486 O "O5'" . DA  C 1 5  ? -9.648  -0.387  -8.272  1.00 29.56 ? 5    DA  C "O5'" 1 
ATOM   487 C "C5'" . DA  C 1 5  ? -8.931  -1.117  -7.347  1.00 25.17 ? 5    DA  C "C5'" 1 
ATOM   488 C "C4'" . DA  C 1 5  ? -7.854  -0.354  -6.785  1.00 23.16 ? 5    DA  C "C4'" 1 
ATOM   489 O "O4'" . DA  C 1 5  ? -7.034  -1.393  -6.277  1.00 25.57 ? 5    DA  C "O4'" 1 
ATOM   490 C "C3'" . DA  C 1 5  ? -6.966  0.343   -7.768  1.00 25.15 ? 5    DA  C "C3'" 1 
ATOM   491 O "O3'" . DA  C 1 5  ? -5.989  1.113   -7.039  1.00 25.75 ? 5    DA  C "O3'" 1 
ATOM   492 C "C2'" . DA  C 1 5  ? -6.341  -0.833  -8.489  1.00 22.83 ? 5    DA  C "C2'" 1 
ATOM   493 C "C1'" . DA  C 1 5  ? -6.057  -1.634  -7.289  1.00 23.87 ? 5    DA  C "C1'" 1 
ATOM   494 N N9    . DA  C 1 5  ? -6.066  -3.025  -7.573  1.00 22.32 ? 5    DA  C N9    1 
ATOM   495 C C8    . DA  C 1 5  ? -6.554  -3.775  -8.623  1.00 23.92 ? 5    DA  C C8    1 
ATOM   496 N N7    . DA  C 1 5  ? -6.165  -5.015  -8.578  1.00 20.46 ? 5    DA  C N7    1 
ATOM   497 C C5    . DA  C 1 5  ? -5.401  -5.030  -7.430  1.00 20.46 ? 5    DA  C C5    1 
ATOM   498 C C6    . DA  C 1 5  ? -4.689  -6.011  -6.825  1.00 20.56 ? 5    DA  C C6    1 
ATOM   499 N N6    . DA  C 1 5  ? -4.614  -7.164  -7.433  1.00 26.18 ? 5    DA  C N6    1 
ATOM   500 N N1    . DA  C 1 5  ? -4.023  -5.757  -5.705  1.00 20.46 ? 5    DA  C N1    1 
ATOM   501 C C2    . DA  C 1 5  ? -4.054  -4.549  -5.202  1.00 20.46 ? 5    DA  C C2    1 
ATOM   502 N N3    . DA  C 1 5  ? -4.693  -3.491  -5.682  1.00 22.32 ? 5    DA  C N3    1 
ATOM   503 C C4    . DA  C 1 5  ? -5.351  -3.833  -6.819  1.00 21.35 ? 5    DA  C C4    1 
ATOM   504 P P     . DA  C 1 6  ? -5.019  2.060   -7.839  1.00 31.43 ? 6    DA  C P     1 
ATOM   505 O OP1   . DA  C 1 6  ? -5.371  3.502   -7.678  1.00 27.09 ? 6    DA  C OP1   1 
ATOM   506 O OP2   . DA  C 1 6  ? -4.816  1.467   -9.202  1.00 29.75 ? 6    DA  C OP2   1 
ATOM   507 O "O5'" . DA  C 1 6  ? -3.671  1.803   -7.117  1.00 28.99 ? 6    DA  C "O5'" 1 
ATOM   508 C "C5'" . DA  C 1 6  ? -3.396  2.234   -5.795  1.00 28.19 ? 6    DA  C "C5'" 1 
ATOM   509 C "C4'" . DA  C 1 6  ? -2.183  1.485   -5.494  1.00 25.07 ? 6    DA  C "C4'" 1 
ATOM   510 O "O4'" . DA  C 1 6  ? -2.464  0.089   -5.600  1.00 23.94 ? 6    DA  C "O4'" 1 
ATOM   511 C "C3'" . DA  C 1 6  ? -1.170  1.817   -6.535  1.00 24.51 ? 6    DA  C "C3'" 1 
ATOM   512 O "O3'" . DA  C 1 6  ? -0.503  2.904   -5.942  1.00 26.47 ? 6    DA  C "O3'" 1 
ATOM   513 C "C2'" . DA  C 1 6  ? -0.433  0.543   -6.665  1.00 25.68 ? 6    DA  C "C2'" 1 
ATOM   514 C "C1'" . DA  C 1 6  ? -1.266  -0.504  -6.020  1.00 23.55 ? 6    DA  C "C1'" 1 
ATOM   515 N N9    . DA  C 1 6  ? -1.660  -1.499  -6.939  1.00 23.41 ? 6    DA  C N9    1 
ATOM   516 C C8    . DA  C 1 6  ? -2.514  -1.428  -8.014  1.00 22.87 ? 6    DA  C C8    1 
ATOM   517 N N7    . DA  C 1 6  ? -2.723  -2.591  -8.551  1.00 22.14 ? 6    DA  C N7    1 
ATOM   518 C C5    . DA  C 1 6  ? -1.954  -3.450  -7.787  1.00 20.46 ? 6    DA  C C5    1 
ATOM   519 C C6    . DA  C 1 6  ? -1.738  -4.789  -7.857  1.00 21.21 ? 6    DA  C C6    1 
ATOM   520 N N6    . DA  C 1 6  ? -2.244  -5.583  -8.815  1.00 22.33 ? 6    DA  C N6    1 
ATOM   521 N N1    . DA  C 1 6  ? -0.920  -5.257  -6.952  1.00 20.46 ? 6    DA  C N1    1 
ATOM   522 C C2    . DA  C 1 6  ? -0.359  -4.501  -6.068  1.00 20.46 ? 6    DA  C C2    1 
ATOM   523 N N3    . DA  C 1 6  ? -0.481  -3.241  -5.905  1.00 20.46 ? 6    DA  C N3    1 
ATOM   524 C C4    . DA  C 1 6  ? -1.307  -2.789  -6.817  1.00 21.00 ? 6    DA  C C4    1 
ATOM   525 P P     . DT  C 1 7  ? 0.938   3.587   -6.152  1.00 31.22 ? 7    DT  C P     1 
ATOM   526 O OP1   . DT  C 1 7  ? 1.045   4.705   -5.164  1.00 28.99 ? 7    DT  C OP1   1 
ATOM   527 O OP2   . DT  C 1 7  ? 1.209   3.845   -7.595  1.00 29.22 ? 7    DT  C OP2   1 
ATOM   528 O "O5'" . DT  C 1 7  ? 1.748   2.318   -5.634  1.00 23.77 ? 7    DT  C "O5'" 1 
ATOM   529 C "C5'" . DT  C 1 7  ? 2.721   1.698   -6.395  1.00 24.07 ? 7    DT  C "C5'" 1 
ATOM   530 C "C4'" . DT  C 1 7  ? 3.054   0.340   -5.828  1.00 24.54 ? 7    DT  C "C4'" 1 
ATOM   531 O "O4'" . DT  C 1 7  ? 2.076   -0.639  -6.054  1.00 25.91 ? 7    DT  C "O4'" 1 
ATOM   532 C "C3'" . DT  C 1 7  ? 4.262   -0.071  -6.591  1.00 27.22 ? 7    DT  C "C3'" 1 
ATOM   533 O "O3'" . DT  C 1 7  ? 5.277   0.431   -5.737  1.00 29.92 ? 7    DT  C "O3'" 1 
ATOM   534 C "C2'" . DT  C 1 7  ? 4.147   -1.569  -6.678  1.00 26.34 ? 7    DT  C "C2'" 1 
ATOM   535 C "C1'" . DT  C 1 7  ? 2.686   -1.844  -6.586  1.00 25.79 ? 7    DT  C "C1'" 1 
ATOM   536 N N1    . DT  C 1 7  ? 2.037   -2.347  -7.920  1.00 24.52 ? 7    DT  C N1    1 
ATOM   537 C C2    . DT  C 1 7  ? 2.208   -3.675  -8.164  1.00 22.81 ? 7    DT  C C2    1 
ATOM   538 O O2    . DT  C 1 7  ? 2.963   -4.338  -7.479  1.00 27.08 ? 7    DT  C O2    1 
ATOM   539 N N3    . DT  C 1 7  ? 1.558   -4.250  -9.232  1.00 20.46 ? 7    DT  C N3    1 
ATOM   540 C C4    . DT  C 1 7  ? 0.747   -3.635  -10.122 1.00 21.50 ? 7    DT  C C4    1 
ATOM   541 O O4    . DT  C 1 7  ? 0.240   -4.244  -11.058 1.00 24.35 ? 7    DT  C O4    1 
ATOM   542 C C5    . DT  C 1 7  ? 0.605   -2.258  -9.858  1.00 21.72 ? 7    DT  C C5    1 
ATOM   543 C C7    . DT  C 1 7  ? -0.233  -1.482  -10.889 1.00 23.97 ? 7    DT  C C7    1 
ATOM   544 C C6    . DT  C 1 7  ? 1.228   -1.652  -8.796  1.00 23.62 ? 7    DT  C C6    1 
ATOM   545 P P     . DT  C 1 8  ? 6.678   1.004   -6.222  1.00 32.73 ? 8    DT  C P     1 
ATOM   546 O OP1   . DT  C 1 8  ? 7.108   2.047   -5.250  1.00 32.27 ? 8    DT  C OP1   1 
ATOM   547 O OP2   . DT  C 1 8  ? 6.487   1.340   -7.666  1.00 34.33 ? 8    DT  C OP2   1 
ATOM   548 O "O5'" . DT  C 1 8  ? 7.765   -0.170  -6.207  1.00 28.96 ? 8    DT  C "O5'" 1 
ATOM   549 C "C5'" . DT  C 1 8  ? 8.116   -0.973  -5.136  1.00 25.45 ? 8    DT  C "C5'" 1 
ATOM   550 C "C4'" . DT  C 1 8  ? 8.469   -2.332  -5.711  1.00 25.86 ? 8    DT  C "C4'" 1 
ATOM   551 O "O4'" . DT  C 1 8  ? 7.335   -2.874  -6.429  1.00 27.71 ? 8    DT  C "O4'" 1 
ATOM   552 C "C3'" . DT  C 1 8  ? 9.547   -2.214  -6.759  1.00 26.93 ? 8    DT  C "C3'" 1 
ATOM   553 O "O3'" . DT  C 1 8  ? 10.487  -3.256  -6.659  1.00 29.62 ? 8    DT  C "O3'" 1 
ATOM   554 C "C2'" . DT  C 1 8  ? 8.807   -2.424  -8.059  1.00 26.28 ? 8    DT  C "C2'" 1 
ATOM   555 C "C1'" . DT  C 1 8  ? 7.765   -3.452  -7.676  1.00 24.62 ? 8    DT  C "C1'" 1 
ATOM   556 N N1    . DT  C 1 8  ? 6.672   -3.467  -8.665  1.00 21.70 ? 8    DT  C N1    1 
ATOM   557 C C2    . DT  C 1 8  ? 6.241   -4.675  -9.129  1.00 21.58 ? 8    DT  C C2    1 
ATOM   558 O O2    . DT  C 1 8  ? 6.668   -5.751  -8.730  1.00 20.62 ? 8    DT  C O2    1 
ATOM   559 N N3    . DT  C 1 8  ? 5.270   -4.637  -10.076 1.00 20.63 ? 8    DT  C N3    1 
ATOM   560 C C4    . DT  C 1 8  ? 4.706   -3.505  -10.574 1.00 23.15 ? 8    DT  C C4    1 
ATOM   561 O O4    . DT  C 1 8  ? 3.848   -3.551  -11.454 1.00 25.20 ? 8    DT  C O4    1 
ATOM   562 C C5    . DT  C 1 8  ? 5.220   -2.313  -10.017 1.00 21.93 ? 8    DT  C C5    1 
ATOM   563 C C7    . DT  C 1 8  ? 4.659   -0.975  -10.514 1.00 24.65 ? 8    DT  C C7    1 
ATOM   564 C C6    . DT  C 1 8  ? 6.157   -2.329  -9.109  1.00 20.46 ? 8    DT  C C6    1 
ATOM   565 P P     . DC  C 1 9  ? 11.987  -2.877  -6.254  1.00 33.52 ? 9    DC  C P     1 
ATOM   566 O OP1   . DC  C 1 9  ? 12.322  -3.328  -4.880  1.00 34.72 ? 9    DC  C OP1   1 
ATOM   567 O OP2   . DC  C 1 9  ? 12.265  -1.471  -6.681  1.00 30.33 ? 9    DC  C OP2   1 
ATOM   568 O "O5'" . DC  C 1 9  ? 12.632  -3.998  -7.190  1.00 33.14 ? 9    DC  C "O5'" 1 
ATOM   569 C "C5'" . DC  C 1 9  ? 12.316  -5.386  -6.919  1.00 31.05 ? 9    DC  C "C5'" 1 
ATOM   570 C "C4'" . DC  C 1 9  ? 12.046  -6.200  -8.220  1.00 27.48 ? 9    DC  C "C4'" 1 
ATOM   571 O "O4'" . DC  C 1 9  ? 10.874  -5.760  -8.929  1.00 28.20 ? 9    DC  C "O4'" 1 
ATOM   572 C "C3'" . DC  C 1 9  ? 13.166  -6.006  -9.168  1.00 26.06 ? 9    DC  C "C3'" 1 
ATOM   573 O "O3'" . DC  C 1 9  ? 13.624  -7.285  -9.375  1.00 26.33 ? 9    DC  C "O3'" 1 
ATOM   574 C "C2'" . DC  C 1 9  ? 12.539  -5.387  -10.401 1.00 25.04 ? 9    DC  C "C2'" 1 
ATOM   575 C "C1'" . DC  C 1 9  ? 11.102  -5.851  -10.335 1.00 24.00 ? 9    DC  C "C1'" 1 
ATOM   576 N N1    . DC  C 1 9  ? 10.091  -4.945  -10.934 1.00 22.24 ? 9    DC  C N1    1 
ATOM   577 C C2    . DC  C 1 9  ? 8.981   -5.519  -11.478 1.00 23.96 ? 9    DC  C C2    1 
ATOM   578 O O2    . DC  C 1 9  ? 8.895   -6.763  -11.469 1.00 27.75 ? 9    DC  C O2    1 
ATOM   579 N N3    . DC  C 1 9  ? 8.014   -4.724  -12.027 1.00 20.46 ? 9    DC  C N3    1 
ATOM   580 C C4    . DC  C 1 9  ? 8.135   -3.444  -12.035 1.00 22.37 ? 9    DC  C C4    1 
ATOM   581 N N4    . DC  C 1 9  ? 7.179   -2.730  -12.590 1.00 24.96 ? 9    DC  C N4    1 
ATOM   582 C C5    . DC  C 1 9  ? 9.278   -2.814  -11.473 1.00 24.35 ? 9    DC  C C5    1 
ATOM   583 C C6    . DC  C 1 9  ? 10.227  -3.613  -10.937 1.00 24.37 ? 9    DC  C C6    1 
ATOM   584 P P     . DG  C 1 10 ? 14.975  -7.530  -10.129 1.00 28.82 ? 10   DG  C P     1 
ATOM   585 O OP1   . DG  C 1 10 ? 15.848  -8.248  -9.166  1.00 30.52 ? 10   DG  C OP1   1 
ATOM   586 O OP2   . DG  C 1 10 ? 15.415  -6.260  -10.714 1.00 29.08 ? 10   DG  C OP2   1 
ATOM   587 O "O5'" . DG  C 1 10 ? 14.670  -8.527  -11.356 1.00 26.04 ? 10   DG  C "O5'" 1 
ATOM   588 C "C5'" . DG  C 1 10 ? 14.907  -9.916  -11.231 1.00 24.60 ? 10   DG  C "C5'" 1 
ATOM   589 C "C4'" . DG  C 1 10 ? 14.358  -10.705 -12.382 1.00 24.81 ? 10   DG  C "C4'" 1 
ATOM   590 O "O4'" . DG  C 1 10 ? 13.033  -10.228 -12.652 1.00 25.56 ? 10   DG  C "O4'" 1 
ATOM   591 C "C3'" . DG  C 1 10 ? 15.208  -10.617 -13.603 1.00 26.11 ? 10   DG  C "C3'" 1 
ATOM   592 O "O3'" . DG  C 1 10 ? 15.263  -11.885 -14.362 1.00 29.64 ? 10   DG  C "O3'" 1 
ATOM   593 C "C2'" . DG  C 1 10 ? 14.372  -9.606  -14.323 1.00 25.84 ? 10   DG  C "C2'" 1 
ATOM   594 C "C1'" . DG  C 1 10 ? 12.908  -9.717  -13.918 1.00 22.90 ? 10   DG  C "C1'" 1 
ATOM   595 N N9    . DG  C 1 10 ? 12.404  -8.380  -13.873 1.00 22.73 ? 10   DG  C N9    1 
ATOM   596 C C8    . DG  C 1 10 ? 12.982  -7.299  -13.309 1.00 24.42 ? 10   DG  C C8    1 
ATOM   597 N N7    . DG  C 1 10 ? 12.372  -6.160  -13.479 1.00 27.38 ? 10   DG  C N7    1 
ATOM   598 C C5    . DG  C 1 10 ? 11.271  -6.542  -14.226 1.00 23.86 ? 10   DG  C C5    1 
ATOM   599 C C6    . DG  C 1 10 ? 10.233  -5.739  -14.726 1.00 23.10 ? 10   DG  C C6    1 
ATOM   600 O O6    . DG  C 1 10 ? 10.136  -4.519  -14.583 1.00 21.67 ? 10   DG  C O6    1 
ATOM   601 N N1    . DG  C 1 10 ? 9.338   -6.506  -15.445 1.00 20.92 ? 10   DG  C N1    1 
ATOM   602 C C2    . DG  C 1 10 ? 9.457   -7.852  -15.640 1.00 21.69 ? 10   DG  C C2    1 
ATOM   603 N N2    . DG  C 1 10 ? 8.555   -8.512  -16.355 1.00 26.55 ? 10   DG  C N2    1 
ATOM   604 N N3    . DG  C 1 10 ? 10.413  -8.576  -15.169 1.00 22.72 ? 10   DG  C N3    1 
ATOM   605 C C4    . DG  C 1 10 ? 11.293  -7.882  -14.467 1.00 23.94 ? 10   DG  C C4    1 
ATOM   606 O "O5'" . DC  D 2 1  ? 2.243   -4.152  -21.281 1.00 34.68 ? 1    DC  D "O5'" 1 
ATOM   607 C "C5'" . DC  D 2 1  ? 2.281   -5.420  -21.937 1.00 31.54 ? 1    DC  D "C5'" 1 
ATOM   608 C "C4'" . DC  D 2 1  ? 2.915   -6.317  -20.971 1.00 28.08 ? 1    DC  D "C4'" 1 
ATOM   609 O "O4'" . DC  D 2 1  ? 4.157   -5.711  -20.476 1.00 27.22 ? 1    DC  D "O4'" 1 
ATOM   610 C "C3'" . DC  D 2 1  ? 1.962   -6.420  -19.779 1.00 28.44 ? 1    DC  D "C3'" 1 
ATOM   611 O "O3'" . DC  D 2 1  ? 1.722   -7.806  -19.547 1.00 28.05 ? 1    DC  D "O3'" 1 
ATOM   612 C "C2'" . DC  D 2 1  ? 2.796   -5.727  -18.731 1.00 26.58 ? 1    DC  D "C2'" 1 
ATOM   613 C "C1'" . DC  D 2 1  ? 4.184   -6.197  -19.132 1.00 24.74 ? 1    DC  D "C1'" 1 
ATOM   614 N N1    . DC  D 2 1  ? 5.263   -5.607  -18.349 1.00 20.46 ? 1    DC  D N1    1 
ATOM   615 C C2    . DC  D 2 1  ? 6.140   -6.414  -17.717 1.00 21.54 ? 1    DC  D C2    1 
ATOM   616 O O2    . DC  D 2 1  ? 6.062   -7.628  -17.746 1.00 22.11 ? 1    DC  D O2    1 
ATOM   617 N N3    . DC  D 2 1  ? 7.125   -5.869  -16.977 1.00 21.10 ? 1    DC  D N3    1 
ATOM   618 C C4    . DC  D 2 1  ? 7.248   -4.549  -16.862 1.00 20.79 ? 1    DC  D C4    1 
ATOM   619 N N4    . DC  D 2 1  ? 8.240   -4.028  -16.142 1.00 20.46 ? 1    DC  D N4    1 
ATOM   620 C C5    . DC  D 2 1  ? 6.337   -3.691  -17.520 1.00 20.57 ? 1    DC  D C5    1 
ATOM   621 C C6    . DC  D 2 1  ? 5.376   -4.292  -18.244 1.00 22.72 ? 1    DC  D C6    1 
ATOM   622 P P     . DG  D 2 2  ? 0.440   -8.435  -18.743 1.00 35.14 ? 2    DG  D P     1 
ATOM   623 O OP1   . DG  D 2 2  ? -0.583  -9.181  -19.569 1.00 34.99 ? 2    DG  D OP1   1 
ATOM   624 O OP2   . DG  D 2 2  ? 0.012   -7.525  -17.630 1.00 34.40 ? 2    DG  D OP2   1 
ATOM   625 O "O5'" . DG  D 2 2  ? 1.209   -9.546  -18.195 1.00 28.06 ? 2    DG  D "O5'" 1 
ATOM   626 C "C5'" . DG  D 2 2  ? 1.932   -10.402 -19.001 1.00 24.19 ? 2    DG  D "C5'" 1 
ATOM   627 C "C4'" . DG  D 2 2  ? 3.058   -10.621 -18.133 1.00 22.69 ? 2    DG  D "C4'" 1 
ATOM   628 O "O4'" . DG  D 2 2  ? 3.826   -9.468  -17.963 1.00 24.71 ? 2    DG  D "O4'" 1 
ATOM   629 C "C3'" . DG  D 2 2  ? 2.472   -10.847 -16.710 1.00 23.96 ? 2    DG  D "C3'" 1 
ATOM   630 O "O3'" . DG  D 2 2  ? 2.072   -12.155 -16.870 1.00 25.64 ? 2    DG  D "O3'" 1 
ATOM   631 C "C2'" . DG  D 2 2  ? 3.604   -10.574 -15.880 1.00 24.35 ? 2    DG  D "C2'" 1 
ATOM   632 C "C1'" . DG  D 2 2  ? 4.245   -9.506  -16.593 1.00 22.63 ? 2    DG  D "C1'" 1 
ATOM   633 N N9    . DG  D 2 2  ? 3.994   -8.283  -15.883 1.00 20.46 ? 2    DG  D N9    1 
ATOM   634 C C8    . DG  D 2 2  ? 3.033   -7.305  -15.973 1.00 23.38 ? 2    DG  D C8    1 
ATOM   635 N N7    . DG  D 2 2  ? 3.297   -6.205  -15.324 1.00 22.75 ? 2    DG  D N7    1 
ATOM   636 C C5    . DG  D 2 2  ? 4.543   -6.539  -14.768 1.00 21.57 ? 2    DG  D C5    1 
ATOM   637 C C6    . DG  D 2 2  ? 5.380   -5.802  -13.924 1.00 21.15 ? 2    DG  D C6    1 
ATOM   638 O O6    . DG  D 2 2  ? 5.214   -4.673  -13.486 1.00 22.87 ? 2    DG  D O6    1 
ATOM   639 N N1    . DG  D 2 2  ? 6.463   -6.544  -13.557 1.00 20.46 ? 2    DG  D N1    1 
ATOM   640 C C2    . DG  D 2 2  ? 6.712   -7.813  -13.941 1.00 20.46 ? 2    DG  D C2    1 
ATOM   641 N N2    . DG  D 2 2  ? 7.747   -8.432  -13.406 1.00 21.32 ? 2    DG  D N2    1 
ATOM   642 N N3    . DG  D 2 2  ? 5.956   -8.487  -14.738 1.00 20.46 ? 2    DG  D N3    1 
ATOM   643 C C4    . DG  D 2 2  ? 4.911   -7.797  -15.103 1.00 20.46 ? 2    DG  D C4    1 
ATOM   644 P P     . DA  D 2 3  ? 1.010   -12.884 -16.082 1.00 28.57 ? 3    DA  D P     1 
ATOM   645 O OP1   . DA  D 2 3  ? 0.647   -14.081 -16.870 1.00 33.63 ? 3    DA  D OP1   1 
ATOM   646 O OP2   . DA  D 2 3  ? -0.003  -12.008 -15.437 1.00 30.21 ? 3    DA  D OP2   1 
ATOM   647 O "O5'" . DA  D 2 3  ? 1.984   -13.273 -15.005 1.00 29.37 ? 3    DA  D "O5'" 1 
ATOM   648 C "C5'" . DA  D 2 3  ? 3.145   -14.006 -15.247 1.00 24.55 ? 3    DA  D "C5'" 1 
ATOM   649 C "C4'" . DA  D 2 3  ? 4.011   -13.732 -14.076 1.00 23.21 ? 3    DA  D "C4'" 1 
ATOM   650 O "O4'" . DA  D 2 3  ? 4.313   -12.365 -13.885 1.00 24.30 ? 3    DA  D "O4'" 1 
ATOM   651 C "C3'" . DA  D 2 3  ? 3.257   -14.126 -12.888 1.00 22.36 ? 3    DA  D "C3'" 1 
ATOM   652 O "O3'" . DA  D 2 3  ? 4.240   -14.858 -12.266 1.00 23.47 ? 3    DA  D "O3'" 1 
ATOM   653 C "C2'" . DA  D 2 3  ? 2.835   -12.853 -12.235 1.00 22.81 ? 3    DA  D "C2'" 1 
ATOM   654 C "C1'" . DA  D 2 3  ? 3.949   -11.897 -12.570 1.00 22.22 ? 3    DA  D "C1'" 1 
ATOM   655 N N9    . DA  D 2 3  ? 3.462   -10.491 -12.599 1.00 20.46 ? 3    DA  D N9    1 
ATOM   656 C C8    . DA  D 2 3  ? 2.318   -9.923  -13.128 1.00 21.53 ? 3    DA  D C8    1 
ATOM   657 N N7    . DA  D 2 3  ? 2.155   -8.635  -12.892 1.00 21.06 ? 3    DA  D N7    1 
ATOM   658 C C5    . DA  D 2 3  ? 3.283   -8.348  -12.155 1.00 20.46 ? 3    DA  D C5    1 
ATOM   659 C C6    . DA  D 2 3  ? 3.722   -7.169  -11.597 1.00 21.43 ? 3    DA  D C6    1 
ATOM   660 N N6    . DA  D 2 3  ? 3.083   -6.026  -11.796 1.00 21.45 ? 3    DA  D N6    1 
ATOM   661 N N1    . DA  D 2 3  ? 4.869   -7.192  -10.917 1.00 21.74 ? 3    DA  D N1    1 
ATOM   662 C C2    . DA  D 2 3  ? 5.504   -8.342  -10.846 1.00 21.93 ? 3    DA  D C2    1 
ATOM   663 N N3    . DA  D 2 3  ? 5.199   -9.529  -11.340 1.00 20.46 ? 3    DA  D N3    1 
ATOM   664 C C4    . DA  D 2 3  ? 4.063   -9.453  -11.984 1.00 20.46 ? 3    DA  D C4    1 
ATOM   665 P P     . DA  D 2 4  ? 3.838   -15.643 -11.070 1.00 23.46 ? 4    DA  D P     1 
ATOM   666 O OP1   . DA  D 2 4  ? 4.823   -16.736 -11.008 1.00 27.98 ? 4    DA  D OP1   1 
ATOM   667 O OP2   . DA  D 2 4  ? 2.363   -15.921 -11.094 1.00 22.82 ? 4    DA  D OP2   1 
ATOM   668 O "O5'" . DA  D 2 4  ? 4.147   -14.467 -10.099 1.00 20.46 ? 4    DA  D "O5'" 1 
ATOM   669 C "C5'" . DA  D 2 4  ? 5.441   -14.087 -9.827  1.00 23.49 ? 4    DA  D "C5'" 1 
ATOM   670 C "C4'" . DA  D 2 4  ? 5.485   -12.870 -8.962  1.00 22.16 ? 4    DA  D "C4'" 1 
ATOM   671 O "O4'" . DA  D 2 4  ? 4.728   -11.830 -9.528  1.00 23.59 ? 4    DA  D "O4'" 1 
ATOM   672 C "C3'" . DA  D 2 4  ? 4.744   -13.175 -7.731  1.00 22.43 ? 4    DA  D "C3'" 1 
ATOM   673 O "O3'" . DA  D 2 4  ? 5.652   -13.023 -6.776  1.00 22.61 ? 4    DA  D "O3'" 1 
ATOM   674 C "C2'" . DA  D 2 4  ? 3.599   -12.247 -7.580  1.00 21.56 ? 4    DA  D "C2'" 1 
ATOM   675 C "C1'" . DA  D 2 4  ? 4.121   -11.180 -8.403  1.00 20.46 ? 4    DA  D "C1'" 1 
ATOM   676 N N9    . DA  D 2 4  ? 3.015   -10.476 -8.829  1.00 20.46 ? 4    DA  D N9    1 
ATOM   677 C C8    . DA  D 2 4  ? 1.900   -10.924 -9.494  1.00 20.46 ? 4    DA  D C8    1 
ATOM   678 N N7    . DA  D 2 4  ? 1.112   -9.949  -9.850  1.00 23.75 ? 4    DA  D N7    1 
ATOM   679 C C5    . DA  D 2 4  ? 1.789   -8.824  -9.359  1.00 20.46 ? 4    DA  D C5    1 
ATOM   680 C C6    . DA  D 2 4  ? 1.495   -7.514  -9.363  1.00 20.46 ? 4    DA  D C6    1 
ATOM   681 N N6    . DA  D 2 4  ? 0.407   -7.042  -9.925  1.00 25.99 ? 4    DA  D N6    1 
ATOM   682 N N1    . DA  D 2 4  ? 2.350   -6.716  -8.755  1.00 20.46 ? 4    DA  D N1    1 
ATOM   683 C C2    . DA  D 2 4  ? 3.431   -7.171  -8.176  1.00 20.46 ? 4    DA  D C2    1 
ATOM   684 N N3    . DA  D 2 4  ? 3.836   -8.392  -8.107  1.00 20.46 ? 4    DA  D N3    1 
ATOM   685 C C4    . DA  D 2 4  ? 2.943   -9.162  -8.733  1.00 20.46 ? 4    DA  D C4    1 
ATOM   686 P P     . DT  D 2 5  ? 5.116   -13.237 -5.360  1.00 22.81 ? 5    DT  D P     1 
ATOM   687 O OP1   . DT  D 2 5  ? 6.409   -13.473 -4.685  1.00 25.75 ? 5    DT  D OP1   1 
ATOM   688 O OP2   . DT  D 2 5  ? 4.039   -14.251 -5.369  1.00 24.31 ? 5    DT  D OP2   1 
ATOM   689 O "O5'" . DT  D 2 5  ? 4.474   -11.887 -4.785  1.00 21.57 ? 5    DT  D "O5'" 1 
ATOM   690 C "C5'" . DT  D 2 5  ? 5.228   -10.656 -4.717  1.00 22.13 ? 5    DT  D "C5'" 1 
ATOM   691 C "C4'" . DT  D 2 5  ? 4.397   -9.527  -4.136  1.00 22.81 ? 5    DT  D "C4'" 1 
ATOM   692 O "O4'" . DT  D 2 5  ? 3.260   -9.207  -4.930  1.00 22.41 ? 5    DT  D "O4'" 1 
ATOM   693 C "C3'" . DT  D 2 5  ? 3.899   -9.963  -2.779  1.00 23.92 ? 5    DT  D "C3'" 1 
ATOM   694 O "O3'" . DT  D 2 5  ? 4.387   -8.956  -1.914  1.00 25.43 ? 5    DT  D "O3'" 1 
ATOM   695 C "C2'" . DT  D 2 5  ? 2.383   -9.890  -2.978  1.00 24.35 ? 5    DT  D "C2'" 1 
ATOM   696 C "C1'" . DT  D 2 5  ? 2.303   -8.762  -3.956  1.00 21.72 ? 5    DT  D "C1'" 1 
ATOM   697 N N1    . DT  D 2 5  ? 1.205   -8.659  -4.869  1.00 22.07 ? 5    DT  D N1    1 
ATOM   698 C C2    . DT  D 2 5  ? 1.371   -7.545  -5.620  1.00 22.83 ? 5    DT  D C2    1 
ATOM   699 O O2    . DT  D 2 5  ? 2.306   -6.795  -5.423  1.00 23.85 ? 5    DT  D O2    1 
ATOM   700 N N3    . DT  D 2 5  ? 0.463   -7.296  -6.540  1.00 22.74 ? 5    DT  D N3    1 
ATOM   701 C C4    . DT  D 2 5  ? -0.593  -8.059  -6.831  1.00 23.17 ? 5    DT  D C4    1 
ATOM   702 O O4    . DT  D 2 5  ? -1.330  -7.694  -7.727  1.00 27.35 ? 5    DT  D O4    1 
ATOM   703 C C5    . DT  D 2 5  ? -0.758  -9.258  -6.017  1.00 23.86 ? 5    DT  D C5    1 
ATOM   704 C C7    . DT  D 2 5  ? -0.939  -10.309 -7.407  1.00 20.46 ? 5    DT  D C7    1 
ATOM   705 C C6    . DT  D 2 5  ? 0.148   -9.519  -5.038  1.00 25.05 ? 5    DT  D C6    1 
ATOM   706 P P     . DT  D 2 6  ? 4.115   -8.934  -0.374  1.00 32.83 ? 6    DT  D P     1 
ATOM   707 O OP1   . DT  D 2 6  ? 5.077   -8.011  0.285   1.00 30.61 ? 6    DT  D OP1   1 
ATOM   708 O OP2   . DT  D 2 6  ? 4.027   -10.395 -0.006  1.00 32.46 ? 6    DT  D OP2   1 
ATOM   709 O "O5'" . DT  D 2 6  ? 2.712   -8.305  -0.363  1.00 23.59 ? 6    DT  D "O5'" 1 
ATOM   710 C "C5'" . DT  D 2 6  ? 2.619   -6.939  -0.676  1.00 24.95 ? 6    DT  D "C5'" 1 
ATOM   711 C "C4'" . DT  D 2 6  ? 1.210   -6.665  -1.099  1.00 23.05 ? 6    DT  D "C4'" 1 
ATOM   712 O "O4'" . DT  D 2 6  ? 0.951   -7.184  -2.389  1.00 27.25 ? 6    DT  D "O4'" 1 
ATOM   713 C "C3'" . DT  D 2 6  ? 0.309   -7.364  -0.101  1.00 23.12 ? 6    DT  D "C3'" 1 
ATOM   714 O "O3'" . DT  D 2 6  ? -0.607  -6.457  0.409   1.00 27.27 ? 6    DT  D "O3'" 1 
ATOM   715 C "C2'" . DT  D 2 6  ? -0.411  -8.310  -0.989  1.00 21.85 ? 6    DT  D "C2'" 1 
ATOM   716 C "C1'" . DT  D 2 6  ? -0.367  -7.484  -2.215  1.00 20.54 ? 6    DT  D "C1'" 1 
ATOM   717 N N1    . DT  D 2 6  ? -1.081  -8.106  -3.321  1.00 23.51 ? 6    DT  D N1    1 
ATOM   718 C C2    . DT  D 2 6  ? -2.054  -7.275  -3.723  1.00 23.19 ? 6    DT  D C2    1 
ATOM   719 O O2    . DT  D 2 6  ? -2.210  -6.195  -3.222  1.00 25.14 ? 6    DT  D O2    1 
ATOM   720 N N3    . DT  D 2 6  ? -2.846  -7.660  -4.720  1.00 23.27 ? 6    DT  D N3    1 
ATOM   721 C C4    . DT  D 2 6  ? -2.760  -8.837  -5.369  1.00 26.33 ? 6    DT  D C4    1 
ATOM   722 O O4    . DT  D 2 6  ? -3.581  -9.024  -6.252  1.00 31.13 ? 6    DT  D O4    1 
ATOM   723 C C5    . DT  D 2 6  ? -1.697  -9.709  -4.909  1.00 25.47 ? 6    DT  D C5    1 
ATOM   724 C C7    . DT  D 2 6  ? -2.113  -11.199 -5.176  1.00 28.33 ? 6    DT  D C7    1 
ATOM   725 C C6    . DT  D 2 6  ? -0.911  -9.347  -3.944  1.00 25.23 ? 6    DT  D C6    1 
ATOM   726 P P     . DA  D 2 7  ? -0.515  -6.527  1.963   1.00 25.84 ? 7    DA  D P     1 
ATOM   727 O OP1   . DA  D 2 7  ? 0.820   -6.183  2.444   1.00 27.45 ? 7    DA  D OP1   1 
ATOM   728 O OP2   . DA  D 2 7  ? -1.101  -7.822  2.278   1.00 29.61 ? 7    DA  D OP2   1 
ATOM   729 O "O5'" . DA  D 2 7  ? -1.520  -5.333  2.182   1.00 27.58 ? 7    DA  D "O5'" 1 
ATOM   730 C "C5'" . DA  D 2 7  ? -1.051  -4.032  1.795   1.00 26.98 ? 7    DA  D "C5'" 1 
ATOM   731 C "C4'" . DA  D 2 7  ? -2.128  -3.149  1.143   1.00 27.91 ? 7    DA  D "C4'" 1 
ATOM   732 O "O4'" . DA  D 2 7  ? -2.529  -3.651  -0.171  1.00 26.91 ? 7    DA  D "O4'" 1 
ATOM   733 C "C3'" . DA  D 2 7  ? -3.370  -3.181  2.038   1.00 29.55 ? 7    DA  D "C3'" 1 
ATOM   734 O "O3'" . DA  D 2 7  ? -4.108  -1.952  1.986   1.00 31.92 ? 7    DA  D "O3'" 1 
ATOM   735 C "C2'" . DA  D 2 7  ? -4.222  -4.237  1.347   1.00 28.78 ? 7    DA  D "C2'" 1 
ATOM   736 C "C1'" . DA  D 2 7  ? -3.960  -3.977  -0.120  1.00 25.17 ? 7    DA  D "C1'" 1 
ATOM   737 N N9    . DA  D 2 7  ? -4.313  -5.220  -0.800  1.00 21.11 ? 7    DA  D N9    1 
ATOM   738 C C8    . DA  D 2 7  ? -3.861  -6.504  -0.619  1.00 20.46 ? 7    DA  D C8    1 
ATOM   739 N N7    . DA  D 2 7  ? -4.355  -7.368  -1.458  1.00 20.46 ? 7    DA  D N7    1 
ATOM   740 C C5    . DA  D 2 7  ? -5.185  -6.585  -2.212  1.00 20.46 ? 7    DA  D C5    1 
ATOM   741 C C6    . DA  D 2 7  ? -6.028  -6.890  -3.234  1.00 20.46 ? 7    DA  D C6    1 
ATOM   742 N N6    . DA  D 2 7  ? -6.058  -8.127  -3.713  1.00 21.10 ? 7    DA  D N6    1 
ATOM   743 N N1    . DA  D 2 7  ? -6.753  -5.888  -3.746  1.00 20.46 ? 7    DA  D N1    1 
ATOM   744 C C2    . DA  D 2 7  ? -6.629  -4.677  -3.286  1.00 20.46 ? 7    DA  D C2    1 
ATOM   745 N N3    . DA  D 2 7  ? -5.862  -4.257  -2.329  1.00 20.46 ? 7    DA  D N3    1 
ATOM   746 C C4    . DA  D 2 7  ? -5.162  -5.286  -1.826  1.00 20.46 ? 7    DA  D C4    1 
ATOM   747 P P     . DA  D 2 8  ? -4.936  -1.323  3.254   1.00 32.06 ? 8    DA  D P     1 
ATOM   748 O OP1   . DA  D 2 8  ? -3.970  -0.421  3.961   1.00 28.29 ? 8    DA  D OP1   1 
ATOM   749 O OP2   . DA  D 2 8  ? -5.625  -2.497  3.927   1.00 30.12 ? 8    DA  D OP2   1 
ATOM   750 O "O5'" . DA  D 2 8  ? -5.960  -0.390  2.508   1.00 27.18 ? 8    DA  D "O5'" 1 
ATOM   751 C "C5'" . DA  D 2 8  ? -6.343  -0.775  1.219   1.00 25.14 ? 8    DA  D "C5'" 1 
ATOM   752 C "C4'" . DA  D 2 8  ? -7.666  -0.157  0.898   1.00 26.05 ? 8    DA  D "C4'" 1 
ATOM   753 O "O4'" . DA  D 2 8  ? -8.298  -1.053  0.036   1.00 26.47 ? 8    DA  D "O4'" 1 
ATOM   754 C "C3'" . DA  D 2 8  ? -8.647  -0.133  2.049   1.00 25.89 ? 8    DA  D "C3'" 1 
ATOM   755 O "O3'" . DA  D 2 8  ? -9.811  0.464   1.582   1.00 25.95 ? 8    DA  D "O3'" 1 
ATOM   756 C "C2'" . DA  D 2 8  ? -8.855  -1.602  2.240   1.00 25.35 ? 8    DA  D "C2'" 1 
ATOM   757 C "C1'" . DA  D 2 8  ? -9.045  -1.955  0.825   1.00 23.74 ? 8    DA  D "C1'" 1 
ATOM   758 N N9    . DA  D 2 8  ? -8.625  -3.286  0.563   1.00 20.71 ? 8    DA  D N9    1 
ATOM   759 C C8    . DA  D 2 8  ? -7.772  -4.061  1.231   1.00 22.88 ? 8    DA  D C8    1 
ATOM   760 N N7    . DA  D 2 8  ? -7.651  -5.250  0.714   1.00 23.97 ? 8    DA  D N7    1 
ATOM   761 C C5    . DA  D 2 8  ? -8.491  -5.240  -0.377  1.00 20.46 ? 8    DA  D C5    1 
ATOM   762 C C6    . DA  D 2 8  ? -8.796  -6.173  -1.321  1.00 20.46 ? 8    DA  D C6    1 
ATOM   763 N N6    . DA  D 2 8  ? -8.299  -7.397  -1.254  1.00 22.22 ? 8    DA  D N6    1 
ATOM   764 N N1    . DA  D 2 8  ? -9.645  -5.838  -2.273  1.00 20.57 ? 8    DA  D N1    1 
ATOM   765 C C2    . DA  D 2 8  ? -10.163 -4.651  -2.270  1.00 20.46 ? 8    DA  D C2    1 
ATOM   766 N N3    . DA  D 2 8  ? -9.963  -3.657  -1.419  1.00 22.46 ? 8    DA  D N3    1 
ATOM   767 C C4    . DA  D 2 8  ? -9.090  -4.041  -0.479  1.00 21.45 ? 8    DA  D C4    1 
ATOM   768 P P     . DG  D 2 9  ? -10.857 1.218   2.497   1.00 30.24 ? 9    DG  D P     1 
ATOM   769 O OP1   . DG  D 2 9  ? -10.580 2.665   2.369   1.00 29.93 ? 9    DG  D OP1   1 
ATOM   770 O OP2   . DG  D 2 9  ? -10.908 0.560   3.807   1.00 28.82 ? 9    DG  D OP2   1 
ATOM   771 O "O5'" . DG  D 2 9  ? -12.237 0.967   1.723   1.00 27.34 ? 9    DG  D "O5'" 1 
ATOM   772 C "C5'" . DG  D 2 9  ? -12.238 -0.320  1.155   1.00 24.73 ? 9    DG  D "C5'" 1 
ATOM   773 C "C4'" . DG  D 2 9  ? -13.490 -0.817  0.630   1.00 22.49 ? 9    DG  D "C4'" 1 
ATOM   774 O "O4'" . DG  D 2 9  ? -13.171 -2.006  -0.060  1.00 21.43 ? 9    DG  D "O4'" 1 
ATOM   775 C "C3'" . DG  D 2 9  ? -14.415 -1.145  1.704   1.00 21.84 ? 9    DG  D "C3'" 1 
ATOM   776 O "O3'" . DG  D 2 9  ? -15.692 -1.339  1.167   1.00 25.58 ? 9    DG  D "O3'" 1 
ATOM   777 C "C2'" . DG  D 2 9  ? -13.852 -2.451  2.079   1.00 23.02 ? 9    DG  D "C2'" 1 
ATOM   778 C "C1'" . DG  D 2 9  ? -13.496 -3.088  0.776   1.00 21.10 ? 9    DG  D "C1'" 1 
ATOM   779 N N9    . DG  D 2 9  ? -12.399 -4.085  1.030   1.00 20.91 ? 9    DG  D N9    1 
ATOM   780 C C8    . DG  D 2 9  ? -11.487 -4.117  2.059   1.00 21.87 ? 9    DG  D C8    1 
ATOM   781 N N7    . DG  D 2 9  ? -10.799 -5.226  2.161   1.00 21.68 ? 9    DG  D N7    1 
ATOM   782 C C5    . DG  D 2 9  ? -11.284 -5.983  1.114   1.00 21.36 ? 9    DG  D C5    1 
ATOM   783 C C6    . DG  D 2 9  ? -10.932 -7.265  0.757   1.00 24.50 ? 9    DG  D C6    1 
ATOM   784 O O6    . DG  D 2 9  ? -10.070 -7.978  1.280   1.00 32.79 ? 9    DG  D O6    1 
ATOM   785 N N1    . DG  D 2 9  ? -11.657 -7.702  -0.323  1.00 23.85 ? 9    DG  D N1    1 
ATOM   786 C C2    . DG  D 2 9  ? -12.594 -7.006  -0.984  1.00 20.46 ? 9    DG  D C2    1 
ATOM   787 N N2    . DG  D 2 9  ? -13.126 -7.626  -1.984  1.00 20.46 ? 9    DG  D N2    1 
ATOM   788 N N3    . DG  D 2 9  ? -12.931 -5.799  -0.658  1.00 20.46 ? 9    DG  D N3    1 
ATOM   789 C C4    . DG  D 2 9  ? -12.242 -5.331  0.405   1.00 20.46 ? 9    DG  D C4    1 
ATOM   790 P P     . DC  D 2 10 ? -17.031 -0.840  1.872   1.00 28.58 ? 10   DC  D P     1 
ATOM   791 O OP1   . DC  D 2 10 ? -17.880 -0.176  0.865   1.00 31.72 ? 10   DC  D OP1   1 
ATOM   792 O OP2   . DC  D 2 10 ? -16.684 -0.106  3.143   1.00 27.55 ? 10   DC  D OP2   1 
ATOM   793 O "O5'" . DC  D 2 10 ? -17.653 -2.288  2.144   1.00 25.17 ? 10   DC  D "O5'" 1 
ATOM   794 C "C5'" . DC  D 2 10 ? -18.721 -2.900  1.468   1.00 26.22 ? 10   DC  D "C5'" 1 
ATOM   795 C "C4'" . DC  D 2 10 ? -18.277 -3.930  0.520   1.00 24.88 ? 10   DC  D "C4'" 1 
ATOM   796 O "O4'" . DC  D 2 10 ? -17.097 -4.412  1.045   1.00 26.77 ? 10   DC  D "O4'" 1 
ATOM   797 C "C3'" . DC  D 2 10 ? -18.988 -5.214  0.584   1.00 25.31 ? 10   DC  D "C3'" 1 
ATOM   798 O "O3'" . DC  D 2 10 ? -20.192 -5.160  -0.158  1.00 30.19 ? 10   DC  D "O3'" 1 
ATOM   799 C "C2'" . DC  D 2 10 ? -18.036 -6.172  -0.070  1.00 24.83 ? 10   DC  D "C2'" 1 
ATOM   800 C "C1'" . DC  D 2 10 ? -16.691 -5.475  0.184   1.00 24.48 ? 10   DC  D "C1'" 1 
ATOM   801 N N1    . DC  D 2 10 ? -15.667 -6.180  0.983   1.00 21.89 ? 10   DC  D N1    1 
ATOM   802 C C2    . DC  D 2 10 ? -15.303 -7.444  0.610   1.00 22.69 ? 10   DC  D C2    1 
ATOM   803 O O2    . DC  D 2 10 ? -15.890 -8.050  -0.277  1.00 24.62 ? 10   DC  D O2    1 
ATOM   804 N N3    . DC  D 2 10 ? -14.333 -8.083  1.313   1.00 24.37 ? 10   DC  D N3    1 
ATOM   805 C C4    . DC  D 2 10 ? -13.763 -7.482  2.363   1.00 26.19 ? 10   DC  D C4    1 
ATOM   806 N N4    . DC  D 2 10 ? -12.804 -8.137  3.013   1.00 27.22 ? 10   DC  D N4    1 
ATOM   807 C C5    . DC  D 2 10 ? -14.156 -6.159  2.776   1.00 24.31 ? 10   DC  D C5    1 
ATOM   808 C C6    . DC  D 2 10 ? -15.106 -5.571  2.038   1.00 20.46 ? 10   DC  D C6    1 
HETATM 809 O O     . HOH E 3 .  ? 5.537   8.799   4.899   1.00 29.60 ? 124  HOH A O     1 
HETATM 810 O O     . HOH E 3 .  ? 2.483   19.392  11.045  1.00 24.82 ? 129  HOH A O     1 
HETATM 811 O O     . HOH E 3 .  ? -7.812  14.184  0.656   1.00 24.73 ? 222  HOH A O     1 
HETATM 812 O O     . HOH E 3 .  ? 0.156   11.434  11.409  1.00 35.18 ? 311  HOH A O     1 
HETATM 813 O O     . HOH E 3 .  ? 11.646  6.675   15.135  1.00 31.77 ? 416  HOH A O     1 
HETATM 814 O O     . HOH E 3 .  ? 10.800  -6.563  17.965  1.00 39.10 ? 537  HOH A O     1 
HETATM 815 O O     . HOH E 3 .  ? 15.343  -7.428  11.140  1.00 30.25 ? 540  HOH A O     1 
HETATM 816 O O     . HOH E 3 .  ? -4.501  5.062   2.089   1.00 38.06 ? 730  HOH A O     1 
HETATM 817 O O     . HOH E 3 .  ? 6.727   10.539  6.694   1.00 40.54 ? 732  HOH A O     1 
HETATM 818 O O     . HOH E 3 .  ? 4.467   7.987   21.183  1.00 36.75 ? 929  HOH A O     1 
HETATM 819 O O     . HOH E 3 .  ? -6.545  2.431   4.860   1.00 33.74 ? 956  HOH A O     1 
HETATM 820 O O     . HOH E 3 .  ? -7.798  4.471   3.540   1.00 29.09 ? 960  HOH A O     1 
HETATM 821 O O     . HOH E 3 .  ? -9.861  3.494   5.755   1.00 41.66 ? 1035 HOH A O     1 
HETATM 822 O O     . HOH E 3 .  ? 2.022   23.387  7.566   1.00 36.18 ? 1159 HOH A O     1 
HETATM 823 O O     . HOH E 3 .  ? 15.161  -9.986  5.467   1.00 47.39 ? 1479 HOH A O     1 
HETATM 824 O O     . HOH E 3 .  ? 16.897  -8.165  7.097   1.00 39.56 ? 1574 HOH A O     1 
HETATM 825 O O     . HOH E 3 .  ? -3.494  5.491   -5.490  1.00 27.00 ? 1612 HOH A O     1 
HETATM 826 O O     . HOH E 3 .  ? 3.931   10.367  2.015   1.00 33.97 ? 1613 HOH A O     1 
HETATM 827 O O     . HOH F 3 .  ? -3.461  13.952  10.521  1.00 21.50 ? 227  HOH B O     1 
HETATM 828 O O     . HOH F 3 .  ? -10.448 7.346   7.734   1.00 25.95 ? 415  HOH B O     1 
HETATM 829 O O     . HOH F 3 .  ? -3.336  4.054   5.030   1.00 28.97 ? 925  HOH B O     1 
HETATM 830 O O     . HOH F 3 .  ? 2.254   4.924   0.785   1.00 24.99 ? 936  HOH B O     1 
HETATM 831 O O     . HOH F 3 .  ? -7.140  3.472   7.597   1.00 33.42 ? 1050 HOH B O     1 
HETATM 832 O O     . HOH F 3 .  ? -12.919 22.073  6.792   1.00 47.33 ? 1261 HOH B O     1 
HETATM 833 O O     . HOH F 3 .  ? 4.625   1.435   11.472  1.00 43.96 ? 1487 HOH B O     1 
HETATM 834 O O     . HOH F 3 .  ? -12.543 17.105  12.994  1.00 37.03 ? 1606 HOH B O     1 
HETATM 835 O O     . HOH F 3 .  ? -11.637 20.172  8.845   1.00 29.18 ? 1610 HOH B O     1 
HETATM 836 O O     . HOH F 3 .  ? 6.004   6.729   -2.529  1.00 30.61 ? 1664 HOH B O     1 
HETATM 837 O O     . HOH G 3 .  ? 5.938   -5.216  -4.890  1.00 20.46 ? 123  HOH C O     1 
HETATM 838 O O     . HOH G 3 .  ? -16.770 -6.512  -9.713  1.00 33.16 ? 203  HOH C O     1 
HETATM 839 O O     . HOH G 3 .  ? -11.221 -14.601 5.194   1.00 33.23 ? 210  HOH C O     1 
HETATM 840 O O     . HOH G 3 .  ? -8.635  -1.629  -3.886  1.00 27.56 ? 539  HOH C O     1 
HETATM 841 O O     . HOH G 3 .  ? 5.167   4.236   -3.236  1.00 26.71 ? 657  HOH C O     1 
HETATM 842 O O     . HOH G 3 .  ? 13.735  -1.974  -9.140  1.00 38.49 ? 754  HOH C O     1 
HETATM 843 O O     . HOH G 3 .  ? 18.799  -8.246  -9.203  1.00 44.56 ? 758  HOH C O     1 
HETATM 844 O O     . HOH G 3 .  ? -11.952 -0.959  -13.231 1.00 20.46 ? 931  HOH C O     1 
HETATM 845 O O     . HOH G 3 .  ? -1.536  2.810   -10.817 1.00 31.76 ? 945  HOH C O     1 
HETATM 846 O O     . HOH G 3 .  ? -8.026  -12.921 -8.226  1.00 37.46 ? 957  HOH C O     1 
HETATM 847 O O     . HOH G 3 .  ? -7.584  5.335   -10.441 1.00 41.71 ? 1475 HOH C O     1 
HETATM 848 O O     . HOH G 3 .  ? -12.697 -4.708  -12.948 1.00 34.31 ? 1490 HOH C O     1 
HETATM 849 O O     . HOH G 3 .  ? -3.810  -1.599  -3.672  1.00 22.63 ? 1501 HOH C O     1 
HETATM 850 O O     . HOH H 3 .  ? -4.325  -10.135 -1.057  1.00 27.85 ? 133  HOH D O     1 
HETATM 851 O O     . HOH H 3 .  ? -21.076 0.048   1.732   1.00 22.43 ? 141  HOH D O     1 
HETATM 852 O O     . HOH H 3 .  ? -1.435  -9.276  -11.069 1.00 35.14 ? 209  HOH D O     1 
HETATM 853 O O     . HOH H 3 .  ? -1.881  0.454   0.439   1.00 30.32 ? 316  HOH D O     1 
HETATM 854 O O     . HOH H 3 .  ? -3.380  -11.406 4.282   1.00 33.34 ? 527  HOH D O     1 
HETATM 855 O O     . HOH H 3 .  ? -6.032  -9.193  -12.590 1.00 37.40 ? 538  HOH D O     1 
HETATM 856 O O     . HOH H 3 .  ? -9.382  -5.763  4.547   1.00 25.36 ? 722  HOH D O     1 
HETATM 857 O O     . HOH H 3 .  ? -10.298 2.826   -0.432  1.00 31.06 ? 928  HOH D O     1 
HETATM 858 O O     . HOH H 3 .  ? -18.727 0.922   -1.580  1.00 37.95 ? 949  HOH D O     1 
HETATM 859 O O     . HOH H 3 .  ? 4.802   -19.859 -11.863 1.00 31.80 ? 951  HOH D O     1 
HETATM 860 O O     . HOH H 3 .  ? -3.896  -10.576 -8.979  1.00 41.32 ? 1253 HOH D O     1 
HETATM 861 O O     . HOH H 3 .  ? -11.508 -2.449  4.698   1.00 35.28 ? 1482 HOH D O     1 
HETATM 862 O O     . HOH H 3 .  ? -12.476 -1.773  7.579   1.00 31.46 ? 1567 HOH D O     1 
HETATM 863 O O     . HOH H 3 .  ? -2.303  -9.885  -13.504 1.00 32.95 ? 1607 HOH D O     1 
HETATM 864 O O     . HOH H 3 .  ? -9.539  0.371   -2.121  1.00 36.25 ? 1614 HOH D O     1 
# 
